data_5CBQ
#
_entry.id   5CBQ
#
_cell.length_a   113.460
_cell.length_b   181.470
_cell.length_c   271.730
_cell.angle_alpha   90.00
_cell.angle_beta   90.00
_cell.angle_gamma   90.00
#
_symmetry.space_group_name_H-M   'C 2 2 21'
#
loop_
_entity.id
_entity.type
_entity.pdbx_description
1 polymer Beta-ketothiolase
2 water water
#
_entity_poly.entity_id   1
_entity_poly.type   'polypeptide(L)'
_entity_poly.pdbx_seq_one_letter_code
;HHHHHHMSMRDAVICEPVRTPIGRYGGMFRSLTAVDLGVTALKGLLERTGIAADQVEDVILGHCYPNSEAPAIGRVVALD
AGLPITVPGMQVDRRCGSGLQAVIQACLQVRSGDHDLVVAGGAESMSNVAFYSTDMRWGGARTGVQIHDGLARGRTTAGG
KFHPVPGGMLETAENLRREYHISRTEQDELAVRSHQRAVAAQSEGVLAEEIIPVPVRTRDGEETISVDEHPRADTTVEAL
AKLKPVLLKQDPEATVTAGNSSGQNDAASMCIVTTPEKAAELGLKPLVRLVSWGSAGVAPDLMGIGPVPATEVALAKAGL
TLADIDLIELNEAFAAQALAVMREWKFGEADHERTNVRGSGISLGHPVGATGGRMLATLARELHRREARYGLETMCIGGG
QGLAAVFERVQEG
;
_entity_poly.pdbx_strand_id   A,B,C,D,E,F
#
# COMPACT_ATOMS: atom_id res chain seq x y z
N ARG A 10 26.40 -38.92 -38.79
CA ARG A 10 26.86 -39.46 -37.53
C ARG A 10 25.95 -39.11 -36.42
N ASP A 11 25.88 -39.97 -35.44
CA ASP A 11 25.04 -39.81 -34.28
C ASP A 11 25.56 -38.87 -33.25
N ALA A 12 24.64 -38.38 -32.45
CA ALA A 12 24.94 -37.55 -31.33
C ALA A 12 24.37 -38.26 -30.17
N VAL A 13 25.10 -38.42 -29.09
CA VAL A 13 24.57 -39.12 -27.95
C VAL A 13 24.72 -38.29 -26.69
N ILE A 14 23.86 -38.54 -25.73
CA ILE A 14 23.88 -37.85 -24.47
C ILE A 14 24.62 -38.66 -23.41
N CYS A 15 25.61 -38.04 -22.81
CA CYS A 15 26.41 -38.71 -21.80
C CYS A 15 26.36 -38.03 -20.47
N GLU A 16 26.15 -38.82 -19.44
CA GLU A 16 26.22 -38.38 -18.07
C GLU A 16 25.38 -37.16 -17.76
N PRO A 17 24.11 -37.22 -18.02
CA PRO A 17 23.25 -36.09 -17.73
C PRO A 17 23.07 -35.88 -16.26
N VAL A 18 23.28 -34.68 -15.79
CA VAL A 18 23.27 -34.42 -14.39
C VAL A 18 22.60 -33.13 -14.00
N ARG A 19 22.37 -32.96 -12.72
CA ARG A 19 21.85 -31.73 -12.23
C ARG A 19 22.16 -31.58 -10.80
N THR A 20 22.01 -30.36 -10.34
CA THR A 20 22.02 -30.02 -8.97
C THR A 20 20.69 -30.34 -8.38
N PRO A 21 20.57 -30.24 -7.08
CA PRO A 21 19.27 -30.32 -6.48
C PRO A 21 18.52 -29.10 -6.83
N ILE A 22 17.22 -29.15 -6.73
CA ILE A 22 16.42 -28.01 -7.08
C ILE A 22 15.91 -27.32 -5.84
N GLY A 23 16.31 -26.07 -5.73
CA GLY A 23 15.95 -25.18 -4.66
C GLY A 23 14.69 -24.38 -4.88
N ARG A 24 14.04 -24.05 -3.79
CA ARG A 24 12.88 -23.20 -3.75
C ARG A 24 13.26 -21.75 -3.79
N TYR A 25 12.38 -20.93 -4.30
CA TYR A 25 12.62 -19.52 -4.37
C TYR A 25 12.78 -19.04 -2.97
N GLY A 26 13.87 -18.38 -2.71
CA GLY A 26 14.21 -17.91 -1.39
C GLY A 26 14.82 -18.92 -0.43
N GLY A 27 14.98 -20.15 -0.84
CA GLY A 27 15.39 -21.22 0.03
C GLY A 27 16.85 -21.57 0.00
N MET A 28 17.16 -22.82 -0.26
CA MET A 28 18.41 -23.49 0.00
C MET A 28 19.55 -22.73 -0.61
N PHE A 29 19.37 -22.35 -1.85
CA PHE A 29 20.42 -21.80 -2.68
C PHE A 29 20.31 -20.32 -2.88
N ARG A 30 19.64 -19.63 -1.99
CA ARG A 30 19.41 -18.22 -2.15
C ARG A 30 20.69 -17.44 -2.18
N SER A 31 21.75 -17.98 -1.63
CA SER A 31 23.01 -17.29 -1.60
C SER A 31 23.85 -17.62 -2.81
N LEU A 32 23.31 -18.41 -3.71
CA LEU A 32 24.05 -18.85 -4.86
C LEU A 32 23.58 -18.18 -6.11
N THR A 33 24.51 -17.80 -6.96
CA THR A 33 24.20 -17.32 -8.31
C THR A 33 23.89 -18.41 -9.32
N ALA A 34 23.37 -18.05 -10.48
CA ALA A 34 23.14 -19.02 -11.52
C ALA A 34 24.46 -19.64 -11.96
N VAL A 35 25.47 -18.81 -12.01
CA VAL A 35 26.82 -19.18 -12.30
C VAL A 35 27.38 -20.14 -11.26
N ASP A 36 27.07 -19.91 -10.01
CA ASP A 36 27.54 -20.79 -8.98
C ASP A 36 26.98 -22.16 -9.16
N LEU A 37 25.71 -22.24 -9.45
CA LEU A 37 25.10 -23.50 -9.68
C LEU A 37 25.58 -24.22 -10.93
N GLY A 38 25.78 -23.49 -12.01
CA GLY A 38 26.28 -24.08 -13.21
C GLY A 38 27.66 -24.66 -13.06
N VAL A 39 28.50 -23.94 -12.38
CA VAL A 39 29.84 -24.34 -12.08
C VAL A 39 29.88 -25.59 -11.24
N THR A 40 29.04 -25.70 -10.24
CA THR A 40 28.97 -26.88 -9.46
C THR A 40 28.55 -28.08 -10.29
N ALA A 41 27.58 -27.89 -11.17
CA ALA A 41 27.19 -28.93 -12.09
C ALA A 41 28.19 -29.34 -13.15
N LEU A 42 28.82 -28.37 -13.77
CA LEU A 42 29.83 -28.63 -14.74
C LEU A 42 31.03 -29.32 -14.13
N LYS A 43 31.43 -28.90 -12.97
CA LYS A 43 32.47 -29.57 -12.27
C LYS A 43 32.09 -30.98 -11.90
N GLY A 44 30.89 -31.18 -11.46
CA GLY A 44 30.42 -32.50 -11.17
C GLY A 44 30.38 -33.39 -12.37
N LEU A 45 29.98 -32.85 -13.51
CA LEU A 45 29.96 -33.60 -14.72
C LEU A 45 31.35 -34.05 -15.14
N LEU A 46 32.30 -33.14 -15.12
CA LEU A 46 33.66 -33.44 -15.39
C LEU A 46 34.33 -34.36 -14.41
N GLU A 47 34.01 -34.25 -13.15
CA GLU A 47 34.56 -35.12 -12.15
C GLU A 47 34.12 -36.54 -12.34
N ARG A 48 32.86 -36.73 -12.63
CA ARG A 48 32.30 -38.03 -12.90
C ARG A 48 32.81 -38.73 -14.15
N THR A 49 32.90 -38.00 -15.23
CA THR A 49 33.43 -38.45 -16.50
C THR A 49 34.94 -38.73 -16.63
N GLY A 50 35.73 -37.95 -15.91
CA GLY A 50 37.15 -37.96 -16.05
C GLY A 50 37.66 -37.24 -17.28
N ILE A 51 36.81 -36.52 -17.93
CA ILE A 51 37.15 -35.88 -19.17
C ILE A 51 38.10 -34.72 -18.99
N ALA A 52 39.09 -34.61 -19.86
CA ALA A 52 39.97 -33.50 -19.82
C ALA A 52 39.24 -32.28 -20.26
N ALA A 53 39.51 -31.17 -19.63
CA ALA A 53 38.79 -29.96 -19.81
C ALA A 53 38.89 -29.45 -21.22
N ASP A 54 39.93 -29.81 -21.90
CA ASP A 54 40.17 -29.26 -23.20
C ASP A 54 39.52 -30.05 -24.30
N GLN A 55 38.85 -31.11 -23.93
CA GLN A 55 38.02 -31.83 -24.86
C GLN A 55 36.75 -31.07 -25.13
N VAL A 56 36.40 -30.12 -24.30
CA VAL A 56 35.13 -29.41 -24.41
C VAL A 56 35.17 -28.32 -25.44
N GLU A 57 34.36 -28.45 -26.47
CA GLU A 57 34.37 -27.49 -27.55
C GLU A 57 33.31 -26.40 -27.50
N ASP A 58 32.27 -26.56 -26.70
CA ASP A 58 31.35 -25.48 -26.48
C ASP A 58 30.61 -25.72 -25.22
N VAL A 59 30.21 -24.69 -24.54
CA VAL A 59 29.30 -24.82 -23.46
C VAL A 59 28.09 -23.99 -23.85
N ILE A 60 26.97 -24.65 -24.10
CA ILE A 60 25.73 -24.03 -24.49
C ILE A 60 24.73 -24.11 -23.35
N LEU A 61 24.34 -22.99 -22.80
CA LEU A 61 23.42 -22.98 -21.69
C LEU A 61 22.08 -22.28 -21.91
N GLY A 62 21.01 -22.97 -21.54
CA GLY A 62 19.68 -22.43 -21.44
C GLY A 62 19.59 -21.63 -20.18
N HIS A 63 19.29 -20.35 -20.31
CA HIS A 63 19.27 -19.40 -19.24
C HIS A 63 18.25 -18.31 -19.55
N CYS A 64 17.14 -18.27 -18.85
CA CYS A 64 16.04 -17.35 -19.14
C CYS A 64 16.01 -15.97 -18.49
N TYR A 65 16.85 -15.69 -17.52
CA TYR A 65 16.91 -14.38 -16.92
C TYR A 65 18.33 -13.89 -16.89
N PRO A 66 18.93 -13.75 -18.06
CA PRO A 66 20.24 -13.15 -18.15
C PRO A 66 20.33 -11.68 -17.82
N ASN A 67 21.46 -11.35 -17.25
CA ASN A 67 21.90 -10.00 -17.06
C ASN A 67 23.40 -9.94 -17.17
N SER A 68 23.97 -8.80 -16.84
CA SER A 68 25.35 -8.51 -17.07
C SER A 68 26.28 -8.99 -15.99
N GLU A 69 25.76 -9.65 -14.98
CA GLU A 69 26.55 -10.33 -14.02
C GLU A 69 27.28 -11.48 -14.65
N ALA A 70 26.64 -12.11 -15.62
CA ALA A 70 27.20 -13.13 -16.47
C ALA A 70 26.81 -13.06 -17.94
N PRO A 71 27.43 -12.25 -18.76
CA PRO A 71 27.07 -12.28 -20.19
C PRO A 71 27.45 -13.57 -20.90
N ALA A 72 26.70 -14.05 -21.86
CA ALA A 72 27.08 -15.26 -22.58
C ALA A 72 27.46 -16.45 -21.70
N ILE A 73 26.55 -16.86 -20.86
CA ILE A 73 26.78 -17.48 -19.60
C ILE A 73 27.50 -18.81 -19.68
N GLY A 74 27.45 -19.48 -20.80
CA GLY A 74 28.22 -20.66 -21.02
C GLY A 74 29.70 -20.42 -20.97
N ARG A 75 30.17 -19.34 -21.57
CA ARG A 75 31.53 -18.96 -21.45
C ARG A 75 31.96 -18.64 -20.03
N VAL A 76 31.18 -17.87 -19.30
CA VAL A 76 31.49 -17.56 -17.91
C VAL A 76 31.51 -18.78 -17.02
N VAL A 77 30.54 -19.65 -17.16
CA VAL A 77 30.45 -20.84 -16.40
C VAL A 77 31.65 -21.73 -16.69
N ALA A 78 32.08 -21.81 -17.93
CA ALA A 78 33.30 -22.54 -18.23
C ALA A 78 34.57 -21.99 -17.62
N LEU A 79 34.77 -20.69 -17.70
CA LEU A 79 35.92 -20.09 -17.11
C LEU A 79 35.98 -20.17 -15.61
N ASP A 80 34.85 -19.92 -15.00
CA ASP A 80 34.66 -20.03 -13.59
C ASP A 80 34.75 -21.43 -13.06
N ALA A 81 34.48 -22.43 -13.87
CA ALA A 81 34.68 -23.80 -13.51
C ALA A 81 36.15 -24.27 -13.66
N GLY A 82 36.99 -23.38 -14.11
CA GLY A 82 38.37 -23.71 -14.30
C GLY A 82 38.77 -24.33 -15.60
N LEU A 83 37.90 -24.27 -16.59
CA LEU A 83 38.22 -24.73 -17.89
C LEU A 83 39.14 -23.76 -18.53
N PRO A 84 39.90 -24.19 -19.49
CA PRO A 84 40.88 -23.36 -20.14
C PRO A 84 40.26 -22.27 -20.99
N ILE A 85 41.00 -21.24 -21.27
CA ILE A 85 40.47 -20.05 -21.88
C ILE A 85 40.15 -20.33 -23.34
N THR A 86 40.48 -21.51 -23.79
CA THR A 86 40.30 -21.87 -25.16
C THR A 86 38.93 -22.41 -25.41
N VAL A 87 38.11 -22.44 -24.37
CA VAL A 87 36.79 -23.00 -24.45
C VAL A 87 35.69 -21.97 -24.67
N PRO A 88 35.00 -22.02 -25.79
CA PRO A 88 33.88 -21.13 -26.08
C PRO A 88 32.57 -21.43 -25.30
N GLY A 89 31.71 -20.45 -25.18
CA GLY A 89 30.43 -20.63 -24.53
C GLY A 89 29.39 -19.63 -24.88
N MET A 90 28.14 -19.99 -24.67
CA MET A 90 27.00 -19.17 -25.10
C MET A 90 25.70 -19.32 -24.30
N GLN A 91 24.73 -18.45 -24.54
CA GLN A 91 23.44 -18.49 -23.88
C GLN A 91 22.29 -18.56 -24.85
N VAL A 92 21.33 -19.40 -24.57
CA VAL A 92 20.11 -19.46 -25.35
C VAL A 92 18.83 -19.37 -24.55
N ASP A 93 17.84 -18.71 -25.12
CA ASP A 93 16.52 -18.57 -24.53
C ASP A 93 15.35 -18.92 -25.46
N ARG A 94 14.69 -19.99 -25.11
CA ARG A 94 13.40 -20.35 -25.57
C ARG A 94 12.49 -20.65 -24.40
N ARG A 95 12.54 -19.80 -23.38
CA ARG A 95 11.72 -19.88 -22.19
C ARG A 95 11.81 -21.24 -21.55
N CYS A 96 10.69 -21.85 -21.33
CA CYS A 96 10.61 -23.04 -20.54
C CYS A 96 11.31 -24.19 -21.31
N GLY A 97 11.50 -23.97 -22.59
CA GLY A 97 12.14 -24.91 -23.47
C GLY A 97 13.63 -24.81 -23.70
N SER A 98 14.28 -23.86 -23.06
CA SER A 98 15.65 -23.51 -23.24
C SER A 98 16.67 -24.59 -22.98
N GLY A 99 16.49 -25.37 -21.93
CA GLY A 99 17.38 -26.45 -21.67
C GLY A 99 17.42 -27.51 -22.73
N LEU A 100 16.27 -27.87 -23.28
CA LEU A 100 16.16 -28.77 -24.40
C LEU A 100 16.74 -28.21 -25.65
N GLN A 101 16.58 -26.93 -25.83
CA GLN A 101 17.06 -26.23 -26.97
C GLN A 101 18.58 -26.25 -27.09
N ALA A 102 19.23 -26.08 -25.97
CA ALA A 102 20.65 -26.16 -25.87
C ALA A 102 21.14 -27.56 -26.24
N VAL A 103 20.43 -28.56 -25.80
CA VAL A 103 20.70 -29.91 -26.18
C VAL A 103 20.56 -30.13 -27.67
N ILE A 104 19.50 -29.66 -28.29
CA ILE A 104 19.33 -29.76 -29.70
C ILE A 104 20.38 -29.01 -30.49
N GLN A 105 20.77 -27.82 -30.08
CA GLN A 105 21.81 -27.11 -30.78
C GLN A 105 23.08 -27.89 -30.68
N ALA A 106 23.36 -28.44 -29.54
CA ALA A 106 24.57 -29.16 -29.30
C ALA A 106 24.66 -30.35 -30.18
N CYS A 107 23.56 -31.06 -30.31
CA CYS A 107 23.37 -32.19 -31.18
C CYS A 107 23.54 -31.89 -32.64
N LEU A 108 23.00 -30.80 -33.11
CA LEU A 108 23.27 -30.39 -34.44
C LEU A 108 24.72 -30.04 -34.74
N GLN A 109 25.40 -29.28 -33.89
CA GLN A 109 26.82 -28.99 -34.06
C GLN A 109 27.77 -30.19 -33.98
N VAL A 110 27.42 -31.15 -33.16
CA VAL A 110 27.98 -32.47 -33.22
C VAL A 110 27.64 -33.27 -34.48
N ARG A 111 26.39 -33.34 -34.89
CA ARG A 111 25.98 -34.11 -36.05
C ARG A 111 26.51 -33.69 -37.39
N SER A 112 26.70 -32.41 -37.55
CA SER A 112 27.23 -31.83 -38.76
C SER A 112 28.68 -32.16 -38.98
N GLY A 113 29.30 -32.66 -37.94
CA GLY A 113 30.71 -32.86 -37.87
C GLY A 113 31.57 -31.70 -37.45
N ASP A 114 30.98 -30.60 -37.08
CA ASP A 114 31.70 -29.47 -36.58
C ASP A 114 32.39 -29.66 -35.25
N HIS A 115 31.75 -30.31 -34.31
CA HIS A 115 32.30 -30.51 -33.01
C HIS A 115 32.18 -31.94 -32.65
N ASP A 116 33.13 -32.49 -31.90
CA ASP A 116 33.06 -33.86 -31.41
C ASP A 116 32.53 -33.98 -30.02
N LEU A 117 32.84 -33.08 -29.15
CA LEU A 117 32.31 -33.08 -27.84
C LEU A 117 31.88 -31.71 -27.40
N VAL A 118 30.65 -31.57 -26.94
CA VAL A 118 30.24 -30.32 -26.34
C VAL A 118 29.48 -30.49 -25.05
N VAL A 119 29.40 -29.42 -24.29
CA VAL A 119 28.56 -29.42 -23.11
C VAL A 119 27.25 -28.64 -23.35
N ALA A 120 26.15 -29.26 -22.98
CA ALA A 120 24.83 -28.71 -23.03
C ALA A 120 24.18 -28.62 -21.67
N GLY A 121 23.56 -27.49 -21.38
CA GLY A 121 23.09 -27.22 -20.06
C GLY A 121 22.06 -26.14 -19.87
N GLY A 122 21.67 -25.95 -18.63
CA GLY A 122 20.97 -24.80 -18.18
C GLY A 122 21.15 -24.43 -16.73
N ALA A 123 21.16 -23.17 -16.43
CA ALA A 123 21.21 -22.70 -15.09
C ALA A 123 20.18 -21.61 -14.91
N GLU A 124 19.56 -21.62 -13.76
CA GLU A 124 18.67 -20.58 -13.35
C GLU A 124 18.70 -20.36 -11.86
N SER A 125 18.87 -19.12 -11.44
CA SER A 125 18.55 -18.70 -10.10
C SER A 125 17.42 -17.68 -10.14
N MET A 126 16.20 -18.15 -9.98
CA MET A 126 15.05 -17.29 -9.85
C MET A 126 15.09 -16.44 -8.59
N SER A 127 15.77 -16.91 -7.58
CA SER A 127 15.92 -16.19 -6.36
C SER A 127 16.65 -14.93 -6.58
N ASN A 128 17.49 -14.92 -7.57
CA ASN A 128 18.37 -13.80 -7.76
C ASN A 128 18.16 -12.99 -8.97
N VAL A 129 17.03 -13.18 -9.62
CA VAL A 129 16.72 -12.47 -10.81
C VAL A 129 16.66 -11.01 -10.50
N ALA A 130 17.10 -10.22 -11.44
CA ALA A 130 17.20 -8.82 -11.27
C ALA A 130 15.90 -8.03 -11.29
N PHE A 131 15.96 -6.87 -10.69
CA PHE A 131 15.00 -5.83 -10.79
C PHE A 131 15.65 -4.90 -11.77
N TYR A 132 14.87 -4.28 -12.65
CA TYR A 132 15.42 -3.49 -13.71
C TYR A 132 14.52 -2.35 -14.15
N SER A 133 15.15 -1.29 -14.64
CA SER A 133 14.52 -0.10 -15.17
C SER A 133 15.03 0.42 -16.52
N THR A 134 14.11 0.71 -17.40
CA THR A 134 14.44 1.39 -18.62
C THR A 134 14.34 2.90 -18.54
N ASP A 135 13.93 3.43 -17.41
CA ASP A 135 13.76 4.87 -17.17
C ASP A 135 14.96 5.57 -16.54
N MET A 136 15.93 4.83 -16.08
CA MET A 136 17.24 5.31 -15.62
C MET A 136 18.34 5.91 -16.57
N ARG A 137 18.39 5.54 -17.83
CA ARG A 137 19.39 6.07 -18.73
C ARG A 137 19.29 7.54 -19.13
N TRP A 138 18.12 7.98 -19.53
CA TRP A 138 17.96 9.33 -20.05
C TRP A 138 17.18 10.37 -19.24
N GLY A 139 16.76 10.06 -18.03
CA GLY A 139 16.05 11.02 -17.22
C GLY A 139 14.70 10.52 -16.84
N GLY A 140 14.32 10.76 -15.59
CA GLY A 140 13.07 10.31 -15.04
C GLY A 140 12.13 11.43 -14.76
N ALA A 141 12.55 12.64 -15.05
CA ALA A 141 11.74 13.77 -14.71
C ALA A 141 10.37 13.76 -15.40
N ARG A 142 10.33 13.58 -16.69
CA ARG A 142 9.09 13.47 -17.42
C ARG A 142 8.22 12.25 -17.21
N THR A 143 8.80 11.07 -17.12
CA THR A 143 7.99 9.87 -17.21
C THR A 143 7.64 9.22 -15.90
N GLY A 144 8.46 9.44 -14.90
CA GLY A 144 8.50 8.63 -13.71
C GLY A 144 9.52 7.55 -13.95
N VAL A 145 10.07 6.99 -12.88
CA VAL A 145 10.97 5.87 -13.02
C VAL A 145 10.38 4.58 -12.56
N GLN A 146 10.27 3.61 -13.45
CA GLN A 146 9.78 2.30 -13.09
C GLN A 146 10.92 1.27 -12.95
N ILE A 147 10.79 0.41 -11.95
CA ILE A 147 11.63 -0.74 -11.78
C ILE A 147 10.79 -1.98 -11.80
N HIS A 148 11.15 -2.94 -12.61
CA HIS A 148 10.37 -4.13 -12.76
C HIS A 148 11.08 -5.28 -12.16
N ASP A 149 10.34 -6.15 -11.53
CA ASP A 149 10.87 -7.39 -11.11
C ASP A 149 10.98 -8.20 -12.36
N GLY A 150 12.11 -8.82 -12.59
CA GLY A 150 12.31 -9.56 -13.79
C GLY A 150 11.34 -10.67 -13.92
N LEU A 151 11.07 -11.39 -12.86
CA LEU A 151 10.16 -12.52 -12.97
C LEU A 151 8.73 -12.19 -13.31
N ALA A 152 8.17 -11.22 -12.60
CA ALA A 152 6.81 -10.78 -12.76
C ALA A 152 6.44 -10.16 -14.08
N ARG A 153 7.28 -9.27 -14.56
CA ARG A 153 7.09 -8.57 -15.79
C ARG A 153 7.04 -9.52 -16.97
N GLY A 154 7.87 -10.54 -16.86
CA GLY A 154 8.06 -11.60 -17.82
C GLY A 154 6.87 -12.47 -18.08
N ARG A 155 5.97 -12.58 -17.14
CA ARG A 155 4.77 -13.35 -17.33
C ARG A 155 3.75 -12.72 -18.24
N THR A 156 3.89 -11.44 -18.49
CA THR A 156 2.93 -10.74 -19.34
C THR A 156 3.44 -10.38 -20.73
N THR A 157 4.73 -10.09 -20.79
CA THR A 157 5.38 -9.68 -22.02
C THR A 157 5.61 -10.71 -23.11
N ALA A 158 5.56 -11.97 -22.78
CA ALA A 158 5.98 -12.99 -23.71
C ALA A 158 5.19 -13.08 -24.98
N GLY A 159 3.94 -12.66 -24.95
CA GLY A 159 3.12 -12.78 -26.12
C GLY A 159 3.25 -11.59 -27.00
N GLY A 160 3.94 -10.58 -26.54
CA GLY A 160 3.99 -9.34 -27.26
C GLY A 160 2.74 -8.49 -27.10
N LYS A 161 2.69 -7.37 -27.79
CA LYS A 161 1.59 -6.46 -27.66
C LYS A 161 0.25 -6.92 -28.10
N PHE A 162 0.17 -7.70 -29.14
CA PHE A 162 -1.09 -8.18 -29.62
C PHE A 162 -1.73 -9.23 -28.80
N HIS A 163 -0.93 -9.95 -28.05
CA HIS A 163 -1.49 -10.96 -27.20
C HIS A 163 -0.90 -10.82 -25.82
N PRO A 164 -1.24 -9.76 -25.11
CA PRO A 164 -0.85 -9.67 -23.72
C PRO A 164 -1.68 -10.64 -22.91
N VAL A 165 -1.10 -11.22 -21.88
CA VAL A 165 -1.86 -12.05 -20.99
C VAL A 165 -1.55 -11.54 -19.62
N PRO A 166 -2.38 -10.66 -19.08
CA PRO A 166 -2.08 -9.97 -17.82
C PRO A 166 -2.02 -10.89 -16.64
N GLY A 167 -2.75 -11.99 -16.78
CA GLY A 167 -2.80 -13.08 -15.84
C GLY A 167 -1.49 -13.79 -15.66
N GLY A 168 -0.71 -13.84 -16.72
CA GLY A 168 0.51 -14.59 -16.73
C GLY A 168 0.27 -16.01 -17.14
N MET A 169 1.21 -16.83 -16.79
CA MET A 169 1.20 -18.22 -17.12
C MET A 169 -0.01 -18.84 -16.46
N LEU A 170 -0.31 -18.35 -15.26
CA LEU A 170 -1.41 -18.84 -14.44
C LEU A 170 -2.75 -18.70 -15.11
N GLU A 171 -3.00 -17.57 -15.76
CA GLU A 171 -4.21 -17.32 -16.52
C GLU A 171 -4.41 -18.26 -17.70
N THR A 172 -3.34 -18.52 -18.43
CA THR A 172 -3.36 -19.44 -19.56
C THR A 172 -3.70 -20.85 -19.11
N ALA A 173 -3.33 -21.19 -17.90
CA ALA A 173 -3.71 -22.43 -17.31
C ALA A 173 -5.21 -22.49 -17.01
N GLU A 174 -5.74 -21.43 -16.45
CA GLU A 174 -7.17 -21.36 -16.19
C GLU A 174 -7.90 -21.47 -17.51
N ASN A 175 -7.35 -20.90 -18.58
CA ASN A 175 -8.00 -20.99 -19.87
C ASN A 175 -8.13 -22.41 -20.31
N LEU A 176 -7.13 -23.21 -20.02
CA LEU A 176 -7.18 -24.63 -20.32
C LEU A 176 -8.16 -25.45 -19.51
N ARG A 177 -8.31 -25.08 -18.24
CA ARG A 177 -9.19 -25.77 -17.33
C ARG A 177 -10.56 -25.62 -17.89
N ARG A 178 -10.89 -24.39 -18.21
CA ARG A 178 -12.17 -23.98 -18.71
C ARG A 178 -12.51 -24.65 -20.03
N GLU A 179 -11.61 -24.62 -20.99
CA GLU A 179 -11.87 -25.28 -22.25
C GLU A 179 -12.01 -26.77 -22.16
N TYR A 180 -11.17 -27.41 -21.38
CA TYR A 180 -11.12 -28.85 -21.32
C TYR A 180 -11.90 -29.44 -20.19
N HIS A 181 -12.50 -28.61 -19.36
CA HIS A 181 -13.34 -29.06 -18.29
C HIS A 181 -12.65 -30.02 -17.37
N ILE A 182 -11.64 -29.55 -16.68
CA ILE A 182 -10.92 -30.39 -15.75
C ILE A 182 -11.23 -29.93 -14.35
N SER A 183 -11.70 -30.86 -13.53
CA SER A 183 -12.06 -30.61 -12.16
C SER A 183 -10.86 -30.35 -11.34
N ARG A 184 -11.02 -29.62 -10.26
CA ARG A 184 -9.92 -29.32 -9.37
C ARG A 184 -9.41 -30.63 -8.79
N THR A 185 -10.27 -31.61 -8.78
CA THR A 185 -9.90 -32.90 -8.30
C THR A 185 -8.88 -33.58 -9.17
N GLU A 186 -9.07 -33.54 -10.47
CA GLU A 186 -8.13 -34.20 -11.35
C GLU A 186 -6.81 -33.52 -11.13
N GLN A 187 -6.84 -32.20 -11.03
CA GLN A 187 -5.64 -31.45 -10.96
C GLN A 187 -4.88 -31.74 -9.72
N ASP A 188 -5.58 -31.74 -8.61
CA ASP A 188 -5.00 -32.02 -7.32
C ASP A 188 -4.48 -33.45 -7.17
N GLU A 189 -5.11 -34.43 -7.79
CA GLU A 189 -4.64 -35.81 -7.73
C GLU A 189 -3.27 -36.00 -8.40
N LEU A 190 -3.09 -35.33 -9.52
CA LEU A 190 -1.89 -35.37 -10.30
C LEU A 190 -0.76 -34.83 -9.53
N ALA A 191 -1.00 -33.80 -8.78
CA ALA A 191 0.02 -33.22 -7.97
C ALA A 191 0.49 -34.20 -6.96
N VAL A 192 -0.42 -35.01 -6.45
CA VAL A 192 -0.10 -36.00 -5.46
C VAL A 192 0.84 -37.05 -6.00
N ARG A 193 0.56 -37.52 -7.20
CA ARG A 193 1.38 -38.52 -7.83
C ARG A 193 2.75 -37.97 -8.02
N SER A 194 2.82 -36.72 -8.37
CA SER A 194 4.08 -36.12 -8.66
C SER A 194 4.98 -36.13 -7.45
N HIS A 195 4.48 -35.73 -6.31
CA HIS A 195 5.24 -35.72 -5.10
C HIS A 195 5.58 -37.16 -4.75
N GLN A 196 4.63 -38.04 -4.96
CA GLN A 196 4.83 -39.45 -4.69
C GLN A 196 5.91 -40.11 -5.53
N ARG A 197 5.89 -39.87 -6.82
CA ARG A 197 6.95 -40.36 -7.65
C ARG A 197 8.30 -39.77 -7.32
N ALA A 198 8.33 -38.50 -6.98
CA ALA A 198 9.57 -37.89 -6.61
C ALA A 198 10.13 -38.44 -5.34
N VAL A 199 9.30 -38.52 -4.31
CA VAL A 199 9.74 -38.97 -3.01
C VAL A 199 10.19 -40.39 -3.10
N ALA A 200 9.45 -41.17 -3.86
CA ALA A 200 9.75 -42.55 -4.04
C ALA A 200 11.12 -42.69 -4.68
N ALA A 201 11.40 -41.88 -5.67
CA ALA A 201 12.68 -41.91 -6.35
C ALA A 201 13.86 -41.60 -5.46
N GLN A 202 13.70 -40.74 -4.47
CA GLN A 202 14.76 -40.49 -3.51
C GLN A 202 15.12 -41.70 -2.66
N SER A 203 14.11 -42.27 -2.04
CA SER A 203 14.28 -43.42 -1.16
C SER A 203 14.80 -44.62 -1.92
N GLU A 204 14.35 -44.74 -3.15
CA GLU A 204 14.80 -45.77 -4.07
C GLU A 204 16.23 -45.49 -4.52
N GLY A 205 16.72 -44.30 -4.30
CA GLY A 205 18.09 -43.97 -4.57
C GLY A 205 18.44 -43.71 -6.00
N VAL A 206 17.45 -43.67 -6.89
CA VAL A 206 17.68 -43.33 -8.30
C VAL A 206 18.16 -41.89 -8.56
N LEU A 207 17.84 -40.99 -7.64
CA LEU A 207 18.23 -39.61 -7.72
C LEU A 207 19.69 -39.26 -7.63
N ALA A 208 20.46 -40.05 -6.92
CA ALA A 208 21.87 -39.79 -6.73
C ALA A 208 22.60 -39.86 -8.03
N GLU A 209 22.05 -40.66 -8.94
CA GLU A 209 22.57 -40.81 -10.28
C GLU A 209 22.50 -39.52 -11.05
N GLU A 210 21.38 -38.84 -10.95
CA GLU A 210 21.19 -37.50 -11.44
C GLU A 210 21.96 -36.37 -10.74
N ILE A 211 22.06 -36.41 -9.44
CA ILE A 211 22.47 -35.27 -8.66
C ILE A 211 23.95 -35.06 -8.50
N ILE A 212 24.40 -33.85 -8.76
CA ILE A 212 25.65 -33.32 -8.29
C ILE A 212 25.35 -32.56 -7.01
N PRO A 213 25.93 -32.99 -5.90
CA PRO A 213 25.76 -32.29 -4.63
C PRO A 213 26.40 -30.90 -4.50
N VAL A 214 25.70 -30.02 -3.81
CA VAL A 214 26.11 -28.62 -3.71
C VAL A 214 26.57 -28.16 -2.35
N PRO A 215 27.73 -27.54 -2.30
CA PRO A 215 28.19 -27.03 -1.02
C PRO A 215 27.74 -25.61 -0.78
N VAL A 216 27.17 -25.35 0.37
CA VAL A 216 26.82 -24.00 0.75
C VAL A 216 27.44 -23.61 2.08
N ARG A 217 28.07 -22.45 2.11
CA ARG A 217 28.62 -21.87 3.32
C ARG A 217 27.60 -21.09 4.14
N THR A 218 27.36 -21.56 5.35
CA THR A 218 26.47 -20.88 6.26
C THR A 218 27.24 -19.85 7.09
N ASP A 220 29.18 -21.18 11.15
CA ASP A 220 28.89 -22.45 11.78
C ASP A 220 29.35 -23.65 10.96
N GLY A 221 29.61 -23.44 9.69
CA GLY A 221 30.13 -24.52 8.89
C GLY A 221 29.55 -24.56 7.51
N GLU A 222 30.26 -25.21 6.62
CA GLU A 222 29.81 -25.31 5.27
C GLU A 222 29.27 -26.71 5.06
N GLU A 223 28.05 -26.81 4.56
CA GLU A 223 27.41 -28.11 4.37
C GLU A 223 26.99 -28.37 2.92
N THR A 224 26.82 -29.64 2.60
CA THR A 224 26.55 -30.14 1.27
C THR A 224 25.14 -30.65 1.15
N ILE A 225 24.42 -30.20 0.11
CA ILE A 225 23.03 -30.53 -0.14
C ILE A 225 22.86 -31.49 -1.31
N SER A 226 22.14 -32.56 -1.08
CA SER A 226 21.87 -33.56 -2.11
C SER A 226 20.45 -33.74 -2.48
N VAL A 227 19.55 -33.11 -1.75
CA VAL A 227 18.14 -33.38 -1.86
C VAL A 227 17.30 -32.18 -2.33
N ASP A 228 16.35 -32.45 -3.19
CA ASP A 228 15.46 -31.42 -3.67
C ASP A 228 14.61 -30.89 -2.51
N GLU A 229 14.52 -29.58 -2.39
CA GLU A 229 13.83 -28.93 -1.27
C GLU A 229 12.34 -29.17 -1.21
N HIS A 230 11.69 -29.01 -2.33
CA HIS A 230 10.26 -29.01 -2.43
C HIS A 230 9.43 -30.27 -2.23
N PRO A 231 9.86 -31.42 -2.70
CA PRO A 231 8.99 -32.58 -2.66
C PRO A 231 8.61 -32.95 -1.24
N ARG A 232 7.38 -33.42 -1.07
CA ARG A 232 6.83 -33.86 0.22
C ARG A 232 6.14 -35.20 0.14
N ALA A 233 6.45 -36.11 1.04
CA ALA A 233 5.70 -37.36 1.14
C ALA A 233 4.24 -37.22 1.59
N ASP A 234 4.00 -36.33 2.54
CA ASP A 234 2.70 -36.21 3.20
C ASP A 234 1.61 -35.62 2.34
N THR A 235 1.95 -35.23 1.13
CA THR A 235 1.05 -34.52 0.24
C THR A 235 -0.15 -35.36 -0.13
N THR A 236 -1.34 -34.84 0.17
CA THR A 236 -2.59 -35.54 -0.09
C THR A 236 -3.59 -34.63 -0.73
N VAL A 237 -4.58 -35.24 -1.35
CA VAL A 237 -5.60 -34.48 -2.00
C VAL A 237 -6.25 -33.62 -0.94
N GLU A 238 -6.47 -34.17 0.24
CA GLU A 238 -7.27 -33.46 1.20
C GLU A 238 -6.64 -32.16 1.60
N ALA A 239 -5.34 -32.17 1.86
CA ALA A 239 -4.57 -30.99 2.22
C ALA A 239 -4.53 -29.95 1.12
N LEU A 240 -4.57 -30.44 -0.10
CA LEU A 240 -4.54 -29.63 -1.29
C LEU A 240 -5.81 -28.85 -1.54
N ALA A 241 -6.90 -29.35 -1.03
CA ALA A 241 -8.16 -28.64 -1.07
C ALA A 241 -8.26 -27.48 -0.09
N LYS A 242 -7.37 -27.44 0.87
CA LYS A 242 -7.37 -26.43 1.90
C LYS A 242 -6.87 -25.11 1.35
N LEU A 243 -6.44 -25.14 0.10
CA LEU A 243 -5.63 -24.08 -0.46
C LEU A 243 -6.39 -23.26 -1.47
N LYS A 244 -6.05 -21.99 -1.52
CA LYS A 244 -6.82 -20.99 -2.25
C LYS A 244 -6.28 -20.66 -3.62
N PRO A 245 -7.10 -20.77 -4.64
CA PRO A 245 -6.66 -20.40 -5.99
C PRO A 245 -6.04 -19.00 -6.02
N VAL A 246 -5.24 -18.68 -7.02
CA VAL A 246 -4.41 -17.47 -6.96
C VAL A 246 -5.15 -16.17 -7.28
N LEU A 248 -8.73 -16.06 -6.86
CA LEU A 248 -10.16 -16.38 -6.87
C LEU A 248 -10.94 -15.14 -7.12
N LYS A 249 -10.34 -14.03 -6.78
CA LYS A 249 -11.03 -12.78 -6.82
C LYS A 249 -11.42 -12.61 -8.23
N GLN A 250 -10.50 -12.86 -9.13
CA GLN A 250 -10.71 -12.71 -10.54
C GLN A 250 -11.66 -13.65 -11.21
N ASP A 251 -11.41 -14.93 -11.11
CA ASP A 251 -12.35 -15.92 -11.57
C ASP A 251 -12.55 -16.75 -10.33
N PRO A 252 -13.80 -17.01 -9.97
CA PRO A 252 -14.09 -17.79 -8.78
C PRO A 252 -14.25 -19.24 -9.15
N GLU A 253 -14.09 -19.53 -10.42
CA GLU A 253 -14.00 -20.90 -10.86
C GLU A 253 -12.52 -21.29 -10.96
N ALA A 254 -11.70 -20.54 -10.24
CA ALA A 254 -10.25 -20.70 -10.21
C ALA A 254 -9.79 -21.95 -9.49
N THR A 255 -9.01 -22.77 -10.15
CA THR A 255 -8.65 -24.03 -9.58
C THR A 255 -7.19 -24.23 -9.34
N VAL A 256 -6.39 -23.25 -9.70
CA VAL A 256 -4.97 -23.41 -9.69
C VAL A 256 -4.32 -22.71 -8.55
N THR A 257 -3.57 -23.47 -7.76
CA THR A 257 -3.00 -23.04 -6.51
C THR A 257 -1.56 -23.30 -6.55
N ALA A 258 -0.88 -22.80 -5.55
CA ALA A 258 0.55 -22.97 -5.39
C ALA A 258 0.85 -24.45 -5.23
N GLY A 259 -0.13 -25.17 -4.75
CA GLY A 259 -0.11 -26.59 -4.60
C GLY A 259 -0.08 -27.39 -5.83
N ASN A 260 -0.81 -26.95 -6.84
CA ASN A 260 -0.93 -27.69 -8.06
C ASN A 260 -0.18 -27.18 -9.29
N SER A 261 0.81 -26.34 -9.07
CA SER A 261 1.61 -25.86 -10.15
C SER A 261 2.98 -25.68 -9.66
N SER A 262 3.92 -25.65 -10.59
CA SER A 262 5.33 -25.46 -10.32
C SER A 262 5.56 -24.12 -9.77
N GLY A 263 6.58 -23.99 -8.94
CA GLY A 263 6.95 -22.73 -8.34
C GLY A 263 8.11 -22.09 -9.04
N GLN A 264 8.91 -21.36 -8.30
CA GLN A 264 10.08 -20.73 -8.83
C GLN A 264 11.31 -21.26 -8.14
N ASN A 265 12.36 -21.56 -8.88
CA ASN A 265 13.39 -22.43 -8.39
C ASN A 265 14.82 -22.12 -8.85
N ASP A 266 15.78 -22.73 -8.17
CA ASP A 266 17.18 -22.62 -8.48
C ASP A 266 17.88 -23.94 -8.69
N ALA A 267 18.48 -24.11 -9.86
CA ALA A 267 19.17 -25.31 -10.21
C ALA A 267 20.02 -25.14 -11.46
N ALA A 268 20.93 -26.06 -11.70
CA ALA A 268 21.57 -26.14 -12.99
C ALA A 268 21.60 -27.56 -13.52
N SER A 269 21.61 -27.69 -14.82
CA SER A 269 21.77 -28.97 -15.47
C SER A 269 22.85 -29.01 -16.52
N MET A 270 23.60 -30.08 -16.54
CA MET A 270 24.58 -30.32 -17.55
C MET A 270 24.58 -31.71 -18.15
N CYS A 271 25.02 -31.77 -19.37
CA CYS A 271 25.32 -33.02 -20.00
C CYS A 271 26.37 -32.90 -21.07
N ILE A 272 26.84 -34.05 -21.51
CA ILE A 272 27.75 -34.10 -22.61
C ILE A 272 27.04 -34.50 -23.84
N VAL A 273 27.35 -33.84 -24.93
CA VAL A 273 26.90 -34.26 -26.23
C VAL A 273 28.08 -34.64 -27.13
N THR A 274 28.01 -35.82 -27.68
CA THR A 274 29.14 -36.41 -28.37
C THR A 274 28.79 -37.47 -29.44
N THR A 275 29.76 -37.82 -30.25
CA THR A 275 29.63 -38.94 -31.12
C THR A 275 29.84 -40.25 -30.39
N PRO A 276 29.24 -41.30 -30.86
CA PRO A 276 29.41 -42.59 -30.23
C PRO A 276 30.87 -42.99 -30.28
N GLU A 277 31.52 -42.64 -31.35
CA GLU A 277 32.89 -42.92 -31.51
C GLU A 277 33.77 -42.18 -30.49
N LYS A 278 33.55 -40.91 -30.30
CA LYS A 278 34.29 -40.17 -29.28
C LYS A 278 34.07 -40.59 -27.84
N ALA A 279 32.84 -40.95 -27.51
CA ALA A 279 32.48 -41.42 -26.19
C ALA A 279 33.22 -42.67 -25.88
N ALA A 280 33.38 -43.51 -26.88
CA ALA A 280 34.14 -44.73 -26.81
C ALA A 280 35.63 -44.48 -26.53
N GLU A 281 36.19 -43.50 -27.18
CA GLU A 281 37.54 -43.10 -26.95
C GLU A 281 37.81 -42.59 -25.57
N LEU A 282 36.84 -41.95 -24.96
CA LEU A 282 37.05 -41.31 -23.70
C LEU A 282 36.55 -42.09 -22.54
N GLY A 283 35.97 -43.25 -22.79
CA GLY A 283 35.38 -44.07 -21.76
C GLY A 283 34.02 -43.70 -21.24
N LEU A 284 33.24 -42.93 -21.98
CA LEU A 284 31.90 -42.59 -21.58
C LEU A 284 30.84 -43.64 -21.87
N LYS A 285 29.75 -43.60 -21.13
CA LYS A 285 28.64 -44.48 -21.37
C LYS A 285 27.46 -43.73 -21.93
N PRO A 286 27.31 -43.76 -23.24
CA PRO A 286 26.21 -43.07 -23.87
C PRO A 286 24.89 -43.62 -23.50
N LEU A 287 23.96 -42.76 -23.11
CA LEU A 287 22.70 -43.25 -22.67
C LEU A 287 21.61 -43.28 -23.69
N VAL A 288 21.53 -42.25 -24.51
CA VAL A 288 20.49 -42.07 -25.47
C VAL A 288 21.04 -41.33 -26.63
N ARG A 289 20.40 -41.45 -27.75
CA ARG A 289 20.73 -40.63 -28.87
C ARG A 289 19.49 -39.90 -29.33
N LEU A 290 19.64 -38.76 -29.95
CA LEU A 290 18.54 -37.99 -30.36
C LEU A 290 18.02 -38.47 -31.69
N VAL A 291 16.72 -38.69 -31.77
CA VAL A 291 16.15 -39.18 -33.01
C VAL A 291 15.62 -38.05 -33.84
N SER A 292 14.76 -37.25 -33.24
CA SER A 292 14.17 -36.14 -33.93
C SER A 292 13.72 -35.13 -32.93
N TRP A 293 13.37 -33.97 -33.40
CA TRP A 293 12.84 -32.96 -32.54
C TRP A 293 11.78 -32.16 -33.27
N GLY A 294 10.92 -31.49 -32.55
CA GLY A 294 9.97 -30.61 -33.18
C GLY A 294 9.62 -29.37 -32.40
N SER A 295 9.23 -28.34 -33.12
CA SER A 295 8.88 -27.09 -32.54
C SER A 295 7.63 -26.54 -33.18
N ALA A 296 6.81 -25.84 -32.40
CA ALA A 296 5.53 -25.37 -32.84
C ALA A 296 5.20 -24.05 -32.23
N GLY A 297 4.29 -23.35 -32.84
CA GLY A 297 3.68 -22.20 -32.22
C GLY A 297 2.19 -22.30 -31.97
N VAL A 298 1.73 -21.74 -30.88
CA VAL A 298 0.34 -21.81 -30.52
C VAL A 298 0.01 -20.47 -29.95
N ALA A 299 -1.24 -20.18 -29.74
CA ALA A 299 -1.64 -18.95 -29.15
C ALA A 299 -1.08 -18.78 -27.78
N PRO A 300 -0.67 -17.58 -27.46
CA PRO A 300 -0.12 -17.32 -26.16
C PRO A 300 -1.09 -17.58 -25.05
N ASP A 301 -2.36 -17.21 -25.19
CA ASP A 301 -3.31 -17.40 -24.12
C ASP A 301 -3.63 -18.87 -23.95
N LEU A 302 -3.15 -19.67 -24.88
CA LEU A 302 -3.25 -21.11 -24.84
C LEU A 302 -1.92 -21.88 -24.82
N MET A 303 -0.91 -21.33 -24.18
CA MET A 303 0.45 -21.82 -24.29
C MET A 303 0.71 -23.25 -23.85
N GLY A 304 -0.04 -23.76 -22.90
CA GLY A 304 0.15 -25.06 -22.30
C GLY A 304 -0.02 -26.20 -23.26
N ILE A 305 -0.64 -25.94 -24.37
CA ILE A 305 -0.96 -26.94 -25.37
C ILE A 305 0.08 -27.13 -26.45
N GLY A 306 1.15 -26.37 -26.37
CA GLY A 306 2.22 -26.28 -27.34
C GLY A 306 2.92 -27.58 -27.56
N PRO A 307 2.95 -28.43 -26.56
CA PRO A 307 3.53 -29.74 -26.70
C PRO A 307 2.84 -30.65 -27.69
N VAL A 308 1.54 -30.50 -27.85
CA VAL A 308 0.80 -31.34 -28.74
C VAL A 308 1.23 -31.16 -30.18
N PRO A 309 1.26 -29.95 -30.68
CA PRO A 309 1.82 -29.71 -32.01
C PRO A 309 3.30 -30.01 -32.16
N ALA A 310 4.13 -29.67 -31.20
CA ALA A 310 5.54 -29.94 -31.34
C ALA A 310 5.82 -31.42 -31.40
N THR A 311 5.12 -32.18 -30.57
CA THR A 311 5.20 -33.62 -30.46
C THR A 311 4.72 -34.31 -31.71
N GLU A 312 3.72 -33.73 -32.30
CA GLU A 312 3.21 -34.22 -33.51
C GLU A 312 4.29 -34.15 -34.58
N VAL A 313 4.96 -33.01 -34.69
CA VAL A 313 6.00 -32.81 -35.64
C VAL A 313 7.20 -33.71 -35.44
N ALA A 314 7.64 -33.89 -34.21
CA ALA A 314 8.77 -34.78 -33.94
C ALA A 314 8.55 -36.25 -34.29
N LEU A 315 7.46 -36.83 -33.86
CA LEU A 315 7.10 -38.18 -34.23
C LEU A 315 6.93 -38.29 -35.74
N ALA A 316 6.39 -37.29 -36.38
CA ALA A 316 6.31 -37.40 -37.78
C ALA A 316 7.70 -37.55 -38.34
N LYS A 317 8.62 -36.70 -37.93
CA LYS A 317 9.95 -36.76 -38.48
C LYS A 317 10.62 -38.06 -38.17
N ALA A 318 10.36 -38.60 -37.01
CA ALA A 318 10.89 -39.90 -36.65
C ALA A 318 10.25 -41.09 -37.36
N GLY A 319 9.14 -40.88 -38.06
CA GLY A 319 8.29 -41.97 -38.45
C GLY A 319 7.77 -42.82 -37.29
N LEU A 320 7.23 -42.14 -36.31
CA LEU A 320 6.91 -42.77 -35.08
C LEU A 320 5.54 -42.32 -34.75
N THR A 321 4.94 -42.98 -33.78
CA THR A 321 3.59 -42.76 -33.35
C THR A 321 3.74 -42.67 -31.86
N LEU A 322 2.74 -42.13 -31.19
CA LEU A 322 2.69 -42.04 -29.75
C LEU A 322 2.69 -43.38 -29.01
N ALA A 323 2.11 -44.39 -29.64
CA ALA A 323 2.16 -45.75 -29.14
C ALA A 323 3.56 -46.30 -29.21
N ASP A 324 4.36 -45.75 -30.09
CA ASP A 324 5.71 -46.16 -30.27
C ASP A 324 6.55 -45.73 -29.11
N ILE A 325 6.05 -44.80 -28.33
CA ILE A 325 6.80 -44.15 -27.25
C ILE A 325 6.72 -44.83 -25.86
N ASP A 326 7.83 -45.35 -25.37
CA ASP A 326 7.81 -46.00 -24.07
C ASP A 326 7.82 -45.10 -22.85
N LEU A 327 8.32 -43.88 -22.98
CA LEU A 327 8.51 -43.01 -21.86
C LEU A 327 8.23 -41.59 -22.24
N ILE A 328 7.51 -40.89 -21.40
CA ILE A 328 7.23 -39.52 -21.64
C ILE A 328 7.59 -38.71 -20.41
N GLU A 329 8.24 -37.57 -20.64
CA GLU A 329 8.45 -36.55 -19.69
C GLU A 329 7.78 -35.36 -20.27
N LEU A 330 6.65 -34.98 -19.70
CA LEU A 330 5.93 -33.77 -20.05
C LEU A 330 5.98 -32.86 -18.85
N ASN A 331 6.43 -31.63 -19.01
CA ASN A 331 6.56 -30.78 -17.86
C ASN A 331 5.23 -30.31 -17.30
N GLU A 332 5.14 -30.29 -15.99
CA GLU A 332 3.95 -29.87 -15.34
C GLU A 332 4.20 -28.50 -14.85
N ALA A 333 3.99 -27.55 -15.72
CA ALA A 333 3.99 -26.17 -15.32
C ALA A 333 2.80 -25.97 -14.42
N PHE A 334 1.69 -26.54 -14.84
CA PHE A 334 0.45 -26.49 -14.11
C PHE A 334 -0.24 -27.82 -14.29
N ALA A 335 -0.94 -28.29 -13.28
CA ALA A 335 -1.60 -29.57 -13.38
C ALA A 335 -2.65 -29.56 -14.46
N ALA A 336 -3.36 -28.47 -14.59
CA ALA A 336 -4.32 -28.30 -15.66
C ALA A 336 -3.68 -28.29 -17.03
N GLN A 337 -2.53 -27.66 -17.15
CA GLN A 337 -1.85 -27.62 -18.42
C GLN A 337 -1.46 -28.99 -18.90
N ALA A 338 -0.94 -29.80 -18.00
CA ALA A 338 -0.55 -31.16 -18.31
C ALA A 338 -1.70 -32.07 -18.65
N LEU A 339 -2.79 -31.90 -17.93
CA LEU A 339 -3.99 -32.66 -18.15
C LEU A 339 -4.62 -32.39 -19.52
N ALA A 340 -4.61 -31.15 -19.95
CA ALA A 340 -5.08 -30.79 -21.25
C ALA A 340 -4.30 -31.42 -22.35
N VAL A 341 -3.00 -31.46 -22.21
CA VAL A 341 -2.21 -32.14 -23.20
C VAL A 341 -2.56 -33.59 -23.25
N MET A 342 -2.71 -34.21 -22.11
CA MET A 342 -3.03 -35.62 -22.04
C MET A 342 -4.36 -36.04 -22.63
N ARG A 343 -5.36 -35.20 -22.56
CA ARG A 343 -6.60 -35.51 -23.20
C ARG A 343 -6.40 -35.60 -24.68
N GLU A 344 -5.72 -34.60 -25.22
CA GLU A 344 -5.46 -34.48 -26.64
C GLU A 344 -4.69 -35.66 -27.09
N TRP A 345 -3.96 -36.25 -26.17
CA TRP A 345 -3.21 -37.44 -26.45
C TRP A 345 -4.05 -38.68 -26.22
N LYS A 346 -5.28 -38.50 -25.75
CA LYS A 346 -6.16 -39.65 -25.51
C LYS A 346 -5.59 -40.63 -24.52
N PHE A 347 -5.30 -40.15 -23.34
CA PHE A 347 -4.60 -40.93 -22.36
C PHE A 347 -5.47 -41.77 -21.44
N GLY A 348 -5.29 -43.07 -21.54
CA GLY A 348 -5.80 -44.03 -20.59
C GLY A 348 -5.02 -44.03 -19.29
N GLU A 349 -5.56 -44.71 -18.29
CA GLU A 349 -5.02 -44.74 -16.95
C GLU A 349 -3.62 -45.30 -16.88
N ALA A 350 -3.35 -46.28 -17.71
CA ALA A 350 -2.05 -46.91 -17.83
C ALA A 350 -0.91 -46.07 -18.44
N ASP A 351 -1.28 -45.13 -19.28
CA ASP A 351 -0.34 -44.23 -19.91
C ASP A 351 0.33 -43.34 -18.87
N HIS A 352 -0.38 -43.13 -17.79
CA HIS A 352 0.11 -42.39 -16.66
C HIS A 352 1.22 -43.16 -15.98
N GLU A 353 1.28 -44.42 -16.33
CA GLU A 353 2.32 -45.34 -15.92
C GLU A 353 3.65 -44.94 -16.43
N ARG A 354 3.67 -44.50 -17.67
CA ARG A 354 4.88 -44.17 -18.33
C ARG A 354 5.14 -42.70 -18.55
N THR A 355 4.49 -41.83 -17.79
CA THR A 355 4.68 -40.40 -17.91
C THR A 355 5.11 -39.74 -16.64
N ASN A 356 6.19 -39.01 -16.70
CA ASN A 356 6.67 -38.32 -15.56
C ASN A 356 6.86 -39.22 -14.39
N VAL A 357 7.52 -40.33 -14.63
CA VAL A 357 7.64 -41.34 -13.60
C VAL A 357 8.43 -40.96 -12.38
N ARG A 358 9.37 -40.04 -12.50
CA ARG A 358 10.17 -39.68 -11.37
C ARG A 358 9.74 -38.39 -10.75
N GLY A 359 8.63 -37.85 -11.19
CA GLY A 359 8.15 -36.60 -10.70
C GLY A 359 8.16 -35.56 -11.78
N SER A 360 7.89 -34.33 -11.42
CA SER A 360 7.90 -33.26 -12.39
C SER A 360 7.94 -31.90 -11.74
N GLY A 361 7.58 -30.89 -12.50
CA GLY A 361 7.75 -29.54 -12.07
C GLY A 361 7.02 -29.22 -10.80
N ILE A 362 5.82 -29.75 -10.64
CA ILE A 362 4.99 -29.45 -9.51
C ILE A 362 5.62 -29.90 -8.21
N SER A 363 6.02 -31.14 -8.10
CA SER A 363 6.89 -31.57 -7.02
C SER A 363 8.32 -31.06 -7.07
N LEU A 364 8.98 -31.23 -8.19
CA LEU A 364 10.38 -30.83 -8.32
C LEU A 364 10.69 -29.37 -8.29
N GLY A 365 9.79 -28.57 -8.80
CA GLY A 365 10.07 -27.19 -9.03
C GLY A 365 10.42 -26.96 -10.48
N HIS A 366 10.44 -25.71 -10.85
CA HIS A 366 10.62 -25.28 -12.21
C HIS A 366 11.67 -24.21 -12.36
N PRO A 367 12.93 -24.55 -12.35
CA PRO A 367 13.95 -23.54 -12.62
C PRO A 367 14.19 -23.49 -14.12
N VAL A 368 13.76 -22.44 -14.78
CA VAL A 368 13.38 -22.52 -16.15
C VAL A 368 14.46 -22.97 -17.09
N GLY A 369 15.60 -22.33 -17.05
CA GLY A 369 16.70 -22.65 -17.92
C GLY A 369 17.24 -24.03 -17.73
N ALA A 370 17.26 -24.51 -16.51
CA ALA A 370 17.69 -25.83 -16.17
C ALA A 370 16.67 -26.97 -16.26
N THR A 371 15.43 -26.69 -16.61
CA THR A 371 14.36 -27.68 -16.64
C THR A 371 14.51 -28.77 -17.69
N GLY A 372 14.86 -28.34 -18.89
CA GLY A 372 15.06 -29.20 -20.01
C GLY A 372 16.16 -30.15 -19.70
N GLY A 373 17.17 -29.70 -19.02
CA GLY A 373 18.20 -30.56 -18.51
C GLY A 373 17.78 -31.57 -17.50
N ARG A 374 16.89 -31.22 -16.61
CA ARG A 374 16.42 -32.09 -15.57
C ARG A 374 15.59 -33.26 -16.05
N MET A 375 14.69 -32.99 -16.97
CA MET A 375 13.91 -33.95 -17.65
C MET A 375 14.75 -34.88 -18.48
N LEU A 376 15.78 -34.37 -19.13
CA LEU A 376 16.63 -35.19 -19.93
C LEU A 376 17.31 -36.15 -19.04
N ALA A 377 17.68 -35.69 -17.87
CA ALA A 377 18.37 -36.55 -16.98
C ALA A 377 17.50 -37.69 -16.55
N THR A 378 16.25 -37.46 -16.25
CA THR A 378 15.38 -38.56 -15.95
C THR A 378 15.07 -39.48 -17.12
N LEU A 379 14.70 -38.93 -18.23
CA LEU A 379 14.28 -39.74 -19.33
C LEU A 379 15.41 -40.67 -19.74
N ALA A 380 16.62 -40.14 -19.86
CA ALA A 380 17.75 -40.96 -20.28
C ALA A 380 18.16 -42.10 -19.38
N ARG A 381 18.29 -41.82 -18.10
CA ARG A 381 18.56 -42.78 -17.08
C ARG A 381 17.45 -43.78 -16.88
N GLU A 382 16.21 -43.32 -16.85
CA GLU A 382 15.07 -44.20 -16.73
C GLU A 382 14.91 -45.12 -17.91
N LEU A 383 15.20 -44.63 -19.08
CA LEU A 383 15.13 -45.41 -20.27
C LEU A 383 16.11 -46.55 -20.15
N HIS A 384 17.28 -46.29 -19.60
CA HIS A 384 18.26 -47.34 -19.35
C HIS A 384 17.82 -48.31 -18.30
N ARG A 385 17.34 -47.79 -17.20
CA ARG A 385 16.99 -48.64 -16.09
C ARG A 385 15.87 -49.58 -16.54
N ARG A 386 14.94 -49.04 -17.29
CA ARG A 386 13.88 -49.80 -17.93
C ARG A 386 14.26 -50.71 -19.07
N GLU A 387 15.31 -50.39 -19.79
CA GLU A 387 15.63 -51.01 -21.08
C GLU A 387 14.56 -50.81 -22.11
N ALA A 388 13.94 -49.63 -22.11
CA ALA A 388 12.97 -49.24 -23.09
C ALA A 388 13.68 -48.71 -24.28
N ARG A 389 12.97 -48.44 -25.35
CA ARG A 389 13.60 -47.96 -26.54
C ARG A 389 13.52 -46.48 -26.78
N TYR A 390 12.32 -45.94 -26.71
CA TYR A 390 12.09 -44.58 -27.09
C TYR A 390 11.53 -43.68 -26.00
N GLY A 391 12.09 -42.50 -25.90
CA GLY A 391 11.62 -41.53 -24.95
C GLY A 391 11.29 -40.22 -25.59
N LEU A 392 10.29 -39.56 -25.06
CA LEU A 392 9.87 -38.26 -25.52
C LEU A 392 10.01 -37.20 -24.45
N GLU A 393 10.66 -36.11 -24.82
CA GLU A 393 10.72 -34.96 -23.97
C GLU A 393 10.03 -33.80 -24.61
N THR A 394 9.17 -33.14 -23.87
CA THR A 394 8.39 -32.06 -24.42
C THR A 394 7.86 -31.09 -23.40
N MET A 395 7.64 -29.86 -23.79
CA MET A 395 7.18 -28.86 -22.90
C MET A 395 6.45 -27.72 -23.58
N CYS A 396 5.57 -27.08 -22.83
CA CYS A 396 4.94 -25.86 -23.22
C CYS A 396 5.88 -24.75 -22.93
N ILE A 397 5.79 -23.69 -23.67
CA ILE A 397 6.68 -22.60 -23.50
C ILE A 397 5.90 -21.31 -23.39
N GLY A 398 6.25 -20.49 -22.43
CA GLY A 398 5.59 -19.23 -22.32
C GLY A 398 5.74 -18.37 -23.55
N GLY A 399 4.63 -17.78 -23.95
CA GLY A 399 4.55 -17.02 -25.16
C GLY A 399 3.96 -17.77 -26.29
N GLY A 400 3.60 -19.01 -26.05
CA GLY A 400 2.99 -19.82 -27.06
C GLY A 400 3.87 -20.65 -27.93
N GLN A 401 4.65 -21.50 -27.31
CA GLN A 401 5.55 -22.37 -28.03
C GLN A 401 5.54 -23.77 -27.47
N GLY A 402 6.04 -24.69 -28.24
CA GLY A 402 6.33 -25.99 -27.73
C GLY A 402 7.57 -26.62 -28.29
N LEU A 403 8.24 -27.42 -27.51
CA LEU A 403 9.40 -28.15 -27.94
C LEU A 403 9.33 -29.62 -27.54
N ALA A 404 9.56 -30.49 -28.48
CA ALA A 404 9.57 -31.88 -28.18
C ALA A 404 10.74 -32.59 -28.81
N ALA A 405 11.29 -33.56 -28.11
CA ALA A 405 12.35 -34.36 -28.66
C ALA A 405 12.17 -35.80 -28.36
N VAL A 406 12.51 -36.62 -29.32
CA VAL A 406 12.57 -38.08 -29.19
C VAL A 406 14.00 -38.59 -29.11
N PHE A 407 14.23 -39.48 -28.15
CA PHE A 407 15.51 -40.06 -27.91
C PHE A 407 15.40 -41.56 -27.97
N GLU A 408 16.45 -42.22 -28.40
CA GLU A 408 16.50 -43.66 -28.37
C GLU A 408 17.59 -44.17 -27.46
N ARG A 409 17.26 -45.11 -26.63
CA ARG A 409 18.29 -45.71 -25.82
C ARG A 409 19.34 -46.35 -26.67
N VAL A 410 20.56 -46.32 -26.20
CA VAL A 410 21.68 -46.80 -26.98
C VAL A 410 22.01 -48.25 -26.65
N ARG B 10 22.44 -31.44 -47.82
CA ARG B 10 21.98 -30.27 -48.54
C ARG B 10 22.54 -28.97 -48.00
N ASP B 11 22.69 -27.99 -48.87
CA ASP B 11 23.21 -26.69 -48.55
C ASP B 11 22.25 -25.78 -47.81
N ALA B 12 22.82 -24.79 -47.17
CA ALA B 12 22.12 -23.71 -46.57
C ALA B 12 22.50 -22.45 -47.26
N VAL B 13 21.55 -21.66 -47.71
CA VAL B 13 21.86 -20.46 -48.45
C VAL B 13 21.19 -19.25 -47.83
N ILE B 14 21.77 -18.10 -48.07
CA ILE B 14 21.25 -16.86 -47.56
C ILE B 14 20.54 -16.10 -48.64
N CYS B 15 19.32 -15.68 -48.40
CA CYS B 15 18.62 -14.81 -49.32
C CYS B 15 18.16 -13.57 -48.64
N GLU B 16 18.14 -12.49 -49.39
CA GLU B 16 17.62 -11.21 -48.97
C GLU B 16 18.11 -10.68 -47.63
N PRO B 17 19.40 -10.68 -47.39
CA PRO B 17 19.88 -10.14 -46.12
C PRO B 17 19.75 -8.62 -45.99
N VAL B 18 19.16 -8.19 -44.90
CA VAL B 18 18.77 -6.83 -44.75
C VAL B 18 18.99 -6.29 -43.39
N ARG B 19 19.01 -4.99 -43.28
CA ARG B 19 19.07 -4.35 -42.01
C ARG B 19 18.32 -3.04 -42.01
N THR B 20 18.11 -2.53 -40.83
CA THR B 20 17.72 -1.18 -40.61
C THR B 20 18.92 -0.32 -40.66
N PRO B 21 18.74 0.98 -40.68
CA PRO B 21 19.89 1.86 -40.55
C PRO B 21 20.42 1.77 -39.15
N ILE B 22 21.62 2.19 -38.91
CA ILE B 22 22.15 2.14 -37.58
C ILE B 22 22.25 3.53 -36.99
N GLY B 23 21.57 3.73 -35.89
CA GLY B 23 21.60 4.96 -35.16
C GLY B 23 22.49 4.98 -33.97
N ARG B 24 22.90 6.17 -33.60
CA ARG B 24 23.79 6.40 -32.48
C ARG B 24 23.17 6.23 -31.13
N TYR B 25 24.00 6.05 -30.14
CA TYR B 25 23.58 5.90 -28.79
C TYR B 25 22.95 7.21 -28.38
N GLY B 26 21.73 7.13 -27.89
CA GLY B 26 20.89 8.26 -27.61
C GLY B 26 20.50 9.10 -28.80
N GLY B 27 20.33 8.47 -29.94
CA GLY B 27 20.16 9.16 -31.19
C GLY B 27 18.81 9.00 -31.77
N MET B 28 18.77 8.79 -33.07
CA MET B 28 17.59 8.77 -33.90
C MET B 28 16.60 7.70 -33.60
N PHE B 29 17.07 6.62 -33.02
CA PHE B 29 16.28 5.46 -32.75
C PHE B 29 16.07 5.28 -31.25
N ARG B 30 16.30 6.32 -30.51
CA ARG B 30 16.21 6.32 -29.08
C ARG B 30 14.82 5.99 -28.52
N SER B 31 13.78 6.27 -29.28
CA SER B 31 12.42 6.03 -28.88
C SER B 31 11.90 4.68 -29.30
N LEU B 32 12.75 3.89 -29.91
CA LEU B 32 12.38 2.60 -30.43
C LEU B 32 13.02 1.55 -29.58
N THR B 33 12.30 0.50 -29.32
CA THR B 33 12.81 -0.66 -28.66
C THR B 33 13.55 -1.56 -29.64
N ALA B 34 14.27 -2.51 -29.11
CA ALA B 34 14.92 -3.49 -29.91
C ALA B 34 13.89 -4.26 -30.70
N VAL B 35 12.77 -4.53 -30.09
CA VAL B 35 11.68 -5.18 -30.73
C VAL B 35 11.17 -4.34 -31.88
N ASP B 36 11.08 -3.04 -31.72
CA ASP B 36 10.60 -2.19 -32.77
C ASP B 36 11.46 -2.26 -34.02
N LEU B 37 12.76 -2.19 -33.83
CA LEU B 37 13.70 -2.37 -34.89
C LEU B 37 13.60 -3.73 -35.47
N GLY B 38 13.49 -4.75 -34.65
CA GLY B 38 13.37 -6.08 -35.15
C GLY B 38 12.17 -6.31 -36.01
N VAL B 39 11.05 -5.75 -35.61
CA VAL B 39 9.82 -5.82 -36.38
C VAL B 39 9.88 -5.14 -37.73
N THR B 40 10.48 -3.98 -37.78
CA THR B 40 10.63 -3.26 -39.01
C THR B 40 11.49 -4.04 -39.99
N ALA B 41 12.58 -4.57 -39.50
CA ALA B 41 13.47 -5.33 -40.30
C ALA B 41 12.85 -6.58 -40.83
N LEU B 42 12.14 -7.28 -39.98
CA LEU B 42 11.43 -8.46 -40.38
C LEU B 42 10.33 -8.18 -41.37
N LYS B 43 9.64 -7.09 -41.16
CA LYS B 43 8.58 -6.70 -42.04
C LYS B 43 9.00 -6.35 -43.44
N GLY B 44 10.10 -5.62 -43.53
CA GLY B 44 10.73 -5.29 -44.76
C GLY B 44 11.24 -6.46 -45.50
N LEU B 45 11.70 -7.45 -44.79
CA LEU B 45 12.16 -8.65 -45.39
C LEU B 45 11.06 -9.41 -46.08
N LEU B 46 9.96 -9.60 -45.38
CA LEU B 46 8.74 -10.18 -45.88
C LEU B 46 8.05 -9.42 -47.01
N GLU B 47 8.06 -8.11 -46.93
CA GLU B 47 7.54 -7.24 -47.94
C GLU B 47 8.29 -7.37 -49.24
N ARG B 48 9.59 -7.44 -49.12
CA ARG B 48 10.49 -7.63 -50.24
C ARG B 48 10.38 -8.94 -50.95
N THR B 49 10.24 -10.02 -50.22
CA THR B 49 10.35 -11.33 -50.79
C THR B 49 9.06 -11.92 -51.24
N GLY B 50 7.99 -11.49 -50.62
CA GLY B 50 6.69 -12.06 -50.80
C GLY B 50 6.49 -13.38 -50.15
N ILE B 51 7.32 -13.72 -49.18
CA ILE B 51 7.28 -14.98 -48.51
C ILE B 51 6.02 -15.13 -47.69
N ALA B 52 5.38 -16.27 -47.81
CA ALA B 52 4.22 -16.60 -47.05
C ALA B 52 4.63 -16.80 -45.63
N ALA B 53 3.94 -16.18 -44.72
CA ALA B 53 4.34 -16.17 -43.34
C ALA B 53 4.39 -17.55 -42.76
N ASP B 54 3.63 -18.47 -43.31
CA ASP B 54 3.67 -19.82 -42.81
C ASP B 54 4.81 -20.69 -43.34
N GLN B 55 5.60 -20.16 -44.26
CA GLN B 55 6.89 -20.72 -44.63
C GLN B 55 8.00 -20.62 -43.60
N VAL B 56 7.88 -19.72 -42.65
CA VAL B 56 8.94 -19.51 -41.68
C VAL B 56 8.79 -20.40 -40.49
N GLU B 57 9.73 -21.29 -40.27
CA GLU B 57 9.66 -22.26 -39.21
C GLU B 57 10.35 -21.88 -37.90
N ASP B 58 11.17 -20.85 -37.89
CA ASP B 58 11.70 -20.32 -36.68
C ASP B 58 12.26 -18.94 -36.94
N VAL B 59 12.21 -18.06 -35.98
CA VAL B 59 12.89 -16.80 -36.04
C VAL B 59 13.93 -16.84 -34.94
N ILE B 60 15.19 -16.85 -35.33
CA ILE B 60 16.30 -16.94 -34.40
C ILE B 60 17.07 -15.63 -34.35
N LEU B 61 17.09 -15.00 -33.21
CA LEU B 61 17.63 -13.66 -33.07
C LEU B 61 18.72 -13.48 -32.07
N GLY B 62 19.82 -12.90 -32.49
CA GLY B 62 20.90 -12.58 -31.62
C GLY B 62 20.56 -11.34 -30.89
N HIS B 63 20.53 -11.47 -29.58
CA HIS B 63 20.19 -10.38 -28.71
C HIS B 63 21.07 -10.37 -27.46
N CYS B 64 21.84 -9.33 -27.33
CA CYS B 64 22.80 -9.24 -26.25
C CYS B 64 22.44 -8.69 -24.90
N TYR B 65 21.42 -7.87 -24.82
CA TYR B 65 21.03 -7.31 -23.57
C TYR B 65 19.57 -7.55 -23.44
N PRO B 66 19.18 -8.81 -23.31
CA PRO B 66 17.79 -9.14 -23.09
C PRO B 66 17.24 -8.77 -21.72
N ASN B 67 15.97 -8.42 -21.66
CA ASN B 67 15.24 -8.23 -20.44
C ASN B 67 13.79 -8.69 -20.51
N SER B 68 13.04 -8.54 -19.45
CA SER B 68 11.67 -9.00 -19.40
C SER B 68 10.66 -8.22 -20.22
N GLU B 69 11.10 -7.15 -20.84
CA GLU B 69 10.35 -6.43 -21.84
C GLU B 69 10.08 -7.27 -23.06
N ALA B 70 11.06 -8.06 -23.46
CA ALA B 70 10.92 -9.04 -24.53
C ALA B 70 11.63 -10.41 -24.33
N PRO B 71 11.00 -11.35 -23.66
CA PRO B 71 11.53 -12.70 -23.52
C PRO B 71 11.52 -13.44 -24.83
N ALA B 72 12.52 -14.27 -25.09
CA ALA B 72 12.64 -15.03 -26.33
C ALA B 72 12.43 -14.20 -27.58
N ILE B 73 13.25 -13.23 -27.79
CA ILE B 73 12.88 -12.06 -28.51
C ILE B 73 12.43 -12.37 -29.91
N GLY B 74 12.88 -13.48 -30.41
CA GLY B 74 12.51 -13.90 -31.73
C GLY B 74 11.06 -14.18 -31.90
N ARG B 75 10.46 -14.80 -30.91
CA ARG B 75 9.05 -15.01 -30.87
C ARG B 75 8.23 -13.73 -30.73
N VAL B 76 8.66 -12.80 -29.90
CA VAL B 76 7.97 -11.56 -29.78
C VAL B 76 7.97 -10.81 -31.07
N VAL B 77 9.10 -10.77 -31.74
CA VAL B 77 9.30 -10.04 -32.96
C VAL B 77 8.43 -10.57 -34.05
N ALA B 78 8.26 -11.87 -34.11
CA ALA B 78 7.38 -12.42 -35.09
C ALA B 78 5.95 -12.05 -34.87
N LEU B 79 5.54 -12.08 -33.62
CA LEU B 79 4.22 -11.76 -33.25
C LEU B 79 3.88 -10.31 -33.47
N ASP B 80 4.77 -9.44 -33.07
CA ASP B 80 4.61 -8.01 -33.18
C ASP B 80 4.64 -7.54 -34.59
N ALA B 81 5.24 -8.34 -35.43
CA ALA B 81 5.29 -8.08 -36.84
C ALA B 81 4.16 -8.74 -37.59
N GLY B 82 3.23 -9.29 -36.86
CA GLY B 82 2.04 -9.83 -37.42
C GLY B 82 2.13 -11.17 -38.05
N LEU B 83 3.14 -11.92 -37.69
CA LEU B 83 3.21 -13.29 -38.10
C LEU B 83 2.23 -14.11 -37.30
N PRO B 84 1.84 -15.23 -37.84
CA PRO B 84 0.88 -16.11 -37.21
C PRO B 84 1.45 -16.80 -35.98
N ILE B 85 0.61 -17.25 -35.09
CA ILE B 85 0.99 -17.76 -33.82
C ILE B 85 1.67 -19.11 -33.97
N THR B 86 1.70 -19.61 -35.19
CA THR B 86 2.28 -20.89 -35.50
C THR B 86 3.77 -20.85 -35.64
N VAL B 87 4.32 -19.66 -35.64
CA VAL B 87 5.70 -19.43 -35.94
C VAL B 87 6.51 -19.24 -34.67
N PRO B 88 7.40 -20.16 -34.38
CA PRO B 88 8.25 -20.08 -33.19
C PRO B 88 9.45 -19.18 -33.35
N GLY B 89 10.04 -18.77 -32.25
CA GLY B 89 11.19 -17.91 -32.21
C GLY B 89 11.95 -17.94 -30.92
N MET B 90 13.16 -17.42 -30.93
CA MET B 90 14.10 -17.56 -29.82
C MET B 90 15.20 -16.53 -29.75
N GLN B 91 16.02 -16.59 -28.72
CA GLN B 91 17.12 -15.67 -28.57
C GLN B 91 18.42 -16.38 -28.31
N VAL B 92 19.50 -15.84 -28.85
CA VAL B 92 20.82 -16.30 -28.53
C VAL B 92 21.78 -15.16 -28.24
N ASP B 93 22.70 -15.39 -27.32
CA ASP B 93 23.83 -14.52 -27.04
C ASP B 93 25.21 -15.17 -27.12
N ARG B 94 26.06 -14.68 -28.00
CA ARG B 94 27.46 -14.95 -27.96
C ARG B 94 28.21 -13.66 -28.15
N ARG B 95 27.82 -12.65 -27.39
CA ARG B 95 28.28 -11.28 -27.54
C ARG B 95 28.21 -10.75 -28.96
N CYS B 96 29.35 -10.30 -29.40
CA CYS B 96 29.53 -9.59 -30.60
C CYS B 96 29.35 -10.58 -31.80
N GLY B 97 29.34 -11.86 -31.53
CA GLY B 97 29.11 -12.87 -32.52
C GLY B 97 27.74 -13.48 -32.59
N SER B 98 26.81 -12.98 -31.80
CA SER B 98 25.45 -13.44 -31.67
C SER B 98 24.57 -13.45 -32.93
N GLY B 99 24.72 -12.45 -33.76
CA GLY B 99 24.12 -12.46 -35.05
C GLY B 99 24.56 -13.49 -36.06
N LEU B 100 25.85 -13.72 -36.17
CA LEU B 100 26.43 -14.81 -36.89
C LEU B 100 26.08 -16.13 -36.26
N GLN B 101 26.05 -16.18 -34.95
CA GLN B 101 25.64 -17.36 -34.28
C GLN B 101 24.21 -17.77 -34.60
N ALA B 102 23.32 -16.80 -34.77
CA ALA B 102 21.97 -17.06 -35.20
C ALA B 102 21.89 -17.67 -36.59
N VAL B 103 22.71 -17.18 -37.48
CA VAL B 103 22.87 -17.70 -38.80
C VAL B 103 23.40 -19.12 -38.85
N ILE B 104 24.42 -19.42 -38.08
CA ILE B 104 24.94 -20.75 -38.01
C ILE B 104 23.93 -21.74 -37.46
N GLN B 105 23.14 -21.35 -36.47
CA GLN B 105 22.10 -22.17 -35.97
C GLN B 105 21.06 -22.42 -37.03
N ALA B 106 20.71 -21.39 -37.77
CA ALA B 106 19.70 -21.49 -38.75
C ALA B 106 20.10 -22.46 -39.81
N CYS B 107 21.33 -22.32 -40.26
CA CYS B 107 21.97 -23.17 -41.25
C CYS B 107 22.07 -24.60 -40.78
N LEU B 108 22.40 -24.85 -39.54
CA LEU B 108 22.40 -26.17 -39.03
C LEU B 108 21.03 -26.85 -39.00
N GLN B 109 19.99 -26.14 -38.60
CA GLN B 109 18.62 -26.63 -38.59
C GLN B 109 18.12 -26.93 -39.97
N VAL B 110 18.53 -26.13 -40.92
CA VAL B 110 18.28 -26.33 -42.32
C VAL B 110 19.03 -27.47 -43.02
N ARG B 111 20.33 -27.57 -42.87
CA ARG B 111 21.12 -28.58 -43.56
C ARG B 111 20.76 -29.96 -43.10
N SER B 112 20.23 -29.98 -41.91
CA SER B 112 19.75 -31.08 -41.12
C SER B 112 18.60 -31.80 -41.81
N GLY B 113 17.81 -31.05 -42.54
CA GLY B 113 16.49 -31.44 -42.94
C GLY B 113 15.34 -31.20 -41.97
N ASP B 114 15.64 -30.68 -40.81
CA ASP B 114 14.67 -30.29 -39.82
C ASP B 114 13.75 -29.13 -40.19
N HIS B 115 14.24 -28.13 -40.87
CA HIS B 115 13.44 -27.02 -41.26
C HIS B 115 13.84 -26.82 -42.67
N ASP B 116 12.99 -26.24 -43.50
CA ASP B 116 13.36 -25.85 -44.84
C ASP B 116 13.66 -24.38 -44.96
N LEU B 117 13.03 -23.60 -44.12
CA LEU B 117 13.23 -22.18 -44.16
C LEU B 117 13.14 -21.52 -42.78
N VAL B 118 14.06 -20.66 -42.43
CA VAL B 118 14.01 -19.95 -41.18
C VAL B 118 14.42 -18.52 -41.35
N VAL B 119 14.18 -17.70 -40.35
CA VAL B 119 14.69 -16.35 -40.32
C VAL B 119 15.74 -16.25 -39.25
N ALA B 120 16.86 -15.63 -39.58
CA ALA B 120 17.91 -15.36 -38.68
C ALA B 120 18.23 -13.91 -38.73
N GLY B 121 18.47 -13.35 -37.58
CA GLY B 121 18.62 -11.95 -37.36
C GLY B 121 19.30 -11.60 -36.09
N GLY B 122 19.35 -10.33 -35.80
CA GLY B 122 19.74 -9.77 -34.55
C GLY B 122 19.14 -8.42 -34.36
N ALA B 123 18.96 -8.03 -33.14
CA ALA B 123 18.42 -6.75 -32.79
C ALA B 123 19.03 -6.24 -31.55
N GLU B 124 19.51 -5.03 -31.56
CA GLU B 124 19.97 -4.40 -30.37
C GLU B 124 19.58 -2.96 -30.29
N SER B 125 19.09 -2.53 -29.14
CA SER B 125 18.98 -1.13 -28.82
C SER B 125 19.88 -0.83 -27.67
N MET B 126 21.03 -0.29 -27.92
CA MET B 126 21.93 0.06 -26.84
C MET B 126 21.48 1.26 -26.06
N SER B 127 20.65 2.04 -26.67
CA SER B 127 20.08 3.20 -26.06
C SER B 127 19.26 2.83 -24.86
N ASN B 128 18.59 1.72 -24.96
CA ASN B 128 17.59 1.36 -24.03
C ASN B 128 17.90 0.19 -23.17
N VAL B 129 19.17 -0.15 -23.08
CA VAL B 129 19.61 -1.24 -22.26
C VAL B 129 19.37 -0.90 -20.80
N ALA B 130 18.79 -1.84 -20.08
CA ALA B 130 18.37 -1.66 -18.73
C ALA B 130 19.47 -1.47 -17.73
N PHE B 131 19.13 -0.81 -16.66
CA PHE B 131 19.94 -0.74 -15.49
C PHE B 131 19.31 -1.72 -14.55
N TYR B 132 20.10 -2.40 -13.74
CA TYR B 132 19.61 -3.53 -12.95
C TYR B 132 20.25 -3.63 -11.58
N SER B 133 19.60 -4.33 -10.66
CA SER B 133 20.15 -4.61 -9.37
C SER B 133 19.80 -5.99 -8.92
N THR B 134 20.69 -6.61 -8.19
CA THR B 134 20.44 -7.88 -7.59
C THR B 134 20.36 -7.77 -6.08
N ASP B 135 20.25 -6.54 -5.63
CA ASP B 135 20.24 -6.26 -4.24
C ASP B 135 18.80 -5.94 -3.76
N MET B 136 17.94 -5.58 -4.69
CA MET B 136 16.57 -5.22 -4.37
C MET B 136 15.64 -6.28 -3.86
N ARG B 137 15.79 -7.48 -4.34
CA ARG B 137 14.85 -8.54 -4.08
C ARG B 137 14.73 -9.02 -2.64
N TRP B 138 15.85 -9.21 -1.99
CA TRP B 138 15.89 -9.63 -0.62
C TRP B 138 16.35 -8.50 0.30
N GLY B 139 16.57 -7.36 -0.30
CA GLY B 139 16.91 -6.21 0.46
C GLY B 139 18.36 -6.00 0.62
N GLY B 140 18.71 -4.74 0.82
CA GLY B 140 20.05 -4.23 0.93
C GLY B 140 20.32 -3.67 2.28
N ALA B 141 19.52 -4.12 3.20
CA ALA B 141 19.52 -3.61 4.55
C ALA B 141 20.84 -3.78 5.20
N ARG B 142 21.56 -4.84 4.83
CA ARG B 142 22.90 -5.04 5.32
C ARG B 142 23.99 -4.68 4.35
N THR B 143 23.80 -4.97 3.07
CA THR B 143 24.86 -4.89 2.07
C THR B 143 25.04 -3.58 1.35
N GLY B 144 23.97 -2.83 1.26
CA GLY B 144 23.88 -1.76 0.35
C GLY B 144 23.23 -2.18 -0.94
N VAL B 145 23.02 -1.22 -1.81
CA VAL B 145 22.43 -1.43 -3.11
C VAL B 145 23.27 -0.85 -4.22
N GLN B 146 23.57 -1.68 -5.20
CA GLN B 146 24.20 -1.21 -6.38
C GLN B 146 23.18 -1.37 -7.44
N ILE B 147 23.23 -0.46 -8.39
CA ILE B 147 22.52 -0.54 -9.64
C ILE B 147 23.57 -0.46 -10.71
N HIS B 148 23.56 -1.41 -11.62
CA HIS B 148 24.54 -1.51 -12.67
C HIS B 148 23.98 -1.13 -14.00
N ASP B 149 24.75 -0.39 -14.74
CA ASP B 149 24.48 -0.18 -16.13
C ASP B 149 24.78 -1.45 -16.86
N GLY B 150 23.85 -1.89 -17.67
CA GLY B 150 24.01 -3.12 -18.40
C GLY B 150 25.16 -3.11 -19.38
N LEU B 151 25.39 -2.00 -20.04
CA LEU B 151 26.53 -1.93 -20.90
C LEU B 151 27.85 -1.96 -20.20
N ALA B 152 28.06 -1.06 -19.26
CA ALA B 152 29.35 -0.96 -18.60
C ALA B 152 29.74 -2.12 -17.74
N ARG B 153 28.78 -2.65 -17.04
CA ARG B 153 28.95 -3.79 -16.19
C ARG B 153 29.31 -5.07 -16.94
N GLY B 154 28.73 -5.28 -18.09
CA GLY B 154 28.99 -6.41 -18.94
C GLY B 154 30.40 -6.54 -19.45
N ARG B 155 31.02 -5.41 -19.67
CA ARG B 155 32.36 -5.32 -20.14
C ARG B 155 33.41 -5.80 -19.16
N THR B 156 33.08 -5.77 -17.89
CA THR B 156 33.97 -6.26 -16.89
C THR B 156 33.79 -7.69 -16.47
N THR B 157 32.62 -8.25 -16.65
CA THR B 157 32.30 -9.54 -16.14
C THR B 157 32.39 -10.69 -17.12
N ALA B 158 32.53 -10.39 -18.37
CA ALA B 158 32.47 -11.38 -19.41
C ALA B 158 33.56 -12.41 -19.28
N GLY B 159 34.66 -12.08 -18.65
CA GLY B 159 35.70 -13.05 -18.42
C GLY B 159 35.55 -13.85 -17.17
N GLY B 160 34.59 -13.53 -16.34
CA GLY B 160 34.41 -14.22 -15.09
C GLY B 160 35.31 -13.75 -14.01
N LYS B 161 35.27 -14.42 -12.88
CA LYS B 161 36.08 -14.06 -11.73
C LYS B 161 37.58 -14.31 -11.78
N PHE B 162 38.05 -15.19 -12.63
CA PHE B 162 39.49 -15.39 -12.76
C PHE B 162 40.16 -14.55 -13.79
N HIS B 163 39.38 -13.90 -14.62
CA HIS B 163 39.83 -12.96 -15.64
C HIS B 163 39.01 -11.68 -15.71
N PRO B 164 39.14 -10.80 -14.74
CA PRO B 164 38.37 -9.56 -14.78
C PRO B 164 39.08 -8.51 -15.60
N VAL B 165 38.35 -7.68 -16.30
CA VAL B 165 38.98 -6.60 -17.00
C VAL B 165 38.36 -5.30 -16.60
N PRO B 166 38.91 -4.64 -15.61
CA PRO B 166 38.29 -3.47 -15.02
C PRO B 166 38.18 -2.40 -16.07
N GLY B 167 39.15 -2.43 -16.95
CA GLY B 167 39.22 -1.58 -18.10
C GLY B 167 38.16 -1.78 -19.14
N GLY B 168 37.56 -2.96 -19.18
CA GLY B 168 36.56 -3.24 -20.17
C GLY B 168 37.14 -3.63 -21.49
N MET B 169 36.40 -3.39 -22.53
CA MET B 169 36.86 -3.69 -23.86
C MET B 169 37.99 -2.80 -24.30
N LEU B 170 38.04 -1.61 -23.76
CA LEU B 170 39.04 -0.63 -24.06
C LEU B 170 40.39 -1.10 -23.65
N GLU B 171 40.46 -1.67 -22.46
CA GLU B 171 41.68 -2.22 -21.93
C GLU B 171 42.22 -3.38 -22.74
N THR B 172 41.36 -4.23 -23.29
CA THR B 172 41.75 -5.28 -24.19
C THR B 172 42.36 -4.73 -25.46
N ALA B 173 41.74 -3.72 -26.05
CA ALA B 173 42.25 -3.05 -27.20
C ALA B 173 43.61 -2.36 -27.02
N GLU B 174 43.80 -1.67 -25.91
CA GLU B 174 45.10 -1.15 -25.50
C GLU B 174 46.13 -2.26 -25.20
N ASN B 175 45.68 -3.39 -24.71
CA ASN B 175 46.55 -4.53 -24.59
C ASN B 175 47.05 -5.03 -25.93
N LEU B 176 46.18 -5.01 -26.91
CA LEU B 176 46.56 -5.37 -28.25
C LEU B 176 47.50 -4.41 -28.97
N ARG B 177 47.26 -3.12 -28.88
CA ARG B 177 48.21 -2.20 -29.43
C ARG B 177 49.55 -2.18 -28.76
N ARG B 178 49.60 -2.47 -27.48
CA ARG B 178 50.85 -2.63 -26.85
C ARG B 178 51.61 -3.83 -27.34
N GLU B 179 50.96 -4.96 -27.34
CA GLU B 179 51.58 -6.19 -27.74
C GLU B 179 52.00 -6.23 -29.20
N TYR B 180 51.24 -5.59 -30.06
CA TYR B 180 51.45 -5.72 -31.48
C TYR B 180 52.20 -4.58 -32.07
N HIS B 181 52.55 -3.65 -31.21
CA HIS B 181 53.02 -2.13 -31.22
CA HIS B 181 53.07 -2.07 -31.22
C HIS B 181 52.22 -1.14 -32.20
N ILE B 182 50.93 -1.02 -32.20
CA ILE B 182 50.25 -0.37 -33.26
C ILE B 182 50.20 1.09 -32.95
N SER B 183 50.69 1.89 -33.86
CA SER B 183 50.79 3.32 -33.69
C SER B 183 49.42 3.97 -33.72
N ARG B 184 49.30 5.15 -33.16
CA ARG B 184 48.06 5.91 -33.20
C ARG B 184 47.67 6.31 -34.59
N THR B 185 48.65 6.64 -35.41
CA THR B 185 48.38 7.06 -36.76
C THR B 185 47.73 5.96 -37.59
N GLU B 186 48.22 4.75 -37.47
CA GLU B 186 47.67 3.62 -38.16
C GLU B 186 46.23 3.39 -37.75
N GLN B 187 45.95 3.56 -36.47
CA GLN B 187 44.61 3.43 -35.95
C GLN B 187 43.68 4.48 -36.50
N ASP B 188 44.12 5.69 -36.48
CA ASP B 188 43.37 6.75 -37.07
C ASP B 188 43.22 6.62 -38.57
N GLU B 189 44.20 6.09 -39.26
CA GLU B 189 44.08 5.87 -40.70
C GLU B 189 43.01 4.88 -41.07
N LEU B 190 42.94 3.80 -40.33
CA LEU B 190 41.92 2.82 -40.52
C LEU B 190 40.54 3.40 -40.32
N ALA B 191 40.35 4.23 -39.31
CA ALA B 191 39.10 4.83 -39.05
C ALA B 191 38.66 5.70 -40.19
N VAL B 192 39.59 6.42 -40.78
CA VAL B 192 39.29 7.26 -41.88
C VAL B 192 38.81 6.49 -43.08
N ARG B 193 39.43 5.38 -43.37
CA ARG B 193 39.02 4.56 -44.47
C ARG B 193 37.62 4.09 -44.24
N SER B 194 37.30 3.74 -43.02
CA SER B 194 36.01 3.19 -42.66
C SER B 194 34.90 4.17 -42.89
N HIS B 195 35.12 5.42 -42.56
CA HIS B 195 34.21 6.49 -42.89
C HIS B 195 34.08 6.80 -44.35
N GLN B 196 35.20 6.78 -45.06
CA GLN B 196 35.18 7.00 -46.47
C GLN B 196 34.48 5.89 -47.24
N ARG B 197 34.74 4.65 -46.88
CA ARG B 197 34.08 3.55 -47.51
C ARG B 197 32.62 3.56 -47.22
N ALA B 198 32.25 3.83 -46.01
CA ALA B 198 30.86 3.88 -45.67
C ALA B 198 30.11 4.95 -46.41
N VAL B 199 30.67 6.13 -46.46
CA VAL B 199 30.11 7.28 -47.17
C VAL B 199 30.05 7.04 -48.67
N ALA B 200 31.07 6.41 -49.20
CA ALA B 200 31.09 6.03 -50.59
C ALA B 200 29.98 5.04 -50.93
N ALA B 201 29.72 4.10 -50.05
CA ALA B 201 28.67 3.13 -50.27
C ALA B 201 27.34 3.80 -50.34
N GLN B 202 27.14 4.81 -49.51
CA GLN B 202 25.99 5.67 -49.56
C GLN B 202 25.92 6.49 -50.90
N SER B 203 26.96 7.10 -51.51
N SER B 203 26.86 7.20 -51.60
CA SER B 203 26.83 7.95 -52.64
CA SER B 203 26.64 8.04 -52.75
C SER B 203 26.36 7.26 -53.90
C SER B 203 26.22 7.27 -53.99
N GLU B 204 26.86 6.09 -54.17
CA GLU B 204 27.04 4.95 -55.03
C GLU B 204 25.80 4.12 -55.12
N GLY B 205 24.95 4.21 -54.11
CA GLY B 205 23.65 3.60 -54.09
C GLY B 205 23.51 2.17 -53.65
N VAL B 206 24.61 1.52 -53.38
CA VAL B 206 24.59 0.14 -52.92
C VAL B 206 23.95 -0.12 -51.59
N LEU B 207 24.03 0.84 -50.70
CA LEU B 207 23.50 0.70 -49.37
C LEU B 207 22.01 0.49 -49.33
N ALA B 208 21.30 1.04 -50.29
CA ALA B 208 19.88 0.90 -50.33
C ALA B 208 19.48 -0.55 -50.46
N GLU B 209 20.34 -1.35 -51.06
CA GLU B 209 20.08 -2.76 -51.26
C GLU B 209 19.94 -3.50 -49.98
N GLU B 210 20.77 -3.17 -49.01
CA GLU B 210 20.71 -3.60 -47.63
C GLU B 210 19.59 -3.08 -46.71
N ILE B 211 19.21 -1.83 -46.84
CA ILE B 211 18.45 -1.10 -45.83
C ILE B 211 16.96 -1.19 -45.87
N ILE B 212 16.34 -1.49 -44.73
CA ILE B 212 14.90 -1.36 -44.62
C ILE B 212 14.67 -0.04 -43.96
N PRO B 213 14.02 0.89 -44.61
CA PRO B 213 13.77 2.18 -44.00
C PRO B 213 12.88 2.12 -42.77
N VAL B 214 13.21 2.91 -41.78
CA VAL B 214 12.47 2.90 -40.56
C VAL B 214 11.61 4.15 -40.37
N PRO B 215 10.37 3.95 -39.97
CA PRO B 215 9.50 5.07 -39.60
C PRO B 215 9.56 5.43 -38.13
N VAL B 216 9.75 6.71 -37.84
CA VAL B 216 9.62 7.28 -36.49
C VAL B 216 8.63 8.44 -36.40
N ARG B 217 8.01 8.57 -35.24
CA ARG B 217 6.91 9.48 -35.02
C ARG B 217 7.28 10.65 -34.12
N GLU B 222 5.49 12.39 -38.60
CA GLU B 222 6.18 11.17 -38.99
C GLU B 222 7.29 11.42 -39.97
N GLU B 223 8.46 10.87 -39.70
CA GLU B 223 9.57 10.84 -40.65
C GLU B 223 10.19 9.45 -40.87
N THR B 224 10.66 9.18 -42.07
CA THR B 224 11.22 7.88 -42.41
C THR B 224 12.75 7.91 -42.59
N ILE B 225 13.46 7.00 -41.96
CA ILE B 225 14.92 7.03 -42.00
C ILE B 225 15.56 5.93 -42.81
N SER B 226 16.46 6.34 -43.68
CA SER B 226 17.14 5.43 -44.57
C SER B 226 18.63 5.44 -44.44
N VAL B 227 19.18 6.38 -43.72
CA VAL B 227 20.61 6.57 -43.70
C VAL B 227 21.21 6.34 -42.33
N ASP B 228 22.32 5.65 -42.27
CA ASP B 228 22.99 5.39 -41.01
C ASP B 228 23.45 6.70 -40.44
N GLU B 229 23.32 6.82 -39.13
CA GLU B 229 23.62 8.04 -38.42
C GLU B 229 25.08 8.50 -38.28
N HIS B 230 25.99 7.62 -37.90
CA HIS B 230 27.40 7.91 -37.61
C HIS B 230 28.39 8.33 -38.71
N PRO B 231 28.34 7.72 -39.88
CA PRO B 231 29.35 8.04 -40.88
C PRO B 231 29.35 9.48 -41.32
N ARG B 232 30.56 10.00 -41.41
CA ARG B 232 30.85 11.36 -41.83
C ARG B 232 31.89 11.42 -42.94
N ALA B 233 31.56 12.15 -43.99
CA ALA B 233 32.49 12.40 -45.08
C ALA B 233 33.74 13.18 -44.71
N ASP B 234 33.61 14.12 -43.80
CA ASP B 234 34.72 15.00 -43.46
C ASP B 234 35.89 14.42 -42.67
N THR B 235 35.75 13.23 -42.15
CA THR B 235 36.72 12.69 -41.22
C THR B 235 38.14 12.66 -41.78
N THR B 236 39.13 13.13 -41.02
CA THR B 236 40.51 13.19 -41.45
C THR B 236 41.42 12.72 -40.39
N VAL B 237 42.64 12.35 -40.74
CA VAL B 237 43.56 11.90 -39.74
C VAL B 237 43.89 12.98 -38.74
N GLU B 238 44.08 14.19 -39.23
CA GLU B 238 44.44 15.32 -38.42
C GLU B 238 43.38 15.66 -37.43
N ALA B 239 42.13 15.68 -37.85
CA ALA B 239 41.06 15.91 -36.94
C ALA B 239 41.01 14.83 -35.87
N LEU B 240 41.26 13.60 -36.25
CA LEU B 240 41.26 12.48 -35.34
C LEU B 240 42.34 12.53 -34.28
N ALA B 241 43.47 13.11 -34.63
CA ALA B 241 44.65 13.19 -33.80
C ALA B 241 44.41 14.02 -32.62
N LYS B 242 43.46 14.92 -32.78
CA LYS B 242 43.07 15.85 -31.76
C LYS B 242 42.31 15.24 -30.62
N LEU B 243 41.77 14.04 -30.78
CA LEU B 243 40.97 13.41 -29.76
C LEU B 243 41.85 12.84 -28.68
N LYS B 244 41.28 12.58 -27.52
CA LYS B 244 42.07 12.16 -26.42
C LYS B 244 41.76 10.77 -26.02
N PRO B 245 42.78 9.99 -25.83
CA PRO B 245 42.56 8.58 -25.55
C PRO B 245 41.81 8.41 -24.26
N VAL B 246 40.83 7.53 -24.29
CA VAL B 246 39.93 7.38 -23.19
C VAL B 246 40.71 7.00 -21.95
N LEU B 247 41.76 6.24 -22.09
CA LEU B 247 42.48 5.67 -20.97
C LEU B 247 43.86 6.29 -20.73
N LEU B 248 44.05 7.50 -21.18
CA LEU B 248 45.30 8.23 -21.03
C LEU B 248 45.75 8.55 -19.61
N LYS B 249 44.81 8.74 -18.73
CA LYS B 249 45.17 9.13 -17.42
C LYS B 249 46.05 8.04 -16.86
N GLN B 250 45.64 6.80 -17.02
CA GLN B 250 46.39 5.67 -16.53
C GLN B 250 47.42 5.07 -17.46
N ASP B 251 47.39 5.41 -18.73
CA ASP B 251 48.41 4.91 -19.63
C ASP B 251 48.90 6.05 -20.44
N PRO B 252 50.14 6.44 -20.27
CA PRO B 252 50.74 7.50 -21.07
C PRO B 252 50.80 7.11 -22.53
N GLU B 253 50.87 5.83 -22.83
CA GLU B 253 51.05 5.43 -24.21
C GLU B 253 49.70 5.20 -24.95
N ALA B 254 48.60 5.54 -24.32
CA ALA B 254 47.29 5.17 -24.79
C ALA B 254 46.94 5.72 -26.13
N THR B 255 46.28 4.91 -26.97
CA THR B 255 45.86 5.33 -28.31
C THR B 255 44.38 5.34 -28.61
N VAL B 256 43.63 4.50 -27.94
CA VAL B 256 42.26 4.26 -28.32
C VAL B 256 41.33 5.37 -27.88
N THR B 257 40.54 5.85 -28.80
CA THR B 257 39.68 6.97 -28.61
C THR B 257 38.30 6.68 -29.15
N ALA B 258 37.39 7.62 -28.94
CA ALA B 258 36.04 7.56 -29.47
C ALA B 258 36.01 7.56 -30.97
N GLY B 259 36.95 8.24 -31.56
CA GLY B 259 37.16 8.29 -32.99
C GLY B 259 37.58 7.06 -33.73
N ASN B 260 38.42 6.25 -33.11
CA ASN B 260 38.96 5.02 -33.68
C ASN B 260 38.42 3.74 -33.05
N SER B 261 37.31 3.84 -32.35
CA SER B 261 36.65 2.72 -31.75
C SER B 261 35.25 2.80 -32.21
N SER B 262 34.54 1.70 -32.16
CA SER B 262 33.13 1.75 -32.42
C SER B 262 32.34 2.19 -31.21
N GLY B 263 31.18 2.73 -31.50
CA GLY B 263 30.26 3.23 -30.51
C GLY B 263 29.29 2.22 -29.98
N GLN B 264 28.21 2.74 -29.45
CA GLN B 264 27.12 1.95 -28.97
C GLN B 264 25.94 2.34 -29.79
N ASN B 265 25.22 1.37 -30.32
CA ASN B 265 24.39 1.60 -31.47
C ASN B 265 23.08 0.88 -31.43
N ASP B 266 22.15 1.28 -32.28
CA ASP B 266 20.82 0.69 -32.34
C ASP B 266 20.44 0.16 -33.70
N ALA B 267 20.14 -1.13 -33.85
CA ALA B 267 19.79 -1.70 -35.14
C ALA B 267 19.18 -3.08 -35.15
N ALA B 268 18.68 -3.51 -36.28
CA ALA B 268 18.25 -4.87 -36.50
C ALA B 268 18.64 -5.41 -37.86
N SER B 269 18.84 -6.71 -37.91
CA SER B 269 19.23 -7.42 -39.08
C SER B 269 18.41 -8.66 -39.22
N MET B 270 17.95 -8.94 -40.41
CA MET B 270 17.20 -10.12 -40.72
C MET B 270 17.60 -10.72 -42.05
N CYS B 271 17.49 -12.01 -42.15
CA CYS B 271 17.71 -12.67 -43.39
C CYS B 271 16.95 -13.96 -43.42
N ILE B 272 16.89 -14.54 -44.59
CA ILE B 272 16.24 -15.79 -44.80
C ILE B 272 17.35 -16.81 -44.92
N VAL B 273 17.17 -17.94 -44.28
CA VAL B 273 18.04 -19.08 -44.39
C VAL B 273 17.22 -20.27 -44.92
N THR B 274 17.68 -20.92 -45.95
CA THR B 274 16.95 -21.97 -46.55
C THR B 274 17.85 -22.82 -47.41
N THR B 275 17.31 -23.87 -47.95
CA THR B 275 17.93 -24.61 -48.99
C THR B 275 17.75 -24.07 -50.37
N PRO B 276 18.60 -24.53 -51.25
CA PRO B 276 18.52 -24.16 -52.65
C PRO B 276 17.26 -24.64 -53.32
N GLU B 277 16.82 -25.81 -52.95
CA GLU B 277 15.60 -26.36 -53.45
C GLU B 277 14.38 -25.57 -53.02
N LYS B 278 14.26 -25.25 -51.75
CA LYS B 278 13.17 -24.46 -51.27
C LYS B 278 13.17 -23.04 -51.81
N ALA B 279 14.36 -22.48 -51.94
CA ALA B 279 14.57 -21.21 -52.55
C ALA B 279 14.18 -21.23 -54.01
N ALA B 280 14.48 -22.29 -54.71
CA ALA B 280 14.08 -22.41 -56.08
C ALA B 280 12.58 -22.41 -56.18
N GLU B 281 11.93 -23.07 -55.26
CA GLU B 281 10.51 -23.12 -55.21
C GLU B 281 9.80 -21.82 -54.98
N LEU B 282 10.34 -21.00 -54.13
CA LEU B 282 9.70 -19.79 -53.75
C LEU B 282 10.07 -18.66 -54.67
N GLY B 283 10.84 -18.99 -55.68
CA GLY B 283 11.44 -18.03 -56.56
C GLY B 283 12.29 -17.04 -55.81
N LEU B 284 12.96 -17.48 -54.75
CA LEU B 284 13.91 -16.66 -54.03
C LEU B 284 15.25 -16.58 -54.71
N LYS B 285 16.04 -15.58 -54.38
CA LYS B 285 17.36 -15.47 -54.98
C LYS B 285 18.46 -15.66 -53.99
N PRO B 286 18.97 -16.87 -53.84
CA PRO B 286 20.04 -17.12 -52.89
C PRO B 286 21.34 -16.45 -53.25
N LEU B 287 21.99 -15.86 -52.29
CA LEU B 287 23.20 -15.16 -52.55
C LEU B 287 24.46 -15.93 -52.26
N VAL B 288 24.52 -16.55 -51.12
CA VAL B 288 25.68 -17.27 -50.73
C VAL B 288 25.25 -18.53 -50.04
N ARG B 289 26.10 -19.50 -50.01
CA ARG B 289 25.89 -20.66 -49.22
C ARG B 289 26.96 -20.68 -48.15
N LEU B 290 26.70 -21.33 -47.03
CA LEU B 290 27.64 -21.39 -45.95
C LEU B 290 28.54 -22.54 -46.15
N VAL B 291 29.80 -22.29 -46.47
CA VAL B 291 30.80 -23.34 -46.50
C VAL B 291 31.28 -23.96 -45.18
N SER B 292 31.67 -23.12 -44.23
CA SER B 292 32.22 -23.51 -42.94
C SER B 292 32.16 -22.45 -41.91
N TRP B 293 32.35 -22.84 -40.68
CA TRP B 293 32.48 -21.93 -39.61
C TRP B 293 33.46 -22.39 -38.54
N GLY B 294 34.03 -21.44 -37.84
CA GLY B 294 34.85 -21.70 -36.70
C GLY B 294 34.62 -20.88 -35.46
N SER B 295 34.78 -21.51 -34.34
CA SER B 295 34.75 -20.86 -33.08
C SER B 295 35.95 -21.17 -32.24
N ALA B 296 36.32 -20.21 -31.42
CA ALA B 296 37.50 -20.23 -30.60
C ALA B 296 37.37 -19.46 -29.28
N GLY B 297 38.10 -19.95 -28.31
CA GLY B 297 38.41 -19.25 -27.10
C GLY B 297 39.81 -18.68 -27.04
N VAL B 298 39.89 -17.41 -26.72
CA VAL B 298 41.11 -16.70 -26.36
C VAL B 298 41.11 -16.11 -24.94
N ALA B 299 42.21 -15.56 -24.51
CA ALA B 299 42.26 -14.89 -23.23
C ALA B 299 41.31 -13.71 -23.19
N PRO B 300 40.57 -13.52 -22.13
CA PRO B 300 39.66 -12.39 -22.01
C PRO B 300 40.32 -11.03 -22.05
N ASP B 301 41.51 -10.87 -21.48
CA ASP B 301 42.27 -9.64 -21.61
C ASP B 301 42.79 -9.33 -23.03
N LEU B 302 42.79 -10.34 -23.87
CA LEU B 302 43.15 -10.25 -25.26
C LEU B 302 42.07 -10.60 -26.28
N MET B 303 40.82 -10.31 -25.99
CA MET B 303 39.67 -10.78 -26.70
C MET B 303 39.58 -10.42 -28.16
N GLY B 304 40.25 -9.35 -28.53
CA GLY B 304 40.20 -8.80 -29.85
C GLY B 304 40.83 -9.63 -30.92
N ILE B 305 41.63 -10.57 -30.49
CA ILE B 305 42.39 -11.44 -31.33
C ILE B 305 41.63 -12.73 -31.72
N GLY B 306 40.43 -12.91 -31.20
CA GLY B 306 39.67 -14.12 -31.32
C GLY B 306 39.40 -14.50 -32.74
N PRO B 307 39.32 -13.57 -33.65
CA PRO B 307 39.16 -13.94 -35.03
C PRO B 307 40.28 -14.80 -35.55
N VAL B 308 41.48 -14.64 -35.08
CA VAL B 308 42.56 -15.36 -35.65
C VAL B 308 42.48 -16.87 -35.50
N PRO B 309 42.28 -17.41 -34.31
CA PRO B 309 42.04 -18.83 -34.16
C PRO B 309 40.75 -19.31 -34.78
N ALA B 310 39.72 -18.50 -34.75
CA ALA B 310 38.45 -18.80 -35.35
C ALA B 310 38.43 -18.86 -36.86
N THR B 311 39.12 -17.96 -37.50
CA THR B 311 39.31 -17.99 -38.90
C THR B 311 40.10 -19.21 -39.29
N GLU B 312 41.06 -19.59 -38.51
CA GLU B 312 41.87 -20.71 -38.80
C GLU B 312 41.06 -21.96 -38.83
N VAL B 313 40.17 -22.13 -37.87
CA VAL B 313 39.35 -23.29 -37.81
C VAL B 313 38.44 -23.40 -39.00
N ALA B 314 37.77 -22.31 -39.35
CA ALA B 314 36.87 -22.24 -40.46
C ALA B 314 37.52 -22.45 -41.81
N LEU B 315 38.64 -21.82 -42.04
CA LEU B 315 39.43 -22.03 -43.24
C LEU B 315 39.92 -23.46 -43.39
N ALA B 316 40.36 -24.06 -42.30
CA ALA B 316 40.75 -25.44 -42.26
C ALA B 316 39.65 -26.45 -42.54
N LYS B 317 38.49 -26.25 -41.98
CA LYS B 317 37.36 -27.05 -42.27
C LYS B 317 36.96 -26.95 -43.72
N ALA B 318 37.19 -25.81 -44.33
CA ALA B 318 36.82 -25.62 -45.70
C ALA B 318 37.85 -26.11 -46.70
N GLY B 319 38.98 -26.60 -46.23
CA GLY B 319 40.14 -26.83 -47.07
C GLY B 319 40.70 -25.60 -47.72
N LEU B 320 40.68 -24.50 -47.03
CA LEU B 320 40.87 -23.25 -47.66
C LEU B 320 41.96 -22.47 -46.97
N THR B 321 42.42 -21.46 -47.65
CA THR B 321 43.50 -20.67 -47.20
C THR B 321 43.02 -19.28 -47.33
N LEU B 322 43.64 -18.40 -46.60
CA LEU B 322 43.35 -16.99 -46.57
C LEU B 322 43.62 -16.30 -47.87
N ALA B 323 44.57 -16.81 -48.61
CA ALA B 323 44.85 -16.34 -49.95
C ALA B 323 43.68 -16.59 -50.88
N ASP B 324 42.91 -17.62 -50.59
CA ASP B 324 41.74 -18.04 -51.33
C ASP B 324 40.49 -17.14 -51.16
N ILE B 325 40.55 -16.20 -50.25
CA ILE B 325 39.42 -15.41 -49.89
C ILE B 325 39.35 -14.10 -50.58
N ASP B 326 38.33 -13.94 -51.40
CA ASP B 326 38.04 -12.72 -52.11
C ASP B 326 37.66 -11.49 -51.30
N LEU B 327 36.90 -11.67 -50.23
CA LEU B 327 36.35 -10.59 -49.46
C LEU B 327 36.34 -10.92 -48.00
N ILE B 328 36.68 -9.97 -47.16
CA ILE B 328 36.60 -10.18 -45.72
C ILE B 328 35.77 -9.15 -45.03
N GLU B 329 34.88 -9.57 -44.16
CA GLU B 329 34.26 -8.68 -43.24
C GLU B 329 34.80 -9.00 -41.87
N LEU B 330 35.57 -8.08 -41.31
CA LEU B 330 36.12 -8.19 -39.98
C LEU B 330 35.59 -7.09 -39.16
N ASN B 331 35.03 -7.37 -38.00
CA ASN B 331 34.54 -6.30 -37.17
C ASN B 331 35.63 -5.31 -36.70
N GLU B 332 35.41 -4.04 -36.93
CA GLU B 332 36.26 -3.04 -36.37
C GLU B 332 35.72 -2.55 -35.02
N ALA B 333 35.80 -3.38 -34.01
CA ALA B 333 35.45 -2.97 -32.68
C ALA B 333 36.34 -1.87 -32.11
N PHE B 334 37.64 -1.98 -32.26
CA PHE B 334 38.59 -0.91 -32.10
C PHE B 334 39.56 -1.02 -33.24
N ALA B 335 40.10 0.07 -33.74
CA ALA B 335 40.99 -0.01 -34.87
C ALA B 335 42.17 -0.84 -34.53
N ALA B 336 42.58 -0.76 -33.30
CA ALA B 336 43.70 -1.48 -32.80
C ALA B 336 43.55 -2.97 -32.80
N GLN B 337 42.37 -3.43 -32.44
CA GLN B 337 42.02 -4.82 -32.45
C GLN B 337 42.00 -5.42 -33.83
N ALA B 338 41.38 -4.74 -34.75
CA ALA B 338 41.34 -5.16 -36.10
C ALA B 338 42.71 -5.17 -36.75
N LEU B 339 43.50 -4.17 -36.43
CA LEU B 339 44.84 -4.04 -36.94
C LEU B 339 45.70 -5.16 -36.47
N ALA B 340 45.51 -5.58 -35.25
CA ALA B 340 46.17 -6.71 -34.67
C ALA B 340 45.87 -8.03 -35.35
N VAL B 341 44.62 -8.26 -35.70
CA VAL B 341 44.21 -9.42 -36.46
C VAL B 341 44.87 -9.40 -37.84
N MET B 342 44.86 -8.27 -38.48
CA MET B 342 45.44 -8.10 -39.78
C MET B 342 46.94 -8.35 -39.79
N ARG B 343 47.62 -8.10 -38.69
CA ARG B 343 49.00 -8.41 -38.51
C ARG B 343 49.31 -9.88 -38.47
N GLU B 344 48.51 -10.59 -37.75
CA GLU B 344 48.57 -12.01 -37.65
C GLU B 344 48.37 -12.60 -39.00
N TRP B 345 47.57 -11.94 -39.79
CA TRP B 345 47.19 -12.39 -41.09
C TRP B 345 48.20 -12.00 -42.19
N LYS B 346 49.25 -11.30 -41.79
CA LYS B 346 50.31 -10.83 -42.66
C LYS B 346 49.81 -10.02 -43.81
N PHE B 347 48.89 -9.16 -43.53
CA PHE B 347 48.35 -8.30 -44.52
C PHE B 347 49.32 -7.25 -45.07
N GLY B 348 49.18 -6.96 -46.34
CA GLY B 348 49.90 -5.93 -47.07
C GLY B 348 48.88 -4.99 -47.63
N GLU B 349 49.28 -3.97 -48.37
CA GLU B 349 48.40 -2.86 -48.78
C GLU B 349 47.25 -3.31 -49.58
N ALA B 350 47.49 -4.30 -50.38
CA ALA B 350 46.49 -4.84 -51.24
C ALA B 350 45.35 -5.46 -50.48
N ASP B 351 45.64 -5.98 -49.32
CA ASP B 351 44.67 -6.69 -48.51
C ASP B 351 43.52 -5.80 -48.01
N HIS B 352 43.85 -4.57 -47.71
CA HIS B 352 42.92 -3.56 -47.27
C HIS B 352 41.94 -3.28 -48.36
N GLU B 353 42.30 -3.63 -49.56
CA GLU B 353 41.48 -3.58 -50.73
C GLU B 353 40.25 -4.50 -50.73
N ARG B 354 40.39 -5.64 -50.10
CA ARG B 354 39.36 -6.64 -50.05
C ARG B 354 38.67 -6.83 -48.68
N THR B 355 38.90 -5.92 -47.75
CA THR B 355 38.45 -6.05 -46.39
C THR B 355 37.61 -4.88 -45.93
N ASN B 356 36.42 -5.14 -45.43
CA ASN B 356 35.56 -4.11 -44.93
C ASN B 356 35.35 -3.04 -45.94
N VAL B 357 35.07 -3.45 -47.16
CA VAL B 357 34.99 -2.57 -48.32
C VAL B 357 33.89 -1.54 -48.32
N ARG B 358 32.81 -1.78 -47.63
CA ARG B 358 31.73 -0.84 -47.48
C ARG B 358 31.67 -0.16 -46.10
N GLY B 359 32.73 -0.22 -45.34
CA GLY B 359 32.73 0.34 -44.03
C GLY B 359 32.72 -0.66 -42.94
N SER B 360 32.69 -0.20 -41.71
CA SER B 360 32.69 -1.11 -40.63
C SER B 360 32.22 -0.54 -39.35
N GLY B 361 32.59 -1.18 -38.28
CA GLY B 361 32.14 -0.88 -36.97
C GLY B 361 32.48 0.50 -36.55
N ILE B 362 33.62 1.00 -36.97
CA ILE B 362 34.00 2.33 -36.62
C ILE B 362 33.11 3.42 -37.20
N SER B 363 32.93 3.46 -38.51
CA SER B 363 31.97 4.34 -39.14
C SER B 363 30.48 4.12 -38.92
N LEU B 364 30.04 2.91 -39.17
CA LEU B 364 28.65 2.50 -39.03
C LEU B 364 28.11 2.37 -37.64
N GLY B 365 28.91 1.89 -36.74
CA GLY B 365 28.43 1.56 -35.44
C GLY B 365 28.50 0.10 -35.19
N HIS B 366 28.38 -0.28 -33.94
CA HIS B 366 28.42 -1.65 -33.50
C HIS B 366 27.20 -1.93 -32.66
N PRO B 367 26.07 -2.20 -33.27
CA PRO B 367 24.89 -2.57 -32.50
C PRO B 367 24.85 -4.06 -32.29
N VAL B 368 25.25 -4.52 -31.13
CA VAL B 368 25.97 -5.73 -30.95
C VAL B 368 25.27 -6.97 -31.43
N GLY B 369 24.03 -7.14 -31.11
CA GLY B 369 23.23 -8.23 -31.60
C GLY B 369 22.99 -8.28 -33.09
N ALA B 370 22.92 -7.12 -33.70
CA ALA B 370 22.68 -6.98 -35.09
C ALA B 370 23.92 -6.87 -35.96
N THR B 371 25.09 -6.86 -35.38
CA THR B 371 26.32 -6.73 -36.14
C THR B 371 26.67 -7.88 -37.11
N GLY B 372 26.45 -9.12 -36.69
CA GLY B 372 26.68 -10.28 -37.49
C GLY B 372 25.83 -10.24 -38.73
N GLY B 373 24.61 -9.82 -38.59
CA GLY B 373 23.74 -9.54 -39.70
C GLY B 373 24.13 -8.44 -40.65
N ARG B 374 24.71 -7.38 -40.15
CA ARG B 374 25.16 -6.33 -41.00
C ARG B 374 26.30 -6.66 -41.95
N MET B 375 27.27 -7.39 -41.42
CA MET B 375 28.43 -7.83 -42.09
C MET B 375 28.08 -8.80 -43.19
N LEU B 376 27.15 -9.68 -42.89
CA LEU B 376 26.62 -10.65 -43.79
C LEU B 376 25.90 -10.07 -44.96
N ALA B 377 25.13 -9.06 -44.69
CA ALA B 377 24.43 -8.36 -45.69
C ALA B 377 25.39 -7.72 -46.64
N THR B 378 26.42 -7.06 -46.14
CA THR B 378 27.42 -6.52 -46.98
C THR B 378 28.20 -7.58 -47.74
N LEU B 379 28.66 -8.60 -47.06
CA LEU B 379 29.48 -9.60 -47.68
C LEU B 379 28.81 -10.38 -48.80
N ALA B 380 27.62 -10.89 -48.56
CA ALA B 380 26.87 -11.63 -49.51
C ALA B 380 26.51 -10.81 -50.73
N ARG B 381 26.06 -9.61 -50.47
CA ARG B 381 25.74 -8.68 -51.48
C ARG B 381 26.91 -8.18 -52.31
N GLU B 382 28.02 -7.91 -51.67
CA GLU B 382 29.19 -7.46 -52.34
C GLU B 382 29.81 -8.52 -53.22
N LEU B 383 29.75 -9.73 -52.75
CA LEU B 383 30.29 -10.90 -53.38
C LEU B 383 29.58 -11.17 -54.68
N HIS B 384 28.31 -10.94 -54.67
CA HIS B 384 27.49 -10.92 -55.85
C HIS B 384 27.78 -9.82 -56.86
N ARG B 385 27.94 -8.59 -56.41
CA ARG B 385 28.24 -7.48 -57.29
C ARG B 385 29.58 -7.67 -57.92
N ARG B 386 30.52 -8.12 -57.14
CA ARG B 386 31.83 -8.47 -57.59
C ARG B 386 31.88 -9.72 -58.45
N GLU B 387 30.94 -10.62 -58.28
CA GLU B 387 31.04 -11.91 -58.86
C GLU B 387 32.26 -12.66 -58.38
N ALA B 388 32.46 -12.65 -57.09
CA ALA B 388 33.58 -13.25 -56.45
C ALA B 388 33.14 -14.55 -55.81
N ARG B 389 34.05 -15.41 -55.45
CA ARG B 389 33.66 -16.68 -54.90
C ARG B 389 33.58 -16.82 -53.38
N TYR B 390 34.58 -16.40 -52.66
CA TYR B 390 34.64 -16.69 -51.25
C TYR B 390 34.69 -15.48 -50.34
N GLY B 391 33.91 -15.50 -49.29
CA GLY B 391 33.87 -14.41 -48.35
C GLY B 391 34.07 -14.85 -46.94
N LEU B 392 34.73 -14.05 -46.14
CA LEU B 392 34.92 -14.38 -44.75
C LEU B 392 34.27 -13.38 -43.83
N GLU B 393 33.50 -13.86 -42.86
CA GLU B 393 32.97 -13.02 -41.82
C GLU B 393 33.55 -13.46 -40.50
N THR B 394 34.15 -12.54 -39.78
CA THR B 394 34.72 -12.84 -38.50
C THR B 394 34.65 -11.71 -37.55
N MET B 395 34.46 -12.03 -36.30
CA MET B 395 34.44 -11.06 -35.23
C MET B 395 35.05 -11.57 -33.94
N CYS B 396 35.60 -10.62 -33.22
CA CYS B 396 35.96 -10.76 -31.84
C CYS B 396 34.74 -10.66 -30.90
N ILE B 397 34.83 -11.39 -29.82
CA ILE B 397 33.75 -11.49 -28.95
C ILE B 397 34.23 -11.18 -27.59
N GLY B 398 33.52 -10.34 -26.88
CA GLY B 398 33.87 -9.98 -25.54
C GLY B 398 33.79 -11.12 -24.61
N GLY B 399 34.70 -11.16 -23.67
CA GLY B 399 34.91 -12.30 -22.82
C GLY B 399 35.87 -13.32 -23.31
N GLY B 400 36.42 -13.15 -24.48
CA GLY B 400 37.36 -14.06 -25.08
C GLY B 400 36.90 -15.09 -26.06
N GLN B 401 36.31 -14.65 -27.14
CA GLN B 401 35.80 -15.52 -28.16
C GLN B 401 36.05 -15.01 -29.55
N GLY B 402 35.91 -15.91 -30.49
CA GLY B 402 35.91 -15.61 -31.86
C GLY B 402 34.95 -16.48 -32.61
N LEU B 403 34.40 -15.93 -33.66
CA LEU B 403 33.54 -16.61 -34.55
C LEU B 403 33.89 -16.24 -35.95
N ALA B 404 34.02 -17.22 -36.80
CA ALA B 404 34.23 -17.00 -38.21
C ALA B 404 33.36 -17.92 -39.00
N ALA B 405 32.94 -17.48 -40.17
CA ALA B 405 32.28 -18.31 -41.12
C ALA B 405 32.81 -18.05 -42.51
N VAL B 406 32.78 -19.04 -43.39
CA VAL B 406 33.11 -18.84 -44.78
C VAL B 406 31.87 -18.95 -45.66
N PHE B 407 31.68 -18.01 -46.57
CA PHE B 407 30.55 -18.02 -47.45
C PHE B 407 31.01 -18.10 -48.90
N GLU B 408 30.25 -18.77 -49.73
CA GLU B 408 30.55 -18.90 -51.12
C GLU B 408 29.42 -18.42 -51.95
N ARG B 409 29.69 -17.55 -52.90
CA ARG B 409 28.72 -17.13 -53.87
C ARG B 409 27.97 -18.25 -54.60
N VAL B 410 26.67 -18.10 -54.72
CA VAL B 410 25.85 -19.02 -55.44
C VAL B 410 25.76 -18.61 -56.90
N GLN B 411 25.69 -19.59 -57.76
CA GLN B 411 25.58 -19.33 -59.17
C GLN B 411 24.22 -19.70 -59.69
N ARG C 10 6.80 34.93 30.71
CA ARG C 10 6.09 33.79 31.31
C ARG C 10 6.76 32.46 31.05
N ASP C 11 6.57 31.52 31.93
CA ASP C 11 7.20 30.23 31.83
C ASP C 11 6.68 29.27 30.77
N ALA C 12 7.56 28.39 30.35
CA ALA C 12 7.27 27.31 29.44
C ALA C 12 7.38 26.02 30.20
N VAL C 13 6.35 25.20 30.19
CA VAL C 13 6.30 23.98 30.99
C VAL C 13 5.96 22.76 30.16
N ILE C 14 6.44 21.61 30.56
CA ILE C 14 6.28 20.37 29.83
C ILE C 14 5.26 19.50 30.50
N CYS C 15 4.33 18.97 29.75
CA CYS C 15 3.30 18.12 30.32
C CYS C 15 3.21 16.84 29.59
N GLU C 16 2.95 15.75 30.29
CA GLU C 16 2.68 14.45 29.69
C GLU C 16 3.66 14.01 28.62
N PRO C 17 4.94 14.07 28.89
CA PRO C 17 5.90 13.68 27.86
C PRO C 17 5.91 12.19 27.71
N VAL C 18 5.70 11.76 26.50
CA VAL C 18 5.53 10.38 26.23
C VAL C 18 6.32 9.86 25.04
N ARG C 19 6.38 8.56 24.94
CA ARG C 19 7.04 7.93 23.86
C ARG C 19 6.36 6.65 23.59
N THR C 20 6.60 6.10 22.43
CA THR C 20 6.35 4.73 22.13
C THR C 20 7.48 3.89 22.64
N PRO C 21 7.31 2.60 22.61
CA PRO C 21 8.41 1.69 22.83
C PRO C 21 9.43 1.83 21.73
N ILE C 22 10.65 1.50 22.02
CA ILE C 22 11.68 1.67 21.05
C ILE C 22 12.02 0.34 20.46
N GLY C 23 11.90 0.24 19.15
CA GLY C 23 12.19 -0.95 18.41
C GLY C 23 13.56 -0.98 17.76
N ARG C 24 14.07 -2.18 17.58
CA ARG C 24 15.30 -2.42 16.88
C ARG C 24 15.17 -2.29 15.40
N TYR C 25 16.28 -2.00 14.74
CA TYR C 25 16.31 -1.84 13.31
C TYR C 25 15.96 -3.17 12.75
N GLY C 26 14.91 -3.20 11.96
CA GLY C 26 14.42 -4.41 11.38
C GLY C 26 13.57 -5.26 12.30
N GLY C 27 13.25 -4.73 13.46
CA GLY C 27 12.58 -5.46 14.50
C GLY C 27 11.10 -5.24 14.56
N MET C 28 10.62 -4.92 15.75
CA MET C 28 9.22 -4.89 16.14
C MET C 28 8.43 -3.96 15.28
N PHE C 29 9.01 -2.84 14.93
CA PHE C 29 8.29 -1.78 14.29
C PHE C 29 8.50 -1.60 12.80
N ARG C 30 9.11 -2.56 12.15
CA ARG C 30 9.52 -2.49 10.78
C ARG C 30 8.40 -2.23 9.80
N SER C 31 7.23 -2.71 10.10
CA SER C 31 6.07 -2.44 9.30
C SER C 31 5.48 -1.04 9.49
N LEU C 32 6.02 -0.27 10.41
CA LEU C 32 5.48 1.01 10.77
C LEU C 32 6.34 2.15 10.29
N THR C 33 5.71 3.12 9.69
CA THR C 33 6.38 4.31 9.25
C THR C 33 6.66 5.20 10.41
N ALA C 34 7.48 6.20 10.19
CA ALA C 34 7.78 7.19 11.17
C ALA C 34 6.54 7.96 11.53
N VAL C 35 5.72 8.18 10.54
CA VAL C 35 4.44 8.76 10.71
C VAL C 35 3.52 7.91 11.55
N ASP C 36 3.46 6.62 11.36
CA ASP C 36 2.60 5.78 12.16
C ASP C 36 2.97 5.84 13.61
N LEU C 37 4.24 5.85 13.91
CA LEU C 37 4.71 6.00 15.25
C LEU C 37 4.41 7.33 15.90
N GLY C 38 4.50 8.39 15.12
CA GLY C 38 4.19 9.72 15.56
C GLY C 38 2.77 9.94 15.94
N VAL C 39 1.91 9.40 15.12
CA VAL C 39 0.49 9.42 15.30
C VAL C 39 0.10 8.67 16.54
N THR C 40 0.70 7.51 16.73
CA THR C 40 0.42 6.69 17.87
C THR C 40 0.84 7.38 19.14
N ALA C 41 1.99 7.99 19.13
CA ALA C 41 2.40 8.79 20.26
C ALA C 41 1.55 10.02 20.53
N LEU C 42 1.20 10.75 19.49
CA LEU C 42 0.28 11.87 19.56
C LEU C 42 -1.16 11.54 19.98
N LYS C 43 -1.71 10.45 19.51
CA LYS C 43 -3.03 10.07 19.90
C LYS C 43 -3.08 9.75 21.37
N GLY C 44 -2.05 9.06 21.82
CA GLY C 44 -1.84 8.73 23.20
C GLY C 44 -1.65 9.92 24.09
N LEU C 45 -0.97 10.94 23.60
CA LEU C 45 -0.77 12.15 24.36
C LEU C 45 -2.06 12.92 24.63
N LEU C 46 -2.85 13.10 23.59
CA LEU C 46 -4.14 13.72 23.65
C LEU C 46 -5.15 12.92 24.41
N GLU C 47 -5.09 11.64 24.24
CA GLU C 47 -5.93 10.75 24.95
C GLU C 47 -5.70 10.73 26.47
N ARG C 48 -4.48 10.71 26.91
CA ARG C 48 -4.18 10.86 28.30
C ARG C 48 -4.54 12.22 28.88
N THR C 49 -4.21 13.28 28.17
CA THR C 49 -4.55 14.63 28.54
C THR C 49 -6.00 15.08 28.49
N GLY C 50 -6.77 14.53 27.57
CA GLY C 50 -8.11 14.98 27.36
C GLY C 50 -8.19 16.28 26.63
N ILE C 51 -7.08 16.70 26.06
CA ILE C 51 -7.01 17.96 25.39
C ILE C 51 -7.85 17.91 24.15
N ALA C 52 -8.58 18.98 23.94
CA ALA C 52 -9.23 19.27 22.73
C ALA C 52 -8.22 19.50 21.58
N ALA C 53 -8.47 18.93 20.42
CA ALA C 53 -7.53 18.97 19.33
C ALA C 53 -7.22 20.36 18.89
N ASP C 54 -8.19 21.21 19.01
CA ASP C 54 -8.09 22.58 18.60
C ASP C 54 -7.27 23.49 19.51
N GLN C 55 -6.88 22.97 20.66
CA GLN C 55 -5.94 23.61 21.54
C GLN C 55 -4.48 23.66 21.11
N VAL C 56 -4.11 22.74 20.22
CA VAL C 56 -2.75 22.60 19.74
C VAL C 56 -2.50 23.60 18.65
N GLU C 57 -1.49 24.43 18.84
CA GLU C 57 -1.17 25.53 17.96
C GLU C 57 -0.03 25.26 16.99
N ASP C 58 0.72 24.21 17.23
CA ASP C 58 1.78 23.76 16.37
C ASP C 58 2.15 22.36 16.77
N VAL C 59 2.63 21.59 15.83
CA VAL C 59 3.26 20.36 16.12
C VAL C 59 4.66 20.48 15.53
N ILE C 60 5.68 20.38 16.36
CA ILE C 60 7.05 20.58 15.96
C ILE C 60 7.83 19.31 16.24
N LEU C 61 8.33 18.68 15.21
CA LEU C 61 8.92 17.38 15.32
C LEU C 61 10.34 17.25 14.81
N GLY C 62 11.23 16.84 15.66
CA GLY C 62 12.54 16.42 15.26
C GLY C 62 12.46 15.15 14.48
N HIS C 63 13.12 15.13 13.36
CA HIS C 63 13.03 14.05 12.44
C HIS C 63 14.27 14.14 11.60
N CYS C 64 15.12 13.14 11.69
CA CYS C 64 16.40 13.22 11.04
C CYS C 64 16.56 12.61 9.67
N TYR C 65 15.64 11.78 9.23
CA TYR C 65 15.71 11.17 7.91
C TYR C 65 14.43 11.34 7.09
N PRO C 66 14.02 12.56 6.88
CA PRO C 66 12.86 12.85 6.06
C PRO C 66 13.00 12.58 4.58
N ASN C 67 11.88 12.24 3.98
CA ASN C 67 11.70 12.09 2.57
C ASN C 67 10.28 12.53 2.21
N SER C 68 9.90 12.39 0.95
CA SER C 68 8.70 12.96 0.41
C SER C 68 7.48 12.12 0.72
N GLU C 69 7.69 11.06 1.46
CA GLU C 69 6.59 10.33 2.01
C GLU C 69 5.87 11.15 3.07
N ALA C 70 6.63 11.85 3.88
CA ALA C 70 6.09 12.77 4.85
C ALA C 70 6.77 14.11 4.87
N PRO C 71 6.40 15.03 3.98
CA PRO C 71 6.97 16.38 4.04
C PRO C 71 6.51 17.17 5.26
N ALA C 72 7.35 18.04 5.81
CA ALA C 72 6.99 18.82 6.99
C ALA C 72 6.31 18.00 8.07
N ILE C 73 7.01 17.08 8.66
CA ILE C 73 6.44 15.90 9.25
C ILE C 73 5.52 16.16 10.39
N GLY C 74 5.66 17.28 11.07
CA GLY C 74 4.74 17.63 12.11
C GLY C 74 3.33 17.81 11.69
N ARG C 75 3.12 18.49 10.58
CA ARG C 75 1.83 18.64 9.95
C ARG C 75 1.20 17.35 9.48
N VAL C 76 1.96 16.46 8.86
CA VAL C 76 1.47 15.15 8.41
C VAL C 76 1.05 14.30 9.57
N VAL C 77 1.85 14.29 10.61
CA VAL C 77 1.53 13.59 11.83
C VAL C 77 0.30 14.12 12.54
N ALA C 78 0.10 15.42 12.57
CA ALA C 78 -1.14 15.95 13.09
C ALA C 78 -2.42 15.56 12.34
N LEU C 79 -2.40 15.67 11.03
CA LEU C 79 -3.49 15.27 10.23
C LEU C 79 -3.79 13.79 10.30
N ASP C 80 -2.77 13.00 10.27
CA ASP C 80 -2.89 11.58 10.32
C ASP C 80 -3.42 11.07 11.65
N ALA C 81 -3.08 11.75 12.72
CA ALA C 81 -3.65 11.54 14.01
C ALA C 81 -5.06 12.06 14.12
N GLY C 82 -5.55 12.72 13.10
CA GLY C 82 -6.89 13.26 13.11
C GLY C 82 -7.18 14.59 13.71
N LEU C 83 -6.18 15.42 13.89
CA LEU C 83 -6.39 16.72 14.43
C LEU C 83 -6.95 17.48 13.30
N PRO C 84 -7.57 18.62 13.55
CA PRO C 84 -8.17 19.39 12.47
C PRO C 84 -7.17 20.09 11.57
N ILE C 85 -7.64 20.52 10.42
CA ILE C 85 -6.86 21.06 9.35
C ILE C 85 -6.30 22.42 9.71
N THR C 86 -6.80 22.93 10.79
CA THR C 86 -6.34 24.12 11.42
C THR C 86 -4.93 24.05 11.98
N VAL C 87 -4.50 22.88 12.38
CA VAL C 87 -3.30 22.72 13.14
C VAL C 87 -2.04 22.68 12.29
N PRO C 88 -1.16 23.65 12.44
CA PRO C 88 0.09 23.68 11.72
C PRO C 88 1.18 22.75 12.26
N GLY C 89 2.16 22.48 11.45
CA GLY C 89 3.24 21.60 11.78
C GLY C 89 4.52 21.66 10.99
N MET C 90 5.57 21.09 11.55
CA MET C 90 6.88 21.24 10.98
C MET C 90 7.92 20.18 11.33
N GLN C 91 9.06 20.22 10.68
CA GLN C 91 10.12 19.30 10.89
C GLN C 91 11.39 20.04 11.18
N VAL C 92 12.18 19.55 12.10
CA VAL C 92 13.49 20.09 12.36
C VAL C 92 14.56 19.02 12.37
N ASP C 93 15.78 19.37 12.00
CA ASP C 93 16.96 18.53 12.14
C ASP C 93 18.18 19.23 12.70
N ARG C 94 18.60 18.81 13.88
CA ARG C 94 19.89 19.09 14.45
C ARG C 94 20.46 17.76 14.93
N ARG C 95 20.35 16.74 14.10
CA ARG C 95 20.80 15.38 14.37
C ARG C 95 20.25 14.70 15.61
N CYS C 96 21.17 14.16 16.36
CA CYS C 96 20.93 13.41 17.54
C CYS C 96 20.26 14.38 18.56
N GLY C 97 20.38 15.68 18.35
CA GLY C 97 19.76 16.67 19.16
C GLY C 97 18.39 17.24 18.76
N SER C 98 17.82 16.73 17.71
CA SER C 98 16.62 17.25 17.11
C SER C 98 15.38 17.22 18.00
N GLY C 99 15.23 16.22 18.83
CA GLY C 99 14.16 16.15 19.77
C GLY C 99 14.14 17.21 20.84
N LEU C 100 15.28 17.47 21.42
CA LEU C 100 15.47 18.57 22.33
C LEU C 100 15.29 19.90 21.67
N GLN C 101 15.70 20.01 20.43
CA GLN C 101 15.57 21.21 19.66
C GLN C 101 14.14 21.63 19.39
N ALA C 102 13.29 20.65 19.16
CA ALA C 102 11.91 20.85 18.96
C ALA C 102 11.29 21.38 20.19
N VAL C 103 11.70 20.83 21.30
CA VAL C 103 11.28 21.26 22.58
C VAL C 103 11.71 22.68 22.86
N ILE C 104 12.93 23.04 22.49
CA ILE C 104 13.39 24.35 22.74
C ILE C 104 12.68 25.40 21.95
N GLN C 105 12.35 25.09 20.71
CA GLN C 105 11.61 25.94 19.83
C GLN C 105 10.22 26.17 20.33
N ALA C 106 9.60 25.13 20.83
CA ALA C 106 8.29 25.21 21.38
C ALA C 106 8.21 26.10 22.60
N CYS C 107 9.14 25.98 23.50
CA CYS C 107 9.26 26.84 24.62
C CYS C 107 9.49 28.27 24.25
N LEU C 108 10.29 28.51 23.24
CA LEU C 108 10.50 29.83 22.77
C LEU C 108 9.24 30.51 22.21
N GLN C 109 8.46 29.76 21.46
CA GLN C 109 7.19 30.10 20.89
C GLN C 109 6.16 30.35 21.95
N VAL C 110 6.14 29.55 22.99
CA VAL C 110 5.35 29.81 24.16
C VAL C 110 5.74 31.00 25.01
N ARG C 111 6.99 31.13 25.39
CA ARG C 111 7.40 32.17 26.30
C ARG C 111 7.23 33.52 25.74
N SER C 112 7.29 33.60 24.44
CA SER C 112 7.14 34.84 23.72
C SER C 112 5.74 35.38 23.82
N GLY C 113 4.83 34.48 24.10
CA GLY C 113 3.43 34.76 24.09
C GLY C 113 2.77 34.63 22.75
N ASP C 114 3.48 34.12 21.77
CA ASP C 114 2.91 33.79 20.48
C ASP C 114 1.90 32.68 20.45
N HIS C 115 2.16 31.63 21.23
CA HIS C 115 1.34 30.43 21.32
C HIS C 115 1.19 30.09 22.78
N ASP C 116 0.07 29.52 23.17
CA ASP C 116 -0.15 29.03 24.51
C ASP C 116 0.12 27.55 24.69
N LEU C 117 -0.24 26.75 23.72
CA LEU C 117 0.02 25.34 23.75
C LEU C 117 0.49 24.79 22.40
N VAL C 118 1.52 23.96 22.42
CA VAL C 118 2.03 23.36 21.24
C VAL C 118 2.44 21.96 21.55
N VAL C 119 2.66 21.18 20.53
CA VAL C 119 3.22 19.87 20.71
C VAL C 119 4.66 19.85 20.23
N ALA C 120 5.54 19.28 21.00
CA ALA C 120 6.90 19.02 20.63
C ALA C 120 7.20 17.56 20.71
N GLY C 121 7.89 17.06 19.71
CA GLY C 121 8.13 15.66 19.55
C GLY C 121 9.27 15.27 18.65
N GLY C 122 9.40 13.99 18.40
CA GLY C 122 10.29 13.44 17.41
C GLY C 122 9.86 12.10 16.92
N ALA C 123 10.15 11.75 15.69
CA ALA C 123 9.92 10.42 15.21
C ALA C 123 11.05 9.95 14.33
N GLU C 124 11.46 8.71 14.51
CA GLU C 124 12.35 8.09 13.58
C GLU C 124 12.01 6.66 13.31
N SER C 125 11.97 6.29 12.05
CA SER C 125 11.97 4.91 11.69
C SER C 125 13.25 4.61 10.92
N MET C 126 14.28 4.20 11.62
CA MET C 126 15.54 3.87 11.01
C MET C 126 15.45 2.66 10.13
N SER C 127 14.51 1.81 10.44
CA SER C 127 14.23 0.64 9.69
C SER C 127 13.82 0.97 8.31
N ASN C 128 13.09 2.05 8.12
CA ASN C 128 12.55 2.41 6.83
C ASN C 128 13.15 3.62 6.18
N VAL C 129 14.35 3.98 6.57
CA VAL C 129 15.05 5.07 5.95
C VAL C 129 15.30 4.75 4.46
N ALA C 130 15.29 5.78 3.63
CA ALA C 130 15.37 5.63 2.20
C ALA C 130 16.75 5.28 1.64
N PHE C 131 16.73 4.82 0.41
CA PHE C 131 17.90 4.64 -0.38
C PHE C 131 17.65 5.66 -1.44
N TYR C 132 18.64 6.43 -1.81
CA TYR C 132 18.43 7.49 -2.76
C TYR C 132 19.51 7.68 -3.80
N SER C 133 19.12 8.26 -4.92
CA SER C 133 20.00 8.60 -5.99
C SER C 133 19.91 10.02 -6.48
N THR C 134 21.05 10.64 -6.65
CA THR C 134 21.15 11.92 -7.29
C THR C 134 21.56 11.77 -8.75
N ASP C 135 21.49 10.54 -9.26
CA ASP C 135 21.90 10.24 -10.63
C ASP C 135 20.78 9.87 -11.58
N MET C 136 19.57 9.71 -11.08
CA MET C 136 18.48 9.30 -11.96
C MET C 136 17.64 10.40 -12.55
N ARG C 137 17.80 11.61 -12.06
CA ARG C 137 17.10 12.74 -12.63
C ARG C 137 17.58 13.18 -14.02
N TRP C 138 18.86 13.41 -14.16
CA TRP C 138 19.41 13.84 -15.42
C TRP C 138 20.07 12.70 -16.19
N GLY C 139 20.05 11.52 -15.62
CA GLY C 139 20.54 10.31 -16.26
C GLY C 139 21.94 9.82 -16.03
N GLY C 140 22.08 8.51 -16.12
CA GLY C 140 23.26 7.76 -15.78
C GLY C 140 24.07 7.30 -16.95
N ALA C 141 23.69 7.80 -18.10
CA ALA C 141 24.20 7.40 -19.38
C ALA C 141 25.66 7.68 -19.53
N ARG C 142 26.18 8.59 -18.73
CA ARG C 142 27.56 8.97 -18.80
C ARG C 142 28.26 8.75 -17.49
N THR C 143 27.54 8.67 -16.39
CA THR C 143 28.20 8.61 -15.10
C THR C 143 28.04 7.36 -14.29
N GLY C 144 27.05 6.56 -14.63
CA GLY C 144 26.61 5.48 -13.78
C GLY C 144 25.57 5.95 -12.80
N VAL C 145 25.15 5.04 -11.93
CA VAL C 145 24.15 5.30 -10.92
C VAL C 145 24.65 4.85 -9.57
N GLN C 146 24.66 5.75 -8.61
CA GLN C 146 24.99 5.37 -7.27
C GLN C 146 23.71 5.46 -6.50
N ILE C 147 23.47 4.48 -5.65
CA ILE C 147 22.35 4.53 -4.73
C ILE C 147 22.95 4.44 -3.38
N HIS C 148 22.59 5.37 -2.53
CA HIS C 148 23.15 5.49 -1.22
C HIS C 148 22.19 5.09 -0.15
N ASP C 149 22.65 4.36 0.83
CA ASP C 149 21.86 4.08 2.00
C ASP C 149 21.82 5.37 2.76
N GLY C 150 20.65 5.77 3.20
CA GLY C 150 20.52 6.97 3.99
C GLY C 150 21.22 6.99 5.32
N LEU C 151 21.18 5.90 6.04
CA LEU C 151 21.84 5.84 7.30
C LEU C 151 23.34 5.89 7.21
N ALA C 152 23.86 5.11 6.27
CA ALA C 152 25.26 5.03 5.99
C ALA C 152 25.96 6.26 5.43
N ARG C 153 25.38 6.91 4.48
CA ARG C 153 25.93 8.10 3.92
C ARG C 153 26.01 9.24 4.96
N GLY C 154 24.98 9.34 5.79
CA GLY C 154 24.84 10.38 6.76
C GLY C 154 25.93 10.37 7.77
N ARG C 155 26.40 9.19 8.10
CA ARG C 155 27.51 8.95 9.00
C ARG C 155 28.83 9.56 8.56
N THR C 156 29.09 9.66 7.27
CA THR C 156 30.30 10.30 6.80
C THR C 156 30.20 11.74 6.31
N THR C 157 29.01 12.22 6.00
CA THR C 157 28.86 13.56 5.42
C THR C 157 28.68 14.77 6.36
N ALA C 158 28.39 14.51 7.60
CA ALA C 158 27.92 15.50 8.52
C ALA C 158 28.93 16.58 8.77
N GLY C 159 30.19 16.27 8.66
CA GLY C 159 31.22 17.20 8.97
C GLY C 159 31.53 18.09 7.82
N GLY C 160 30.98 17.76 6.68
CA GLY C 160 31.30 18.48 5.47
C GLY C 160 32.56 18.02 4.78
N LYS C 161 32.98 18.80 3.82
CA LYS C 161 34.11 18.51 2.97
C LYS C 161 35.48 18.48 3.62
N PHE C 162 35.70 19.38 4.54
CA PHE C 162 37.00 19.47 5.14
C PHE C 162 37.21 18.63 6.36
N HIS C 163 36.16 18.06 6.88
CA HIS C 163 36.29 17.26 8.08
C HIS C 163 35.56 15.95 7.86
N PRO C 164 36.03 15.16 6.91
CA PRO C 164 35.39 13.88 6.62
C PRO C 164 35.70 12.83 7.69
N VAL C 165 34.77 11.90 7.90
CA VAL C 165 35.02 10.76 8.76
C VAL C 165 34.53 9.48 8.11
N PRO C 166 35.41 8.74 7.50
CA PRO C 166 35.02 7.51 6.83
C PRO C 166 34.45 6.42 7.76
N GLY C 167 34.94 6.41 8.98
CA GLY C 167 34.59 5.44 9.98
C GLY C 167 33.39 5.87 10.77
N GLY C 168 32.85 7.00 10.35
CA GLY C 168 31.61 7.52 10.85
C GLY C 168 31.62 7.87 12.30
N MET C 169 30.50 7.62 12.93
CA MET C 169 30.32 7.99 14.28
C MET C 169 31.28 7.23 15.12
N LEU C 170 31.42 5.96 14.81
CA LEU C 170 32.27 5.10 15.61
C LEU C 170 33.70 5.60 15.67
N GLU C 171 34.21 6.14 14.59
CA GLU C 171 35.57 6.63 14.55
C GLU C 171 35.78 7.77 15.52
N THR C 172 34.76 8.59 15.74
CA THR C 172 34.83 9.67 16.71
C THR C 172 35.02 9.22 18.14
N ALA C 173 34.31 8.16 18.51
CA ALA C 173 34.39 7.57 19.80
C ALA C 173 35.75 6.98 20.05
N GLU C 174 36.28 6.34 19.03
CA GLU C 174 37.57 5.71 19.13
C GLU C 174 38.59 6.76 19.41
N ASN C 175 38.43 7.90 18.78
CA ASN C 175 39.31 8.99 19.02
C ASN C 175 39.20 9.37 20.46
N LEU C 176 37.99 9.36 20.99
CA LEU C 176 37.81 9.74 22.37
C LEU C 176 38.41 8.75 23.32
N ARG C 177 38.21 7.48 23.04
CA ARG C 177 38.71 6.49 23.93
C ARG C 177 40.19 6.70 23.95
N ARG C 178 40.78 6.95 22.80
CA ARG C 178 42.20 7.12 22.72
C ARG C 178 42.65 8.32 23.50
N GLU C 179 41.98 9.44 23.32
CA GLU C 179 42.38 10.68 23.97
C GLU C 179 42.24 10.69 25.46
N TYR C 180 41.34 9.88 26.00
CA TYR C 180 41.15 9.81 27.45
C TYR C 180 41.64 8.51 28.11
N HIS C 181 42.27 7.63 27.36
CA HIS C 181 42.74 6.38 27.92
C HIS C 181 41.64 5.59 28.59
N ILE C 182 40.58 5.35 27.87
CA ILE C 182 39.42 4.72 28.44
C ILE C 182 39.47 3.27 28.17
N SER C 183 39.48 2.49 29.22
CA SER C 183 39.62 1.06 29.08
C SER C 183 38.38 0.46 28.49
N ARG C 184 38.53 -0.67 27.84
CA ARG C 184 37.42 -1.41 27.29
C ARG C 184 36.54 -1.84 28.42
N THR C 185 37.13 -2.13 29.54
CA THR C 185 36.37 -2.69 30.61
C THR C 185 35.35 -1.70 31.12
N GLU C 186 35.77 -0.47 31.27
CA GLU C 186 34.95 0.58 31.78
C GLU C 186 33.82 0.77 30.84
N GLN C 187 34.08 0.69 29.56
CA GLN C 187 33.04 0.82 28.58
C GLN C 187 31.97 -0.26 28.65
N ASP C 188 32.38 -1.50 28.76
CA ASP C 188 31.46 -2.61 28.92
C ASP C 188 30.67 -2.53 30.21
N GLU C 189 31.31 -2.00 31.23
CA GLU C 189 30.68 -1.83 32.51
C GLU C 189 29.56 -0.81 32.50
N LEU C 190 29.75 0.28 31.80
CA LEU C 190 28.74 1.31 31.67
C LEU C 190 27.53 0.74 30.97
N ALA C 191 27.78 -0.08 29.98
CA ALA C 191 26.72 -0.69 29.24
C ALA C 191 25.87 -1.58 30.09
N VAL C 192 26.46 -2.32 31.00
CA VAL C 192 25.73 -3.24 31.82
C VAL C 192 24.75 -2.48 32.67
N ARG C 193 25.23 -1.40 33.23
CA ARG C 193 24.44 -0.55 34.05
C ARG C 193 23.32 -0.04 33.22
N SER C 194 23.59 0.23 31.96
CA SER C 194 22.55 0.77 31.13
C SER C 194 21.45 -0.25 31.05
N HIS C 195 21.80 -1.49 30.82
CA HIS C 195 20.81 -2.54 30.78
C HIS C 195 20.15 -2.86 32.05
N GLN C 196 20.88 -2.88 33.13
CA GLN C 196 20.29 -3.22 34.39
C GLN C 196 19.26 -2.17 34.77
N ARG C 197 19.62 -0.92 34.58
CA ARG C 197 18.74 0.18 34.85
C ARG C 197 17.48 0.23 33.98
N ALA C 198 17.61 -0.11 32.73
CA ALA C 198 16.48 -0.08 31.85
C ALA C 198 15.54 -1.12 32.27
N VAL C 199 16.10 -2.30 32.47
CA VAL C 199 15.37 -3.49 32.90
C VAL C 199 14.74 -3.29 34.27
N ALA C 200 15.44 -2.63 35.17
CA ALA C 200 14.94 -2.36 36.49
C ALA C 200 13.75 -1.45 36.41
N ALA C 201 13.85 -0.48 35.52
CA ALA C 201 12.76 0.42 35.28
C ALA C 201 11.55 -0.29 34.70
N GLN C 202 11.78 -1.28 33.88
CA GLN C 202 10.72 -2.01 33.25
C GLN C 202 9.85 -2.68 34.28
N SER C 203 10.48 -3.27 35.28
CA SER C 203 9.79 -4.08 36.27
C SER C 203 9.37 -3.35 37.52
N GLU C 204 9.86 -2.15 37.70
CA GLU C 204 9.44 -1.31 38.81
C GLU C 204 8.15 -0.55 38.46
N GLY C 205 7.71 -0.71 37.22
CA GLY C 205 6.50 -0.14 36.72
C GLY C 205 6.58 1.27 36.22
N VAL C 206 7.72 1.91 36.34
CA VAL C 206 7.87 3.31 35.98
C VAL C 206 7.73 3.61 34.51
N LEU C 207 8.09 2.64 33.71
CA LEU C 207 8.04 2.73 32.28
C LEU C 207 6.67 2.87 31.69
N ALA C 208 5.66 2.33 32.34
CA ALA C 208 4.32 2.46 31.85
C ALA C 208 3.90 3.89 31.86
N GLU C 209 4.49 4.68 32.74
CA GLU C 209 4.19 6.09 32.82
C GLU C 209 4.59 6.87 31.60
N GLU C 210 5.76 6.55 31.09
CA GLU C 210 6.29 7.02 29.82
C GLU C 210 5.59 6.57 28.52
N ILE C 211 5.12 5.36 28.46
CA ILE C 211 4.82 4.69 27.22
C ILE C 211 3.39 4.66 26.69
N ILE C 212 3.24 4.98 25.42
CA ILE C 212 2.03 4.68 24.70
C ILE C 212 2.24 3.38 23.96
N PRO C 213 1.41 2.38 24.24
CA PRO C 213 1.55 1.10 23.55
C PRO C 213 1.14 1.19 22.12
N VAL C 214 1.72 0.35 21.31
CA VAL C 214 1.58 0.47 19.91
C VAL C 214 0.93 -0.77 19.37
N PRO C 215 -0.14 -0.61 18.62
CA PRO C 215 -0.81 -1.75 18.00
C PRO C 215 -0.24 -2.12 16.65
N VAL C 216 0.19 -3.36 16.53
CA VAL C 216 0.77 -3.85 15.32
C VAL C 216 -0.12 -4.92 14.67
N ARG C 217 -0.46 -4.71 13.41
CA ARG C 217 -1.27 -5.65 12.70
C ARG C 217 -0.44 -6.87 12.53
N GLU C 222 -2.19 -9.78 15.33
CA GLU C 222 -2.60 -8.47 15.83
C GLU C 222 -2.41 -8.40 17.32
N GLU C 223 -1.39 -7.64 17.73
CA GLU C 223 -0.99 -7.48 19.13
C GLU C 223 -0.54 -6.06 19.48
N THR C 224 -0.38 -5.77 20.76
CA THR C 224 -0.03 -4.45 21.27
C THR C 224 1.26 -4.44 22.07
N ILE C 225 2.16 -3.53 21.76
CA ILE C 225 3.49 -3.54 22.34
C ILE C 225 3.76 -2.42 23.31
N SER C 226 4.26 -2.77 24.48
CA SER C 226 4.57 -1.81 25.49
C SER C 226 5.99 -1.83 26.00
N VAL C 227 6.74 -2.84 25.65
CA VAL C 227 8.08 -2.99 26.18
C VAL C 227 9.09 -2.74 25.10
N ASP C 228 10.13 -2.01 25.46
CA ASP C 228 11.19 -1.72 24.58
C ASP C 228 11.87 -3.01 24.15
N GLU C 229 12.14 -3.16 22.87
CA GLU C 229 12.71 -4.40 22.38
C GLU C 229 14.12 -4.76 22.88
N HIS C 230 15.03 -3.82 22.90
CA HIS C 230 16.44 -4.13 23.00
C HIS C 230 17.10 -4.34 24.36
N PRO C 231 16.59 -3.81 25.45
CA PRO C 231 17.22 -4.08 26.74
C PRO C 231 17.03 -5.51 27.14
N ARG C 232 18.06 -6.07 27.73
CA ARG C 232 18.15 -7.49 27.98
C ARG C 232 18.52 -7.77 29.43
N ASP C 234 20.33 -9.95 31.41
CA ASP C 234 21.36 -10.97 31.33
C ASP C 234 22.71 -10.47 30.90
N THR C 235 22.83 -9.20 30.59
CA THR C 235 24.06 -8.67 30.07
C THR C 235 25.12 -8.57 31.14
N THR C 236 26.31 -9.09 30.85
CA THR C 236 27.42 -9.13 31.79
C THR C 236 28.68 -8.62 31.15
N VAL C 237 29.61 -8.16 31.95
CA VAL C 237 30.83 -7.61 31.46
C VAL C 237 31.55 -8.68 30.70
N GLU C 238 31.38 -9.91 31.14
CA GLU C 238 31.97 -11.07 30.51
C GLU C 238 31.46 -11.36 29.11
N ALA C 239 30.16 -11.33 28.91
CA ALA C 239 29.63 -11.51 27.55
C ALA C 239 30.06 -10.38 26.63
N LEU C 240 30.10 -9.19 27.15
CA LEU C 240 30.49 -8.04 26.37
C LEU C 240 31.97 -8.05 25.96
N ALA C 241 32.79 -8.74 26.74
CA ALA C 241 34.22 -8.82 26.47
C ALA C 241 34.50 -9.62 25.24
N LYS C 242 33.57 -10.51 24.95
CA LYS C 242 33.60 -11.41 23.83
C LYS C 242 33.51 -10.80 22.45
N LEU C 243 32.76 -9.72 22.33
CA LEU C 243 32.44 -9.06 21.07
C LEU C 243 33.64 -8.41 20.41
N LYS C 244 33.64 -8.37 19.10
CA LYS C 244 34.77 -7.89 18.36
C LYS C 244 34.54 -6.50 17.86
N PRO C 245 35.42 -5.58 18.18
CA PRO C 245 35.16 -4.22 17.84
C PRO C 245 35.08 -4.11 16.38
N VAL C 246 34.39 -3.08 15.94
CA VAL C 246 34.14 -2.75 14.56
C VAL C 246 35.35 -2.35 13.75
N LEU C 247 36.31 -1.67 14.36
CA LEU C 247 37.49 -1.14 13.70
C LEU C 247 38.80 -1.80 14.13
N LEU C 248 38.72 -3.06 14.54
CA LEU C 248 39.88 -3.80 15.00
C LEU C 248 40.87 -3.99 13.89
N LYS C 249 40.37 -4.36 12.72
CA LYS C 249 41.19 -4.48 11.52
C LYS C 249 41.76 -3.14 11.12
N GLN C 250 40.97 -2.09 11.11
CA GLN C 250 41.56 -0.79 10.87
C GLN C 250 42.54 -0.39 11.96
N ASP C 251 42.22 -0.67 13.22
CA ASP C 251 43.09 -0.33 14.34
C ASP C 251 43.02 -1.49 15.31
N PRO C 252 44.13 -1.89 15.90
CA PRO C 252 44.12 -3.08 16.73
C PRO C 252 43.72 -2.76 18.15
N GLU C 253 43.65 -1.49 18.48
CA GLU C 253 43.37 -1.06 19.85
C GLU C 253 41.94 -0.56 20.10
N ALA C 254 41.07 -0.93 19.19
CA ALA C 254 39.68 -0.54 19.17
C ALA C 254 39.02 -1.10 20.40
N THR C 255 38.03 -0.37 20.92
CA THR C 255 37.21 -0.86 21.99
C THR C 255 35.72 -0.82 21.75
N VAL C 256 35.29 -0.10 20.72
CA VAL C 256 33.87 0.09 20.48
C VAL C 256 33.22 -1.05 19.70
N THR C 257 32.16 -1.57 20.24
CA THR C 257 31.51 -2.73 19.71
C THR C 257 30.03 -2.42 19.65
N ALA C 258 29.27 -3.32 19.10
CA ALA C 258 27.85 -3.19 19.12
C ALA C 258 27.32 -3.22 20.54
N GLY C 259 27.93 -4.01 21.41
CA GLY C 259 27.53 -4.08 22.78
C GLY C 259 27.67 -2.83 23.61
N ASN C 260 28.72 -2.07 23.37
CA ASN C 260 28.95 -0.86 24.10
C ASN C 260 28.55 0.41 23.38
N SER C 261 27.73 0.26 22.38
CA SER C 261 27.26 1.40 21.64
C SER C 261 25.78 1.26 21.31
N SER C 262 25.09 2.38 21.15
CA SER C 262 23.70 2.38 20.79
C SER C 262 23.47 2.04 19.33
N GLY C 263 22.33 1.43 19.10
CA GLY C 263 21.91 0.92 17.82
C GLY C 263 21.10 1.84 16.96
N GLN C 264 20.36 1.26 16.05
CA GLN C 264 19.55 1.97 15.14
C GLN C 264 18.17 1.50 15.38
N ASN C 265 17.23 2.41 15.53
CA ASN C 265 16.00 2.14 16.21
C ASN C 265 14.79 2.89 15.71
N ASP C 266 13.61 2.41 16.04
CA ASP C 266 12.35 3.02 15.69
C ASP C 266 11.56 3.53 16.87
N ALA C 267 11.15 4.79 16.87
CA ALA C 267 10.26 5.31 17.90
C ALA C 267 9.70 6.67 17.67
N ALA C 268 8.78 7.09 18.51
CA ALA C 268 8.37 8.48 18.55
C ALA C 268 8.20 9.00 19.95
N SER C 269 8.40 10.29 20.07
CA SER C 269 8.26 11.00 21.30
C SER C 269 7.34 12.20 21.17
N MET C 270 6.45 12.37 22.12
CA MET C 270 5.61 13.54 22.21
C MET C 270 5.46 14.14 23.58
N CYS C 271 5.40 15.44 23.64
CA CYS C 271 5.00 16.18 24.80
C CYS C 271 4.16 17.41 24.47
N ILE C 272 3.54 17.97 25.49
CA ILE C 272 2.92 19.27 25.46
C ILE C 272 3.81 20.36 26.06
N VAL C 273 3.91 21.48 25.40
CA VAL C 273 4.58 22.65 25.90
C VAL C 273 3.56 23.77 26.03
N THR C 274 3.49 24.30 27.22
CA THR C 274 2.43 25.15 27.60
C THR C 274 2.78 26.12 28.72
N THR C 275 1.90 27.06 28.95
CA THR C 275 1.98 27.92 30.11
C THR C 275 1.44 27.29 31.37
N PRO C 276 1.89 27.74 32.52
CA PRO C 276 1.31 27.27 33.77
C PRO C 276 -0.16 27.63 33.86
N GLU C 277 -0.53 28.82 33.42
CA GLU C 277 -1.91 29.26 33.42
C GLU C 277 -2.78 28.41 32.52
N LYS C 278 -2.29 28.16 31.32
CA LYS C 278 -2.99 27.35 30.37
C LYS C 278 -3.11 25.93 30.82
N ALA C 279 -2.08 25.38 31.39
CA ALA C 279 -2.13 24.06 31.94
C ALA C 279 -3.13 23.92 33.06
N ALA C 280 -3.24 24.91 33.91
CA ALA C 280 -4.23 24.91 34.96
C ALA C 280 -5.65 24.89 34.45
N GLU C 281 -5.92 25.65 33.42
CA GLU C 281 -7.19 25.67 32.74
C GLU C 281 -7.62 24.36 32.09
N LEU C 282 -6.67 23.60 31.59
CA LEU C 282 -6.97 22.43 30.82
C LEU C 282 -6.89 21.19 31.66
N GLY C 283 -6.63 21.38 32.93
CA GLY C 283 -6.50 20.31 33.88
C GLY C 283 -5.22 19.55 33.79
N LEU C 284 -4.22 20.13 33.18
CA LEU C 284 -2.95 19.49 32.96
C LEU C 284 -2.05 19.56 34.13
N LYS C 285 -1.12 18.64 34.22
CA LYS C 285 -0.20 18.62 35.32
C LYS C 285 1.26 18.86 34.88
N PRO C 286 1.70 20.10 34.89
CA PRO C 286 3.04 20.37 34.39
C PRO C 286 4.16 19.75 35.21
N LEU C 287 5.16 19.12 34.59
CA LEU C 287 6.21 18.50 35.39
C LEU C 287 7.45 19.35 35.60
N VAL C 288 7.97 19.92 34.54
CA VAL C 288 9.08 20.82 34.63
C VAL C 288 8.85 22.04 33.80
N ARG C 289 9.62 23.04 34.13
CA ARG C 289 9.79 24.20 33.33
C ARG C 289 11.22 24.28 32.86
N LEU C 290 11.43 24.98 31.79
CA LEU C 290 12.69 25.00 31.15
C LEU C 290 13.47 26.12 31.75
N VAL C 291 14.54 25.82 32.45
CA VAL C 291 15.39 26.87 32.93
C VAL C 291 16.25 27.55 31.88
N SER C 292 17.01 26.77 31.12
CA SER C 292 17.88 27.33 30.12
C SER C 292 18.30 26.30 29.11
N TRP C 293 19.06 26.74 28.13
CA TRP C 293 19.64 25.82 27.22
C TRP C 293 20.93 26.38 26.67
N GLY C 294 21.75 25.51 26.13
CA GLY C 294 22.98 25.87 25.46
C GLY C 294 23.25 25.02 24.27
N SER C 295 23.90 25.59 23.29
CA SER C 295 24.29 24.89 22.08
C SER C 295 25.76 25.12 21.77
N ALA C 296 26.44 24.11 21.24
CA ALA C 296 27.84 24.24 20.92
C ALA C 296 28.30 23.58 19.64
N GLY C 297 29.36 24.11 19.08
CA GLY C 297 30.09 23.45 18.05
C GLY C 297 31.42 22.90 18.51
N VAL C 298 31.75 21.70 18.09
CA VAL C 298 33.04 21.10 18.37
C VAL C 298 33.58 20.46 17.12
N ALA C 299 34.80 19.97 17.19
CA ALA C 299 35.41 19.35 16.05
C ALA C 299 34.63 18.11 15.69
N PRO C 300 34.31 17.93 14.41
CA PRO C 300 33.47 16.82 14.03
C PRO C 300 34.06 15.49 14.41
N ASP C 301 35.36 15.31 14.30
CA ASP C 301 35.95 14.06 14.69
C ASP C 301 35.95 13.82 16.17
N LEU C 302 35.59 14.85 16.92
CA LEU C 302 35.46 14.83 18.34
C LEU C 302 34.05 15.11 18.81
N MET C 303 33.04 14.75 18.03
CA MET C 303 31.65 15.17 18.26
C MET C 303 31.10 14.74 19.60
N GLY C 304 31.63 13.65 20.12
CA GLY C 304 31.19 13.05 21.34
C GLY C 304 31.38 13.95 22.53
N ILE C 305 32.22 14.94 22.36
CA ILE C 305 32.48 15.92 23.40
C ILE C 305 31.60 17.18 23.40
N GLY C 306 30.66 17.27 22.47
CA GLY C 306 29.82 18.44 22.31
C GLY C 306 29.03 18.78 23.54
N PRO C 307 28.68 17.81 24.36
CA PRO C 307 27.96 18.07 25.59
C PRO C 307 28.63 18.97 26.59
N VAL C 308 29.94 18.97 26.67
CA VAL C 308 30.60 19.74 27.66
C VAL C 308 30.50 21.23 27.47
N PRO C 309 30.85 21.76 26.31
CA PRO C 309 30.68 23.19 26.07
C PRO C 309 29.22 23.67 26.13
N ALA C 310 28.32 22.84 25.64
CA ALA C 310 26.91 23.12 25.64
C ALA C 310 26.31 23.18 27.03
N THR C 311 26.71 22.26 27.88
CA THR C 311 26.30 22.26 29.24
C THR C 311 26.84 23.46 29.92
N GLU C 312 28.06 23.83 29.60
CA GLU C 312 28.65 24.96 30.25
C GLU C 312 27.87 26.18 29.96
N VAL C 313 27.48 26.35 28.72
CA VAL C 313 26.70 27.49 28.31
C VAL C 313 25.36 27.53 29.00
N ALA C 314 24.70 26.39 29.06
CA ALA C 314 23.45 26.26 29.75
C ALA C 314 23.48 26.50 31.26
N LEU C 315 24.47 25.94 31.93
CA LEU C 315 24.62 26.21 33.34
C LEU C 315 24.91 27.67 33.59
N ALA C 316 25.73 28.30 32.77
CA ALA C 316 25.98 29.70 32.98
C ALA C 316 24.73 30.53 32.83
N LYS C 317 23.96 30.28 31.81
CA LYS C 317 22.76 31.03 31.58
C LYS C 317 21.85 30.84 32.76
N ALA C 318 21.92 29.70 33.39
CA ALA C 318 21.05 29.37 34.50
C ALA C 318 21.50 29.89 35.85
N GLY C 319 22.67 30.51 35.91
CA GLY C 319 23.34 30.77 37.16
C GLY C 319 23.55 29.53 38.00
N LEU C 320 24.00 28.47 37.35
CA LEU C 320 24.04 27.17 37.96
C LEU C 320 25.36 26.46 37.74
N THR C 321 25.58 25.43 38.50
CA THR C 321 26.82 24.71 38.54
C THR C 321 26.28 23.35 38.32
N LEU C 322 27.11 22.47 37.80
CA LEU C 322 26.80 21.08 37.60
C LEU C 322 26.54 20.38 38.91
N ALA C 323 27.16 20.82 39.97
CA ALA C 323 26.98 20.25 41.31
C ALA C 323 25.61 20.51 41.85
N ASP C 324 25.06 21.63 41.42
CA ASP C 324 23.73 22.06 41.73
C ASP C 324 22.68 21.09 41.17
N ILE C 325 23.06 20.38 40.11
CA ILE C 325 22.18 19.59 39.29
C ILE C 325 21.88 18.25 39.91
N ASP C 326 20.61 18.01 40.13
CA ASP C 326 20.12 16.76 40.67
C ASP C 326 20.21 15.50 39.83
N LEU C 327 19.86 15.60 38.56
CA LEU C 327 19.76 14.45 37.68
C LEU C 327 20.25 14.76 36.32
N ILE C 328 20.87 13.81 35.68
CA ILE C 328 21.38 14.03 34.36
C ILE C 328 20.95 12.99 33.37
N GLU C 329 20.52 13.44 32.22
CA GLU C 329 20.38 12.58 31.10
C GLU C 329 21.43 12.92 30.08
N LEU C 330 22.40 12.04 29.91
CA LEU C 330 23.44 12.24 28.92
C LEU C 330 23.34 11.09 27.98
N ASN C 331 23.17 11.38 26.71
CA ASN C 331 23.03 10.35 25.73
C ASN C 331 24.23 9.44 25.63
N GLU C 332 23.96 8.16 25.62
CA GLU C 332 24.98 7.18 25.49
C GLU C 332 25.04 6.73 24.05
N ALA C 333 25.56 7.56 23.17
CA ALA C 333 25.74 7.17 21.81
C ALA C 333 26.75 6.06 21.71
N PHE C 334 27.87 6.26 22.38
CA PHE C 334 28.87 5.25 22.55
C PHE C 334 29.34 5.35 23.94
N ALA C 335 29.62 4.24 24.58
CA ALA C 335 29.99 4.26 25.98
C ALA C 335 31.24 5.07 26.15
N ALA C 336 32.11 4.96 25.17
CA ALA C 336 33.36 5.65 25.18
C ALA C 336 33.12 7.10 25.17
N GLN C 337 32.17 7.53 24.35
CA GLN C 337 31.81 8.92 24.23
C GLN C 337 31.26 9.49 25.53
N ALA C 338 30.39 8.76 26.17
CA ALA C 338 29.84 9.17 27.41
C ALA C 338 30.87 9.27 28.51
N LEU C 339 31.74 8.28 28.60
CA LEU C 339 32.73 8.28 29.62
C LEU C 339 33.63 9.47 29.48
N ALA C 340 33.90 9.88 28.26
CA ALA C 340 34.71 11.05 28.06
C ALA C 340 34.12 12.36 28.58
N VAL C 341 32.83 12.56 28.40
CA VAL C 341 32.14 13.69 28.98
C VAL C 341 32.15 13.61 30.49
N MET C 342 31.92 12.43 31.00
CA MET C 342 32.00 12.22 32.41
C MET C 342 33.39 12.48 32.97
N ARG C 343 34.45 12.19 32.22
CA ARG C 343 35.78 12.52 32.67
C ARG C 343 35.95 14.01 32.80
N GLU C 344 35.52 14.75 31.79
CA GLU C 344 35.59 16.21 31.83
C GLU C 344 34.78 16.77 32.98
N TRP C 345 33.70 16.11 33.35
CA TRP C 345 32.83 16.57 34.40
C TRP C 345 33.36 16.15 35.75
N LYS C 346 34.47 15.43 35.76
CA LYS C 346 35.08 15.00 37.01
C LYS C 346 34.18 14.15 37.89
N PHE C 347 33.62 13.11 37.30
CA PHE C 347 32.67 12.26 37.97
C PHE C 347 33.20 11.43 39.11
N GLY C 348 32.34 11.27 40.10
CA GLY C 348 32.58 10.43 41.24
C GLY C 348 31.53 9.36 41.26
N GLU C 349 31.77 8.26 41.95
CA GLU C 349 30.96 7.06 41.82
C GLU C 349 29.52 7.32 42.20
N ALA C 350 29.31 8.34 43.03
CA ALA C 350 28.00 8.84 43.33
C ALA C 350 27.35 9.43 42.09
N ASP C 351 28.09 10.23 41.35
CA ASP C 351 27.52 10.97 40.26
C ASP C 351 26.92 10.02 39.26
N HIS C 352 27.38 8.78 39.23
CA HIS C 352 26.77 7.80 38.38
C HIS C 352 25.46 7.37 38.93
N GLU C 353 25.23 7.73 40.17
CA GLU C 353 23.93 7.59 40.77
C GLU C 353 22.88 8.51 40.19
N ARG C 354 23.27 9.73 39.88
CA ARG C 354 22.36 10.74 39.44
C ARG C 354 22.28 10.86 37.94
N THR C 355 22.90 9.94 37.22
CA THR C 355 23.06 10.11 35.80
C THR C 355 22.56 8.91 35.09
N ASN C 356 21.68 9.12 34.12
CA ASN C 356 21.08 8.09 33.30
C ASN C 356 20.42 6.96 34.08
N VAL C 357 19.62 7.33 35.06
CA VAL C 357 19.10 6.41 36.06
C VAL C 357 18.17 5.29 35.56
N ARG C 358 17.49 5.55 34.47
CA ARG C 358 16.61 4.59 33.87
C ARG C 358 17.18 3.97 32.61
N GLY C 359 18.46 4.14 32.35
CA GLY C 359 19.04 3.61 31.13
C GLY C 359 19.42 4.63 30.12
N SER C 360 19.78 4.19 28.95
CA SER C 360 20.15 5.11 27.90
C SER C 360 20.18 4.52 26.53
N GLY C 361 20.95 5.13 25.67
CA GLY C 361 20.94 4.74 24.31
C GLY C 361 21.35 3.31 24.15
N ILE C 362 22.35 2.86 24.87
CA ILE C 362 22.89 1.54 24.65
C ILE C 362 21.88 0.42 24.90
N SER C 363 21.24 0.41 26.05
CA SER C 363 20.12 -0.47 26.23
C SER C 363 18.84 -0.17 25.46
N LEU C 364 18.38 1.06 25.50
CA LEU C 364 17.11 1.42 24.87
C LEU C 364 17.01 1.41 23.37
N GLY C 365 18.02 2.00 22.77
CA GLY C 365 18.07 2.28 21.37
C GLY C 365 18.26 3.76 21.18
N HIS C 366 18.64 4.13 19.98
CA HIS C 366 18.84 5.51 19.65
C HIS C 366 18.10 5.86 18.37
N PRO C 367 16.81 6.06 18.48
CA PRO C 367 16.03 6.39 17.29
C PRO C 367 16.04 7.87 17.14
N VAL C 368 16.85 8.41 16.25
CA VAL C 368 17.46 9.67 16.47
C VAL C 368 16.56 10.85 16.69
N GLY C 369 15.51 11.00 15.89
CA GLY C 369 14.57 12.08 16.02
C GLY C 369 13.81 12.12 17.32
N ALA C 370 13.43 10.96 17.80
CA ALA C 370 12.71 10.74 19.03
C ALA C 370 13.53 10.68 20.29
N THR C 371 14.84 10.69 20.15
CA THR C 371 15.74 10.51 21.28
C THR C 371 15.69 11.61 22.33
N GLY C 372 15.60 12.85 21.92
CA GLY C 372 15.49 13.94 22.85
C GLY C 372 14.25 13.89 23.70
N GLY C 373 13.16 13.48 23.11
CA GLY C 373 11.95 13.26 23.82
C GLY C 373 12.04 12.18 24.84
N ARG C 374 12.72 11.11 24.53
CA ARG C 374 12.82 10.01 25.43
C ARG C 374 13.54 10.41 26.69
N MET C 375 14.58 11.18 26.50
CA MET C 375 15.39 11.68 27.55
C MET C 375 14.63 12.61 28.46
N LEU C 376 13.85 13.48 27.86
CA LEU C 376 12.97 14.35 28.57
C LEU C 376 11.89 13.63 29.35
N ALA C 377 11.28 12.63 28.78
CA ALA C 377 10.21 11.97 29.44
C ALA C 377 10.74 11.36 30.70
N THR C 378 11.90 10.75 30.59
CA THR C 378 12.59 10.18 31.72
C THR C 378 13.05 11.20 32.73
N LEU C 379 13.65 12.30 32.29
CA LEU C 379 14.13 13.25 33.25
C LEU C 379 13.02 13.86 34.04
N ALA C 380 12.01 14.40 33.37
CA ALA C 380 10.96 15.14 34.00
C ALA C 380 10.15 14.33 34.95
N ARG C 381 9.77 13.16 34.51
CA ARG C 381 9.01 12.23 35.33
C ARG C 381 9.78 11.73 36.52
N GLU C 382 11.05 11.43 36.33
CA GLU C 382 11.94 10.99 37.38
C GLU C 382 12.22 12.09 38.40
N LEU C 383 12.30 13.31 37.93
CA LEU C 383 12.47 14.46 38.78
C LEU C 383 11.29 14.56 39.73
N HIS C 384 10.12 14.25 39.22
CA HIS C 384 8.92 14.11 40.02
C HIS C 384 8.96 12.98 41.01
N ARG C 385 9.39 11.82 40.57
CA ARG C 385 9.37 10.67 41.43
C ARG C 385 10.28 10.92 42.59
N ARG C 386 11.38 11.60 42.35
CA ARG C 386 12.35 11.92 43.38
C ARG C 386 12.11 13.21 44.13
N GLU C 387 11.20 14.03 43.68
CA GLU C 387 11.00 15.32 44.27
C GLU C 387 12.31 16.06 44.27
N ALA C 388 13.00 16.03 43.15
CA ALA C 388 14.27 16.70 42.98
C ALA C 388 14.13 17.97 42.13
N ARG C 389 14.91 18.97 42.42
CA ARG C 389 14.82 20.21 41.69
C ARG C 389 15.25 20.38 40.22
N TYR C 390 16.49 20.09 39.89
CA TYR C 390 17.02 20.41 38.60
C TYR C 390 17.46 19.20 37.83
N GLY C 391 17.19 19.19 36.54
CA GLY C 391 17.62 18.12 35.68
C GLY C 391 18.36 18.69 34.51
N LEU C 392 19.29 17.93 33.98
CA LEU C 392 20.04 18.35 32.82
C LEU C 392 19.82 17.38 31.68
N GLU C 393 19.50 17.89 30.52
CA GLU C 393 19.46 17.06 29.35
C GLU C 393 20.50 17.52 28.38
N THR C 394 21.33 16.61 27.93
CA THR C 394 22.40 16.96 27.03
C THR C 394 22.78 15.83 26.12
N MET C 395 23.21 16.16 24.92
CA MET C 395 23.66 15.20 23.93
C MET C 395 24.71 15.67 22.95
N CYS C 396 25.42 14.71 22.42
CA CYS C 396 26.34 14.93 21.34
C CYS C 396 25.61 14.84 20.03
N ILE C 397 26.09 15.59 19.08
CA ILE C 397 25.47 15.65 17.79
C ILE C 397 26.47 15.28 16.69
N GLY C 398 26.05 14.41 15.80
CA GLY C 398 26.84 14.07 14.66
C GLY C 398 27.09 15.26 13.78
N GLY C 399 28.34 15.43 13.39
CA GLY C 399 28.82 16.58 12.68
C GLY C 399 29.48 17.60 13.55
N GLY C 400 29.70 17.32 14.79
CA GLY C 400 30.29 18.28 15.70
C GLY C 400 29.45 19.24 16.49
N GLN C 401 28.35 18.79 17.03
CA GLN C 401 27.50 19.65 17.82
C GLN C 401 27.21 19.12 19.22
N GLY C 402 26.67 19.99 20.05
CA GLY C 402 26.11 19.64 21.33
C GLY C 402 24.91 20.49 21.66
N LEU C 403 23.92 19.90 22.31
CA LEU C 403 22.79 20.62 22.84
C LEU C 403 22.60 20.24 24.27
N ALA C 404 22.32 21.19 25.13
CA ALA C 404 21.94 20.91 26.49
C ALA C 404 20.80 21.77 27.01
N ALA C 405 19.95 21.19 27.85
CA ALA C 405 18.91 21.96 28.50
C ALA C 405 18.80 21.75 30.00
N VAL C 406 18.49 22.80 30.72
CA VAL C 406 18.19 22.70 32.12
C VAL C 406 16.72 22.91 32.45
N PHE C 407 16.18 21.95 33.19
CA PHE C 407 14.79 21.85 33.55
C PHE C 407 14.60 21.88 35.07
N GLU C 408 13.57 22.55 35.54
CA GLU C 408 13.25 22.62 36.94
C GLU C 408 11.88 22.08 37.25
N ARG C 409 11.81 21.20 38.24
CA ARG C 409 10.54 20.64 38.66
C ARG C 409 9.53 21.68 39.06
N VAL C 410 8.28 21.48 38.68
CA VAL C 410 7.23 22.37 39.09
C VAL C 410 6.65 21.93 40.43
N GLN C 411 6.27 22.89 41.25
CA GLN C 411 5.45 22.63 42.40
C GLN C 411 4.63 23.84 42.83
N ARG D 10 14.46 42.89 24.09
CA ARG D 10 15.28 43.43 23.04
C ARG D 10 14.68 43.11 21.70
N ASP D 11 14.96 43.95 20.72
CA ASP D 11 14.53 43.79 19.34
C ASP D 11 15.37 42.83 18.52
N ALA D 12 14.78 42.34 17.46
CA ALA D 12 15.47 41.53 16.52
C ALA D 12 15.38 42.23 15.20
N VAL D 13 16.53 42.45 14.58
CA VAL D 13 16.62 43.21 13.37
C VAL D 13 17.38 42.40 12.32
N ILE D 14 17.09 42.66 11.07
CA ILE D 14 17.64 41.94 9.97
C ILE D 14 18.68 42.82 9.34
N CYS D 15 19.88 42.31 9.18
CA CYS D 15 20.96 43.02 8.53
C CYS D 15 21.46 42.27 7.32
N GLU D 16 21.72 42.98 6.22
CA GLU D 16 22.34 42.42 5.02
C GLU D 16 21.71 41.17 4.43
N PRO D 17 20.42 41.16 4.19
CA PRO D 17 19.78 39.98 3.61
C PRO D 17 20.07 39.85 2.13
N VAL D 18 20.56 38.68 1.78
CA VAL D 18 21.12 38.40 0.46
C VAL D 18 20.67 37.08 -0.13
N ARG D 19 20.81 36.92 -1.41
CA ARG D 19 20.58 35.67 -2.06
C ARG D 19 21.56 35.48 -3.17
N THR D 20 21.62 34.28 -3.68
CA THR D 20 22.19 34.00 -4.96
C THR D 20 21.19 34.36 -6.05
N PRO D 21 21.60 34.29 -7.30
CA PRO D 21 20.65 34.38 -8.39
C PRO D 21 19.81 33.14 -8.40
N ILE D 22 18.70 33.15 -9.08
CA ILE D 22 17.90 31.96 -9.13
C ILE D 22 17.98 31.30 -10.49
N GLY D 23 18.61 30.14 -10.52
CA GLY D 23 18.57 29.23 -11.64
C GLY D 23 17.30 28.44 -11.87
N ARG D 24 17.03 28.13 -13.11
CA ARG D 24 15.96 27.28 -13.55
C ARG D 24 16.27 25.84 -13.27
N TYR D 25 15.26 25.00 -13.33
CA TYR D 25 15.40 23.57 -13.17
C TYR D 25 16.08 22.98 -14.35
N GLY D 26 17.20 22.35 -14.08
CA GLY D 26 18.10 21.83 -15.07
C GLY D 26 18.96 22.87 -15.70
N GLY D 27 19.03 24.03 -15.10
CA GLY D 27 19.63 25.20 -15.69
C GLY D 27 20.97 25.60 -15.16
N MET D 28 21.23 26.88 -15.06
CA MET D 28 22.58 27.34 -14.89
C MET D 28 23.31 26.83 -13.68
N PHE D 29 22.58 26.36 -12.69
CA PHE D 29 23.16 25.94 -11.44
C PHE D 29 23.05 24.45 -11.30
N ARG D 30 22.87 23.77 -12.40
CA ARG D 30 22.67 22.36 -12.42
C ARG D 30 23.81 21.64 -11.77
N SER D 31 25.01 22.15 -11.90
CA SER D 31 26.16 21.48 -11.38
C SER D 31 26.41 21.73 -9.90
N LEU D 32 25.56 22.53 -9.29
CA LEU D 32 25.75 23.00 -7.95
C LEU D 32 24.84 22.31 -6.97
N THR D 33 25.39 21.87 -5.86
CA THR D 33 24.59 21.36 -4.80
C THR D 33 23.96 22.50 -4.01
N ALA D 34 23.00 22.17 -3.16
CA ALA D 34 22.38 23.18 -2.36
C ALA D 34 23.43 23.76 -1.47
N VAL D 35 24.29 22.90 -0.97
CA VAL D 35 25.34 23.31 -0.10
C VAL D 35 26.22 24.30 -0.77
N ASP D 36 26.53 24.11 -2.04
CA ASP D 36 27.35 25.04 -2.79
C ASP D 36 26.75 26.41 -2.93
N LEU D 37 25.47 26.47 -3.21
CA LEU D 37 24.77 27.71 -3.18
C LEU D 37 24.75 28.28 -1.78
N GLY D 38 24.55 27.47 -0.78
CA GLY D 38 24.46 27.93 0.55
C GLY D 38 25.74 28.57 0.96
N VAL D 39 26.83 27.91 0.65
CA VAL D 39 28.14 28.40 0.98
C VAL D 39 28.46 29.71 0.29
N THR D 40 28.11 29.85 -0.96
CA THR D 40 28.31 31.09 -1.67
C THR D 40 27.51 32.24 -1.07
N ALA D 41 26.25 32.03 -0.73
CA ALA D 41 25.46 33.05 -0.12
C ALA D 41 26.01 33.48 1.19
N LEU D 42 26.40 32.52 2.01
CA LEU D 42 26.97 32.79 3.29
C LEU D 42 28.32 33.51 3.28
N LYS D 43 29.18 33.11 2.38
CA LYS D 43 30.44 33.76 2.24
C LYS D 43 30.27 35.19 1.80
N GLY D 44 29.37 35.42 0.88
CA GLY D 44 29.12 36.73 0.39
C GLY D 44 28.63 37.61 1.50
N LEU D 45 27.78 37.07 2.34
CA LEU D 45 27.25 37.82 3.44
C LEU D 45 28.32 38.21 4.43
N LEU D 46 29.17 37.28 4.79
CA LEU D 46 30.30 37.56 5.65
C LEU D 46 31.27 38.52 5.05
N GLU D 47 31.53 38.39 3.79
CA GLU D 47 32.37 39.32 3.13
C GLU D 47 31.80 40.72 3.10
N ARG D 48 30.55 40.87 2.74
CA ARG D 48 29.94 42.16 2.69
C ARG D 48 29.91 42.85 4.04
N THR D 49 29.70 42.09 5.09
CA THR D 49 29.59 42.61 6.44
C THR D 49 30.89 42.72 7.27
N GLY D 50 31.93 42.00 6.89
CA GLY D 50 33.18 42.17 7.56
C GLY D 50 33.20 41.58 8.93
N ILE D 51 32.20 40.78 9.17
CA ILE D 51 32.00 40.16 10.44
C ILE D 51 32.95 39.01 10.68
N ALA D 52 33.50 38.97 11.87
CA ALA D 52 34.34 37.91 12.28
C ALA D 52 33.48 36.68 12.35
N ALA D 53 33.99 35.57 11.89
CA ALA D 53 33.21 34.37 11.78
C ALA D 53 32.70 33.89 13.10
N ASP D 54 33.47 34.08 14.16
CA ASP D 54 33.21 33.53 15.48
C ASP D 54 32.05 34.16 16.24
N GLN D 55 31.57 35.26 15.67
CA GLN D 55 30.41 36.08 16.01
C GLN D 55 29.08 35.40 15.85
N VAL D 56 29.03 34.50 14.90
CA VAL D 56 27.83 33.83 14.44
C VAL D 56 27.53 32.67 15.35
N GLU D 57 26.45 32.79 16.09
CA GLU D 57 26.11 31.82 17.11
C GLU D 57 25.29 30.63 16.65
N ASP D 58 24.68 30.74 15.49
CA ASP D 58 23.97 29.65 14.93
C ASP D 58 23.72 29.98 13.47
N VAL D 59 23.56 28.96 12.64
CA VAL D 59 23.09 29.06 11.27
C VAL D 59 21.85 28.20 11.08
N ILE D 60 20.70 28.83 10.93
CA ILE D 60 19.45 28.13 10.76
C ILE D 60 18.96 28.26 9.34
N LEU D 61 18.73 27.13 8.74
CA LEU D 61 18.41 27.07 7.34
C LEU D 61 17.20 26.26 6.95
N GLY D 62 16.31 26.89 6.21
CA GLY D 62 15.22 26.24 5.59
C GLY D 62 15.60 25.45 4.38
N HIS D 63 15.21 24.22 4.40
CA HIS D 63 15.62 23.30 3.44
C HIS D 63 14.55 22.23 3.36
N CYS D 64 13.95 22.12 2.21
CA CYS D 64 12.79 21.29 2.00
C CYS D 64 12.95 19.92 1.37
N TYR D 65 14.06 19.67 0.73
CA TYR D 65 14.40 18.36 0.21
C TYR D 65 15.76 17.92 0.71
N PRO D 66 15.87 17.67 2.00
CA PRO D 66 17.11 17.13 2.58
C PRO D 66 17.42 15.70 2.22
N ASN D 67 18.69 15.38 2.17
CA ASN D 67 19.12 14.00 2.08
C ASN D 67 20.43 13.88 2.76
N SER D 68 21.01 12.68 2.75
CA SER D 68 22.23 12.38 3.46
C SER D 68 23.51 12.99 2.88
N GLU D 69 23.42 13.59 1.72
CA GLU D 69 24.52 14.33 1.19
C GLU D 69 24.87 15.50 2.12
N ALA D 70 23.86 16.14 2.67
CA ALA D 70 24.02 17.19 3.66
C ALA D 70 23.10 17.10 4.86
N PRO D 71 23.43 16.33 5.87
CA PRO D 71 22.62 16.28 7.09
C PRO D 71 22.73 17.54 7.91
N ALA D 72 21.63 18.03 8.49
CA ALA D 72 21.57 19.24 9.30
C ALA D 72 22.22 20.48 8.69
N ILE D 73 21.71 20.85 7.55
CA ILE D 73 22.42 21.47 6.49
C ILE D 73 23.06 22.78 6.90
N GLY D 74 22.53 23.44 7.90
CA GLY D 74 23.09 24.68 8.33
C GLY D 74 24.48 24.46 8.81
N ARG D 75 24.71 23.40 9.53
CA ARG D 75 26.02 23.11 10.05
C ARG D 75 27.05 22.83 8.97
N VAL D 76 26.66 22.06 7.98
CA VAL D 76 27.48 21.78 6.83
C VAL D 76 27.81 23.02 6.04
N VAL D 77 26.84 23.87 5.80
CA VAL D 77 27.08 25.07 5.08
C VAL D 77 28.07 25.91 5.84
N ALA D 78 27.96 25.95 7.14
CA ALA D 78 28.87 26.72 7.93
C ALA D 78 30.31 26.21 7.90
N LEU D 79 30.50 24.92 7.99
CA LEU D 79 31.79 24.34 7.87
C LEU D 79 32.42 24.54 6.51
N ASP D 80 31.67 24.27 5.46
CA ASP D 80 32.13 24.34 4.09
C ASP D 80 32.40 25.75 3.64
N ALA D 81 31.90 26.71 4.37
CA ALA D 81 32.14 28.09 4.08
C ALA D 81 33.36 28.58 4.82
N GLY D 82 33.98 27.70 5.57
CA GLY D 82 35.13 28.03 6.36
C GLY D 82 34.96 28.64 7.71
N LEU D 83 33.78 28.58 8.26
CA LEU D 83 33.56 29.08 9.60
C LEU D 83 34.16 28.10 10.58
N PRO D 84 34.43 28.55 11.78
CA PRO D 84 35.09 27.69 12.74
C PRO D 84 34.20 26.55 13.17
N ILE D 85 34.76 25.54 13.79
CA ILE D 85 34.05 24.36 14.20
C ILE D 85 33.08 24.66 15.33
N THR D 86 33.15 25.85 15.87
CA THR D 86 32.46 26.21 17.05
C THR D 86 31.10 26.75 16.78
N VAL D 87 30.72 26.80 15.52
CA VAL D 87 29.47 27.37 15.13
C VAL D 87 28.45 26.30 14.81
N PRO D 88 27.37 26.27 15.56
CA PRO D 88 26.26 25.37 15.28
C PRO D 88 25.33 25.70 14.07
N GLY D 89 24.67 24.68 13.58
CA GLY D 89 23.83 24.76 12.43
C GLY D 89 22.77 23.73 12.45
N MET D 90 21.70 23.96 11.71
CA MET D 90 20.52 23.12 11.64
C MET D 90 19.63 23.33 10.43
N GLN D 91 18.69 22.42 10.23
CA GLN D 91 17.74 22.43 9.15
C GLN D 91 16.27 22.50 9.61
N VAL D 92 15.48 23.36 8.98
CA VAL D 92 14.03 23.48 9.22
C VAL D 92 13.15 23.39 7.98
N ASP D 93 12.05 22.65 8.05
CA ASP D 93 11.06 22.52 7.02
C ASP D 93 9.62 22.83 7.45
N ARG D 94 9.07 23.87 6.88
CA ARG D 94 7.66 24.16 6.84
C ARG D 94 7.36 24.49 5.40
N ARG D 95 7.91 23.70 4.49
CA ARG D 95 7.68 23.81 3.05
C ARG D 95 8.02 25.17 2.52
N CYS D 96 7.07 25.75 1.83
CA CYS D 96 7.22 26.97 1.13
C CYS D 96 7.53 28.12 2.16
N GLY D 97 7.20 27.89 3.41
CA GLY D 97 7.47 28.80 4.49
C GLY D 97 8.78 28.61 5.23
N SER D 98 9.64 27.72 4.82
CA SER D 98 10.85 27.42 5.53
C SER D 98 11.88 28.53 5.77
N GLY D 99 12.06 29.41 4.82
CA GLY D 99 12.91 30.56 4.98
C GLY D 99 12.50 31.56 6.00
N LEU D 100 11.23 31.86 6.05
CA LEU D 100 10.61 32.68 7.07
C LEU D 100 10.65 32.06 8.46
N GLN D 101 10.44 30.78 8.49
CA GLN D 101 10.49 30.03 9.68
C GLN D 101 11.86 30.06 10.32
N ALA D 102 12.89 29.98 9.52
CA ALA D 102 14.22 30.06 10.03
C ALA D 102 14.50 31.41 10.63
N VAL D 103 14.07 32.46 9.96
CA VAL D 103 14.19 33.83 10.40
C VAL D 103 13.43 34.04 11.68
N ILE D 104 12.21 33.56 11.74
CA ILE D 104 11.45 33.68 12.94
C ILE D 104 12.12 32.95 14.10
N GLN D 105 12.64 31.76 13.88
CA GLN D 105 13.31 31.04 14.91
C GLN D 105 14.50 31.83 15.37
N ALA D 106 15.15 32.46 14.42
CA ALA D 106 16.28 33.28 14.67
C ALA D 106 15.96 34.50 15.53
N CYS D 107 14.88 35.18 15.25
CA CYS D 107 14.43 36.26 16.08
C CYS D 107 14.06 35.84 17.49
N LEU D 108 13.44 34.69 17.64
CA LEU D 108 13.07 34.19 18.95
C LEU D 108 14.30 33.91 19.80
N GLN D 109 15.32 33.33 19.20
CA GLN D 109 16.56 33.10 19.88
C GLN D 109 17.32 34.32 20.25
N VAL D 110 17.39 35.29 19.38
CA VAL D 110 18.00 36.56 19.69
C VAL D 110 17.24 37.36 20.74
N ARG D 111 15.93 37.41 20.64
CA ARG D 111 15.10 38.15 21.55
C ARG D 111 15.07 37.65 22.96
N SER D 112 15.11 36.37 23.13
CA SER D 112 15.14 35.77 24.43
C SER D 112 16.42 36.04 25.16
N GLY D 113 17.41 36.56 24.45
CA GLY D 113 18.70 36.84 25.01
C GLY D 113 19.63 35.68 25.06
N ASP D 114 19.25 34.57 24.46
CA ASP D 114 20.13 33.43 24.25
C ASP D 114 21.29 33.68 23.32
N HIS D 115 21.03 34.35 22.21
CA HIS D 115 22.03 34.55 21.23
C HIS D 115 22.01 36.01 20.85
N ASP D 116 23.16 36.54 20.45
CA ASP D 116 23.21 37.89 20.02
C ASP D 116 23.27 38.07 18.51
N LEU D 117 23.79 37.09 17.81
CA LEU D 117 23.80 37.14 16.38
C LEU D 117 23.71 35.75 15.79
N VAL D 118 22.88 35.60 14.79
CA VAL D 118 22.74 34.36 14.08
C VAL D 118 22.53 34.61 12.61
N VAL D 119 22.66 33.58 11.82
CA VAL D 119 22.40 33.61 10.42
C VAL D 119 21.15 32.81 10.16
N ALA D 120 20.24 33.35 9.39
CA ALA D 120 19.06 32.68 8.99
C ALA D 120 18.98 32.67 7.51
N GLY D 121 18.56 31.57 6.95
CA GLY D 121 18.59 31.42 5.54
C GLY D 121 17.94 30.20 5.03
N GLY D 122 18.13 29.97 3.77
CA GLY D 122 17.67 28.79 3.16
C GLY D 122 18.39 28.43 1.91
N ALA D 123 18.36 27.18 1.57
CA ALA D 123 19.02 26.71 0.39
C ALA D 123 18.22 25.60 -0.25
N GLU D 124 18.11 25.64 -1.54
CA GLU D 124 17.53 24.55 -2.26
C GLU D 124 18.17 24.32 -3.61
N SER D 125 18.42 23.07 -3.94
CA SER D 125 18.70 22.73 -5.30
C SER D 125 17.68 21.74 -5.82
N MET D 126 16.65 22.25 -6.45
CA MET D 126 15.61 21.44 -7.03
C MET D 126 16.09 20.63 -8.19
N SER D 127 17.15 21.10 -8.80
CA SER D 127 17.84 20.44 -9.89
C SER D 127 18.43 19.11 -9.45
N ASN D 128 18.86 19.05 -8.23
CA ASN D 128 19.50 17.89 -7.78
C ASN D 128 18.73 17.09 -6.77
N VAL D 129 17.43 17.29 -6.66
CA VAL D 129 16.66 16.54 -5.66
C VAL D 129 16.65 15.06 -5.93
N ALA D 130 16.83 14.28 -4.90
CA ALA D 130 16.98 12.86 -5.02
C ALA D 130 15.75 12.16 -5.46
N PHE D 131 15.94 11.01 -6.07
CA PHE D 131 14.94 9.98 -6.25
C PHE D 131 15.18 8.96 -5.17
N TYR D 132 14.13 8.34 -4.65
CA TYR D 132 14.23 7.58 -3.44
C TYR D 132 13.26 6.42 -3.39
N SER D 133 13.56 5.42 -2.57
CA SER D 133 12.74 4.24 -2.41
C SER D 133 12.78 3.77 -1.01
N THR D 134 11.68 3.23 -0.55
CA THR D 134 11.52 2.64 0.75
C THR D 134 11.29 1.15 0.64
N ASP D 135 11.49 0.64 -0.56
CA ASP D 135 11.32 -0.75 -0.85
C ASP D 135 12.62 -1.55 -1.04
N MET D 136 13.77 -0.93 -0.94
CA MET D 136 15.01 -1.63 -1.22
C MET D 136 15.79 -2.16 -0.06
N ARG D 137 15.26 -2.01 1.12
CA ARG D 137 16.02 -2.29 2.27
C ARG D 137 15.67 -3.66 2.89
N TRP D 138 14.42 -4.03 2.88
CA TRP D 138 13.97 -5.32 3.37
C TRP D 138 13.40 -6.19 2.26
N GLY D 139 13.60 -5.75 1.04
CA GLY D 139 13.20 -6.52 -0.09
C GLY D 139 11.94 -6.14 -0.80
N GLY D 140 12.01 -6.25 -2.11
CA GLY D 140 10.94 -5.95 -3.02
C GLY D 140 10.27 -7.21 -3.51
N ALA D 141 10.50 -8.25 -2.76
CA ALA D 141 10.18 -9.60 -3.15
C ALA D 141 8.69 -9.76 -3.45
N ARG D 142 7.86 -9.08 -2.67
CA ARG D 142 6.42 -9.19 -2.77
C ARG D 142 5.72 -7.92 -3.15
N THR D 143 6.21 -6.81 -2.63
CA THR D 143 5.70 -5.50 -2.91
C THR D 143 5.89 -4.96 -4.33
N GLY D 144 7.02 -5.27 -4.92
CA GLY D 144 7.51 -4.58 -6.06
C GLY D 144 8.38 -3.47 -5.54
N VAL D 145 9.18 -2.84 -6.37
CA VAL D 145 9.96 -1.72 -5.94
C VAL D 145 9.50 -0.49 -6.66
N GLN D 146 9.40 0.60 -5.94
CA GLN D 146 9.02 1.89 -6.45
C GLN D 146 10.09 2.89 -6.15
N ILE D 147 10.43 3.73 -7.12
CA ILE D 147 11.37 4.82 -6.88
C ILE D 147 10.59 6.07 -7.08
N HIS D 148 10.67 7.01 -6.16
CA HIS D 148 9.87 8.19 -6.25
C HIS D 148 10.71 9.37 -6.51
N ASP D 149 10.23 10.25 -7.38
CA ASP D 149 10.79 11.56 -7.57
C ASP D 149 10.40 12.37 -6.36
N GLY D 150 11.39 12.96 -5.75
CA GLY D 150 11.20 13.77 -4.57
C GLY D 150 10.35 14.96 -4.84
N LEU D 151 10.54 15.63 -5.96
CA LEU D 151 9.71 16.75 -6.23
C LEU D 151 8.28 16.39 -6.44
N ALA D 152 8.00 15.46 -7.35
CA ALA D 152 6.65 15.03 -7.63
C ALA D 152 5.85 14.36 -6.52
N ARG D 153 6.46 13.42 -5.81
CA ARG D 153 5.82 12.63 -4.77
C ARG D 153 5.35 13.48 -3.61
N GLY D 154 6.20 14.40 -3.19
CA GLY D 154 5.98 15.34 -2.14
C GLY D 154 4.78 16.22 -2.58
N ARG D 155 4.35 16.68 -3.79
N ARG D 155 4.32 16.65 -3.79
CA ARG D 155 3.25 17.53 -4.08
CA ARG D 155 3.20 17.48 -4.07
C ARG D 155 1.87 17.01 -3.66
C ARG D 155 1.85 16.98 -3.62
N THR D 156 1.61 15.70 -3.78
CA THR D 156 0.65 14.69 -3.34
C THR D 156 0.54 14.25 -1.88
N THR D 157 1.64 14.07 -1.19
CA THR D 157 1.57 13.56 0.15
C THR D 157 1.55 14.52 1.30
N ALA D 158 1.74 15.80 1.08
CA ALA D 158 1.90 16.73 2.17
C ALA D 158 0.70 16.85 3.08
N GLY D 159 -0.48 16.56 2.55
CA GLY D 159 -1.70 16.61 3.27
C GLY D 159 -1.94 15.37 4.07
N GLY D 160 -1.09 14.38 3.91
CA GLY D 160 -1.20 13.10 4.54
C GLY D 160 -2.20 12.18 3.90
N LYS D 161 -2.52 11.11 4.59
CA LYS D 161 -3.44 10.10 4.12
C LYS D 161 -4.94 10.42 3.96
N PHE D 162 -5.42 11.36 4.73
CA PHE D 162 -6.79 11.75 4.71
C PHE D 162 -7.08 12.93 3.81
N HIS D 163 -6.05 13.58 3.34
CA HIS D 163 -6.18 14.71 2.45
C HIS D 163 -5.25 14.60 1.30
N PRO D 164 -5.44 13.58 0.49
CA PRO D 164 -4.63 13.41 -0.70
C PRO D 164 -4.97 14.39 -1.82
N VAL D 165 -3.93 14.86 -2.47
CA VAL D 165 -4.06 15.65 -3.66
C VAL D 165 -3.28 15.11 -4.83
N PRO D 166 -3.93 14.30 -5.63
CA PRO D 166 -3.29 13.62 -6.75
C PRO D 166 -2.70 14.55 -7.81
N GLY D 167 -3.44 15.62 -8.09
CA GLY D 167 -3.01 16.65 -8.99
C GLY D 167 -1.92 17.52 -8.45
N GLY D 168 -1.59 17.39 -7.19
CA GLY D 168 -0.58 18.22 -6.61
C GLY D 168 -0.96 19.62 -6.17
N MET D 169 0.04 20.46 -6.12
CA MET D 169 -0.04 21.86 -5.80
C MET D 169 -0.88 22.53 -6.81
N LEU D 170 -0.72 22.06 -8.02
CA LEU D 170 -1.41 22.49 -9.20
C LEU D 170 -2.93 22.29 -9.17
N GLU D 171 -3.42 21.19 -8.65
CA GLU D 171 -4.83 20.97 -8.49
C GLU D 171 -5.42 21.95 -7.49
N THR D 172 -4.70 22.21 -6.42
CA THR D 172 -5.13 23.16 -5.41
C THR D 172 -5.26 24.53 -5.98
N ALA D 173 -4.36 24.89 -6.86
CA ALA D 173 -4.43 26.13 -7.58
C ALA D 173 -5.66 26.21 -8.48
N GLU D 174 -5.95 25.14 -9.18
CA GLU D 174 -7.16 24.98 -9.95
C GLU D 174 -8.40 25.00 -9.08
N ASN D 175 -8.30 24.47 -7.89
CA ASN D 175 -9.39 24.51 -6.97
C ASN D 175 -9.78 25.91 -6.57
N LEU D 176 -8.79 26.75 -6.34
CA LEU D 176 -9.00 28.13 -5.99
C LEU D 176 -9.55 28.94 -7.13
N ARG D 177 -9.11 28.65 -8.33
CA ARG D 177 -9.59 29.26 -9.52
C ARG D 177 -11.07 28.98 -9.74
N ARG D 178 -11.52 27.76 -9.53
CA ARG D 178 -12.91 27.44 -9.56
C ARG D 178 -13.74 28.12 -8.48
N GLU D 179 -13.30 28.11 -7.24
CA GLU D 179 -14.03 28.75 -6.19
C GLU D 179 -14.19 30.24 -6.30
N TYR D 180 -13.14 30.93 -6.68
CA TYR D 180 -13.10 32.36 -6.71
C TYR D 180 -13.32 32.94 -8.07
N HIS D 181 -13.64 32.09 -9.03
CA HIS D 181 -13.93 32.50 -10.41
C HIS D 181 -12.85 33.35 -11.05
N ILE D 182 -11.61 32.90 -10.97
CA ILE D 182 -10.50 33.60 -11.55
C ILE D 182 -10.25 33.22 -13.01
N SER D 183 -10.33 34.19 -13.88
CA SER D 183 -10.20 33.97 -15.28
C SER D 183 -8.79 33.71 -15.66
N ARG D 184 -8.61 33.17 -16.84
CA ARG D 184 -7.31 32.97 -17.41
C ARG D 184 -6.61 34.27 -17.65
N THR D 185 -7.33 35.25 -18.10
CA THR D 185 -6.74 36.53 -18.44
C THR D 185 -6.19 37.23 -17.22
N GLU D 186 -6.89 37.12 -16.13
CA GLU D 186 -6.48 37.68 -14.89
C GLU D 186 -5.17 37.11 -14.40
N GLN D 187 -5.02 35.80 -14.52
CA GLN D 187 -3.81 35.11 -14.19
C GLN D 187 -2.61 35.42 -15.05
N ASP D 188 -2.80 35.39 -16.34
CA ASP D 188 -1.74 35.66 -17.28
C ASP D 188 -1.30 37.09 -17.09
N GLU D 189 -2.25 37.95 -16.81
CA GLU D 189 -1.99 39.33 -16.63
C GLU D 189 -1.09 39.56 -15.45
N LEU D 190 -1.35 38.83 -14.39
CA LEU D 190 -0.56 38.91 -13.21
C LEU D 190 0.84 38.46 -13.49
N ALA D 191 0.98 37.46 -14.33
CA ALA D 191 2.27 36.93 -14.70
C ALA D 191 3.14 37.93 -15.44
N VAL D 192 2.50 38.75 -16.26
CA VAL D 192 3.15 39.77 -17.00
C VAL D 192 3.76 40.80 -16.12
N ARG D 193 3.02 41.23 -15.12
CA ARG D 193 3.49 42.23 -14.20
C ARG D 193 4.69 41.71 -13.50
N SER D 194 4.67 40.45 -13.18
CA SER D 194 5.73 39.81 -12.46
C SER D 194 7.05 39.82 -13.22
N HIS D 195 7.00 39.55 -14.51
CA HIS D 195 8.13 39.64 -15.39
C HIS D 195 8.61 41.05 -15.64
N GLN D 196 7.68 41.97 -15.83
CA GLN D 196 8.02 43.36 -16.00
C GLN D 196 8.65 43.98 -14.77
N ARG D 197 8.11 43.69 -13.60
CA ARG D 197 8.66 44.18 -12.36
C ARG D 197 10.03 43.63 -12.04
N ALA D 198 10.23 42.35 -12.30
CA ALA D 198 11.53 41.75 -12.13
C ALA D 198 12.57 42.30 -13.09
N VAL D 199 12.20 42.41 -14.36
CA VAL D 199 13.11 42.91 -15.35
C VAL D 199 13.47 44.36 -15.05
N ALA D 200 12.50 45.15 -14.63
CA ALA D 200 12.68 46.52 -14.24
C ALA D 200 13.56 46.65 -13.05
N ALA D 201 13.41 45.74 -12.12
CA ALA D 201 14.27 45.65 -11.00
C ALA D 201 15.69 45.37 -11.42
N GLN D 202 15.88 44.56 -12.45
CA GLN D 202 17.19 44.32 -13.00
C GLN D 202 17.85 45.55 -13.61
N SER D 203 17.15 46.22 -14.49
CA SER D 203 17.63 47.42 -15.13
C SER D 203 17.86 48.63 -14.23
N GLU D 204 17.06 48.76 -13.20
CA GLU D 204 17.17 49.82 -12.24
C GLU D 204 18.36 49.63 -11.31
N GLY D 205 18.92 48.45 -11.29
CA GLY D 205 20.07 48.17 -10.47
C GLY D 205 19.78 47.85 -9.03
N VAL D 206 18.53 47.75 -8.65
CA VAL D 206 18.19 47.41 -7.29
C VAL D 206 18.62 45.98 -6.93
N LEU D 207 18.66 45.15 -7.93
CA LEU D 207 18.96 43.74 -7.76
C LEU D 207 20.33 43.43 -7.26
N ALA D 208 21.30 44.23 -7.65
CA ALA D 208 22.69 44.03 -7.27
C ALA D 208 22.91 44.09 -5.78
N GLU D 209 22.13 44.91 -5.12
CA GLU D 209 22.15 45.06 -3.67
C GLU D 209 21.74 43.77 -2.99
N GLU D 210 20.79 43.07 -3.55
CA GLU D 210 20.39 41.73 -3.17
C GLU D 210 21.33 40.56 -3.38
N ILE D 211 22.01 40.52 -4.50
CA ILE D 211 22.61 39.34 -5.09
C ILE D 211 24.06 39.04 -4.74
N ILE D 212 24.29 37.80 -4.37
CA ILE D 212 25.64 37.30 -4.27
C ILE D 212 25.95 36.60 -5.58
N PRO D 213 26.91 37.07 -6.33
CA PRO D 213 27.32 36.39 -7.56
C PRO D 213 27.94 35.03 -7.29
N VAL D 214 27.60 34.05 -8.12
CA VAL D 214 28.05 32.67 -7.98
C VAL D 214 28.96 32.20 -9.12
N PRO D 215 30.16 31.78 -8.80
CA PRO D 215 31.05 31.23 -9.81
C PRO D 215 30.72 29.79 -10.16
N VAL D 216 30.68 29.50 -11.46
CA VAL D 216 30.41 28.18 -12.01
C VAL D 216 31.42 27.73 -13.01
N ARG D 217 31.75 26.45 -12.99
CA ARG D 217 32.71 25.86 -13.91
C ARG D 217 32.07 24.85 -14.84
N GLU D 223 33.08 31.02 -15.34
CA GLU D 223 32.45 32.32 -15.35
C GLU D 223 31.65 32.64 -14.07
N THR D 224 31.17 33.86 -13.96
CA THR D 224 30.46 34.28 -12.78
C THR D 224 29.09 34.86 -13.12
N ILE D 225 28.06 34.41 -12.41
CA ILE D 225 26.66 34.77 -12.67
C ILE D 225 26.04 35.66 -11.62
N SER D 226 25.46 36.76 -12.07
CA SER D 226 24.80 37.72 -11.19
C SER D 226 23.33 38.00 -11.51
N VAL D 227 22.79 37.37 -12.54
CA VAL D 227 21.45 37.65 -12.97
C VAL D 227 20.61 36.40 -12.89
N ASP D 228 19.36 36.56 -12.45
CA ASP D 228 18.40 35.48 -12.44
C ASP D 228 18.07 35.02 -13.85
N GLU D 229 18.00 33.71 -14.02
CA GLU D 229 17.68 33.03 -15.27
C GLU D 229 16.29 33.14 -15.91
N HIS D 230 15.22 32.95 -15.16
CA HIS D 230 13.83 32.93 -15.63
C HIS D 230 13.13 34.16 -16.18
N PRO D 231 13.37 35.34 -15.63
CA PRO D 231 12.62 36.51 -16.07
C PRO D 231 12.84 36.86 -17.53
N ARG D 232 11.80 37.25 -18.22
CA ARG D 232 11.90 37.52 -19.61
C ARG D 232 11.29 38.85 -19.91
N ALA D 233 12.01 39.68 -20.65
CA ALA D 233 11.49 40.98 -21.08
C ALA D 233 10.28 40.94 -22.02
N ASP D 234 10.22 39.97 -22.89
CA ASP D 234 9.22 39.97 -23.94
C ASP D 234 7.88 39.35 -23.60
N THR D 235 7.70 38.97 -22.34
CA THR D 235 6.50 38.28 -21.85
C THR D 235 5.23 39.10 -21.96
N THR D 236 4.23 38.58 -22.65
CA THR D 236 3.04 39.31 -22.99
C THR D 236 1.89 38.41 -22.77
N VAL D 237 0.72 39.01 -22.63
CA VAL D 237 -0.53 38.34 -22.37
C VAL D 237 -0.96 37.45 -23.47
N GLU D 238 -0.79 37.97 -24.66
CA GLU D 238 -1.15 37.29 -25.87
C GLU D 238 -0.29 36.05 -26.06
N ALA D 239 0.98 36.18 -25.75
CA ALA D 239 1.88 35.05 -25.74
C ALA D 239 1.52 34.02 -24.68
N LEU D 240 1.10 34.45 -23.51
CA LEU D 240 0.74 33.56 -22.42
C LEU D 240 -0.48 32.76 -22.70
N ALA D 241 -1.38 33.31 -23.50
CA ALA D 241 -2.66 32.72 -23.86
C ALA D 241 -2.54 31.48 -24.70
N LYS D 242 -1.40 31.36 -25.34
CA LYS D 242 -1.04 30.24 -26.17
C LYS D 242 -0.71 28.95 -25.47
N LEU D 243 -0.30 29.03 -24.22
CA LEU D 243 0.13 27.89 -23.47
C LEU D 243 -0.99 26.98 -23.08
N LYS D 244 -0.69 25.70 -22.92
CA LYS D 244 -1.70 24.75 -22.63
C LYS D 244 -1.74 24.46 -21.15
N PRO D 245 -2.89 24.63 -20.58
CA PRO D 245 -3.02 24.41 -19.15
C PRO D 245 -2.68 22.99 -18.83
N VAL D 246 -1.99 22.77 -17.74
CA VAL D 246 -1.41 21.48 -17.43
C VAL D 246 -2.42 20.37 -17.31
N LEU D 247 -3.60 20.66 -16.81
CA LEU D 247 -4.57 19.63 -16.59
C LEU D 247 -5.83 19.86 -17.38
N LEU D 248 -5.64 20.32 -18.60
CA LEU D 248 -6.72 20.53 -19.51
C LEU D 248 -7.38 19.23 -19.79
N LYS D 249 -6.59 18.18 -19.81
CA LYS D 249 -7.07 16.92 -20.22
C LYS D 249 -8.16 16.50 -19.27
N GLN D 250 -7.87 16.56 -17.98
CA GLN D 250 -8.86 16.37 -16.89
C GLN D 250 -9.90 17.42 -16.61
N ASP D 251 -9.54 18.69 -16.67
CA ASP D 251 -10.51 19.73 -16.54
C ASP D 251 -10.42 20.57 -17.75
N PRO D 252 -11.49 20.69 -18.48
CA PRO D 252 -11.56 21.53 -19.67
C PRO D 252 -11.60 22.99 -19.31
N GLU D 253 -11.73 23.22 -18.03
CA GLU D 253 -11.84 24.54 -17.53
C GLU D 253 -10.57 25.01 -16.88
N ALA D 254 -9.52 24.28 -17.11
CA ALA D 254 -8.22 24.53 -16.55
C ALA D 254 -7.60 25.77 -17.07
N THR D 255 -6.98 26.52 -16.20
CA THR D 255 -6.33 27.76 -16.52
C THR D 255 -4.86 27.85 -16.23
N VAL D 256 -4.33 26.95 -15.44
CA VAL D 256 -2.99 27.10 -14.92
C VAL D 256 -1.97 26.42 -15.79
N THR D 257 -1.05 27.21 -16.28
CA THR D 257 -0.05 26.85 -17.25
C THR D 257 1.30 27.08 -16.63
N ALA D 258 2.34 26.71 -17.35
CA ALA D 258 3.71 26.93 -16.94
C ALA D 258 4.04 28.40 -16.91
N GLY D 259 3.40 29.16 -17.77
CA GLY D 259 3.50 30.59 -17.80
C GLY D 259 2.96 31.37 -16.65
N ASN D 260 1.85 30.95 -16.10
CA ASN D 260 1.28 31.59 -14.95
C ASN D 260 1.53 30.94 -13.61
N SER D 261 2.52 30.10 -13.51
CA SER D 261 2.83 29.48 -12.28
C SER D 261 4.32 29.46 -12.16
N SER D 262 4.82 29.25 -10.97
CA SER D 262 6.24 29.13 -10.80
C SER D 262 6.81 27.78 -11.06
N GLY D 263 8.08 27.76 -11.34
CA GLY D 263 8.85 26.63 -11.71
C GLY D 263 9.56 26.02 -10.56
N GLN D 264 10.59 25.26 -10.88
CA GLN D 264 11.46 24.61 -9.93
C GLN D 264 12.82 25.17 -10.10
N ASN D 265 13.44 25.57 -9.01
CA ASN D 265 14.54 26.47 -9.05
C ASN D 265 15.63 26.21 -8.09
N ASP D 266 16.79 26.77 -8.34
CA ASP D 266 17.95 26.60 -7.51
C ASP D 266 18.42 27.92 -6.92
N ALA D 267 18.56 28.01 -5.60
CA ALA D 267 18.99 29.23 -4.95
C ALA D 267 19.43 29.13 -3.50
N ALA D 268 20.08 30.15 -2.99
CA ALA D 268 20.32 30.24 -1.58
C ALA D 268 20.12 31.63 -1.05
N SER D 269 19.63 31.70 0.17
CA SER D 269 19.41 32.95 0.88
C SER D 269 20.03 33.00 2.25
N MET D 270 20.61 34.11 2.64
CA MET D 270 21.13 34.28 3.98
C MET D 270 20.94 35.69 4.45
N CYS D 271 20.74 35.85 5.74
CA CYS D 271 20.80 37.12 6.42
C CYS D 271 21.36 37.01 7.83
N ILE D 272 21.71 38.14 8.42
CA ILE D 272 22.06 38.23 9.81
C ILE D 272 20.85 38.62 10.64
N VAL D 273 20.64 37.93 11.74
CA VAL D 273 19.66 38.35 12.72
C VAL D 273 20.32 38.76 14.01
N THR D 274 20.09 39.99 14.39
CA THR D 274 20.79 40.55 15.50
C THR D 274 20.02 41.60 16.27
N THR D 275 20.49 41.91 17.46
CA THR D 275 20.00 43.00 18.24
C THR D 275 20.49 44.35 17.74
N PRO D 276 19.81 45.42 18.03
CA PRO D 276 20.30 46.73 17.61
C PRO D 276 21.64 47.16 18.24
N GLU D 277 21.89 46.83 19.49
CA GLU D 277 23.14 47.13 20.13
C GLU D 277 24.33 46.38 19.54
N LYS D 278 24.14 45.11 19.25
CA LYS D 278 25.14 44.30 18.58
C LYS D 278 25.44 44.75 17.17
N ALA D 279 24.46 45.20 16.43
CA ALA D 279 24.67 45.70 15.09
C ALA D 279 25.47 46.99 15.09
N ALA D 280 25.22 47.82 16.08
CA ALA D 280 25.91 49.05 16.21
C ALA D 280 27.36 48.82 16.48
N GLU D 281 27.64 47.88 17.35
CA GLU D 281 28.98 47.50 17.72
C GLU D 281 29.78 46.96 16.54
N LEU D 282 29.14 46.22 15.67
CA LEU D 282 29.77 45.62 14.54
C LEU D 282 29.79 46.41 13.25
N GLY D 283 29.19 47.57 13.22
CA GLY D 283 29.11 48.32 12.01
C GLY D 283 28.07 47.91 10.99
N LEU D 284 27.10 47.10 11.38
CA LEU D 284 25.98 46.72 10.52
C LEU D 284 24.97 47.80 10.31
N LYS D 285 24.24 47.70 9.21
CA LYS D 285 23.04 48.48 9.01
C LYS D 285 21.75 47.65 9.05
N PRO D 286 21.07 47.65 10.18
CA PRO D 286 19.80 46.94 10.27
C PRO D 286 18.71 47.60 9.48
N LEU D 287 17.98 46.81 8.72
CA LEU D 287 16.97 47.33 7.85
C LEU D 287 15.58 47.28 8.42
N VAL D 288 15.26 46.17 9.03
CA VAL D 288 13.96 45.95 9.60
C VAL D 288 14.06 45.24 10.91
N ARG D 289 13.06 45.39 11.73
CA ARG D 289 12.89 44.58 12.88
C ARG D 289 11.58 43.86 12.74
N LEU D 290 11.50 42.67 13.31
CA LEU D 290 10.33 41.86 13.27
C LEU D 290 9.31 42.32 14.29
N VAL D 291 8.09 42.57 13.87
CA VAL D 291 7.05 42.98 14.77
C VAL D 291 6.21 41.83 15.23
N SER D 292 5.82 40.98 14.32
CA SER D 292 4.97 39.86 14.62
C SER D 292 4.99 38.85 13.52
N TRP D 293 4.50 37.68 13.85
CA TRP D 293 4.24 36.66 12.92
C TRP D 293 2.98 35.96 13.30
N GLY D 294 2.45 35.22 12.36
CA GLY D 294 1.40 34.28 12.57
C GLY D 294 1.49 33.14 11.61
N SER D 295 0.93 32.02 11.99
CA SER D 295 0.87 30.82 11.22
C SER D 295 -0.49 30.27 11.34
N ALA D 296 -0.86 29.46 10.36
CA ALA D 296 -2.18 28.90 10.22
C ALA D 296 -2.14 27.61 9.43
N GLY D 297 -3.18 26.83 9.58
CA GLY D 297 -3.45 25.67 8.80
C GLY D 297 -4.76 25.85 8.09
N VAL D 298 -4.85 25.29 6.91
CA VAL D 298 -6.02 25.36 6.06
C VAL D 298 -6.19 23.99 5.44
N ALA D 299 -7.28 23.78 4.72
CA ALA D 299 -7.49 22.54 4.02
C ALA D 299 -6.37 22.32 3.05
N PRO D 300 -5.87 21.11 2.99
CA PRO D 300 -4.76 20.85 2.11
C PRO D 300 -5.09 21.07 0.64
N ASP D 301 -6.30 20.77 0.21
CA ASP D 301 -6.67 21.02 -1.17
C ASP D 301 -6.90 22.47 -1.52
N LEU D 302 -6.98 23.28 -0.49
CA LEU D 302 -7.09 24.70 -0.57
C LEU D 302 -5.88 25.46 -0.09
N MET D 303 -4.70 24.88 -0.13
CA MET D 303 -3.50 25.30 0.58
C MET D 303 -3.09 26.73 0.27
N GLY D 304 -3.45 27.17 -0.92
CA GLY D 304 -3.14 28.45 -1.49
C GLY D 304 -3.72 29.66 -0.81
N ILE D 305 -4.75 29.46 -0.04
CA ILE D 305 -5.42 30.43 0.75
C ILE D 305 -4.81 30.70 2.15
N GLY D 306 -3.73 30.01 2.47
CA GLY D 306 -3.11 29.96 3.78
C GLY D 306 -2.65 31.31 4.29
N PRO D 307 -2.24 32.17 3.40
CA PRO D 307 -1.87 33.51 3.79
C PRO D 307 -2.96 34.35 4.43
N VAL D 308 -4.21 34.06 4.15
CA VAL D 308 -5.26 34.87 4.70
C VAL D 308 -5.47 34.74 6.19
N PRO D 309 -5.65 33.57 6.70
CA PRO D 309 -5.65 33.38 8.13
C PRO D 309 -4.34 33.72 8.78
N ALA D 310 -3.20 33.44 8.18
CA ALA D 310 -1.93 33.76 8.80
C ALA D 310 -1.67 35.23 8.95
N THR D 311 -1.97 35.96 7.92
CA THR D 311 -1.86 37.39 7.91
C THR D 311 -2.79 37.99 8.94
N GLU D 312 -3.94 37.38 9.12
CA GLU D 312 -4.88 37.83 10.07
C GLU D 312 -4.30 37.78 11.47
N VAL D 313 -3.67 36.66 11.80
CA VAL D 313 -3.00 36.49 13.04
C VAL D 313 -1.82 37.42 13.25
N ALA D 314 -0.97 37.58 12.26
CA ALA D 314 0.11 38.50 12.37
C ALA D 314 -0.29 39.96 12.50
N LEU D 315 -1.22 40.42 11.72
CA LEU D 315 -1.68 41.79 11.80
C LEU D 315 -2.29 42.12 13.10
N ALA D 316 -3.16 41.28 13.59
CA ALA D 316 -3.79 41.51 14.87
C ALA D 316 -2.83 41.53 16.05
N LYS D 317 -1.82 40.71 16.06
CA LYS D 317 -0.83 40.75 17.10
C LYS D 317 -0.08 42.07 17.05
N ALA D 318 0.09 42.57 15.85
CA ALA D 318 0.77 43.81 15.61
C ALA D 318 -0.08 45.01 15.93
N GLY D 319 -1.35 44.82 16.21
CA GLY D 319 -2.30 45.90 16.33
C GLY D 319 -2.53 46.55 15.02
N LEU D 320 -2.32 45.81 13.95
CA LEU D 320 -2.31 46.37 12.63
C LEU D 320 -3.41 45.87 11.73
N THR D 321 -3.63 46.61 10.67
CA THR D 321 -4.66 46.38 9.70
C THR D 321 -3.93 46.27 8.39
N LEU D 322 -4.60 45.70 7.41
CA LEU D 322 -4.04 45.53 6.09
C LEU D 322 -3.71 46.86 5.39
N ALA D 323 -4.53 47.86 5.62
CA ALA D 323 -4.37 49.20 5.17
C ALA D 323 -3.16 49.92 5.74
N ASP D 324 -2.77 49.50 6.91
CA ASP D 324 -1.59 50.00 7.54
C ASP D 324 -0.34 49.61 6.79
N ILE D 325 -0.39 48.58 5.98
CA ILE D 325 0.79 47.97 5.38
C ILE D 325 1.30 48.65 4.12
N ASP D 326 2.51 49.14 4.17
CA ASP D 326 3.14 49.77 3.02
C ASP D 326 3.58 48.88 1.87
N LEU D 327 4.14 47.76 2.18
CA LEU D 327 4.61 46.88 1.19
C LEU D 327 4.30 45.45 1.53
N ILE D 328 3.88 44.73 0.53
CA ILE D 328 3.56 43.36 0.67
C ILE D 328 4.32 42.57 -0.33
N GLU D 329 4.94 41.51 0.15
CA GLU D 329 5.35 40.42 -0.65
C GLU D 329 4.48 39.26 -0.35
N LEU D 330 3.72 38.80 -1.34
CA LEU D 330 2.96 37.58 -1.25
C LEU D 330 3.49 36.58 -2.25
N ASN D 331 3.84 35.38 -1.84
CA ASN D 331 4.39 34.43 -2.78
C ASN D 331 3.44 34.13 -3.93
N GLU D 332 3.95 34.26 -5.13
CA GLU D 332 3.18 33.91 -6.30
C GLU D 332 3.47 32.50 -6.69
N ALA D 333 2.97 31.56 -5.92
CA ALA D 333 3.14 30.17 -6.25
C ALA D 333 2.41 29.86 -7.53
N PHE D 334 1.17 30.30 -7.60
CA PHE D 334 0.41 30.30 -8.79
C PHE D 334 -0.34 31.58 -8.83
N ALA D 335 -0.56 32.13 -9.99
CA ALA D 335 -1.31 33.36 -10.13
C ALA D 335 -2.74 33.26 -9.65
N ALA D 336 -3.40 32.14 -9.85
CA ALA D 336 -4.68 31.89 -9.27
C ALA D 336 -4.67 31.84 -7.76
N GLN D 337 -3.65 31.24 -7.18
CA GLN D 337 -3.48 31.21 -5.75
C GLN D 337 -3.24 32.58 -5.12
N ALA D 338 -2.40 33.38 -5.73
CA ALA D 338 -2.15 34.71 -5.27
C ALA D 338 -3.36 35.63 -5.39
N LEU D 339 -4.05 35.53 -6.50
CA LEU D 339 -5.25 36.28 -6.76
C LEU D 339 -6.36 35.97 -5.84
N ALA D 340 -6.49 34.74 -5.43
CA ALA D 340 -7.50 34.38 -4.51
C ALA D 340 -7.31 35.04 -3.16
N VAL D 341 -6.06 35.10 -2.71
CA VAL D 341 -5.72 35.75 -1.48
C VAL D 341 -6.09 37.22 -1.55
N MET D 342 -5.83 37.83 -2.67
CA MET D 342 -6.19 39.18 -2.96
C MET D 342 -7.67 39.47 -2.98
N ARG D 343 -8.49 38.51 -3.35
CA ARG D 343 -9.93 38.65 -3.25
C ARG D 343 -10.42 38.76 -1.84
N GLU D 344 -9.84 37.98 -0.96
CA GLU D 344 -10.13 38.03 0.44
C GLU D 344 -9.72 39.30 1.10
N TRP D 345 -8.61 39.83 0.65
CA TRP D 345 -8.04 41.08 1.05
C TRP D 345 -8.73 42.26 0.38
N LYS D 346 -9.66 41.97 -0.49
CA LYS D 346 -10.45 42.96 -1.17
C LYS D 346 -9.63 43.98 -1.88
N PHE D 347 -8.62 43.49 -2.57
CA PHE D 347 -7.71 44.30 -3.34
C PHE D 347 -8.21 44.89 -4.63
N GLY D 348 -7.51 45.92 -5.03
CA GLY D 348 -7.84 46.69 -6.20
C GLY D 348 -6.55 47.05 -6.89
N GLU D 349 -6.66 47.68 -8.04
CA GLU D 349 -5.54 47.89 -8.92
C GLU D 349 -4.47 48.68 -8.24
N ALA D 350 -4.88 49.57 -7.39
CA ALA D 350 -3.98 50.37 -6.59
C ALA D 350 -3.15 49.59 -5.62
N ASP D 351 -3.72 48.61 -4.95
CA ASP D 351 -2.99 47.82 -3.98
C ASP D 351 -1.95 47.00 -4.70
N HIS D 352 -2.16 46.84 -5.97
CA HIS D 352 -1.25 46.12 -6.80
C HIS D 352 0.07 46.87 -6.92
N GLU D 353 0.07 48.16 -6.64
CA GLU D 353 1.30 48.91 -6.65
C GLU D 353 2.09 48.83 -5.37
N ARG D 354 1.58 48.18 -4.35
CA ARG D 354 2.33 48.01 -3.15
C ARG D 354 2.70 46.57 -2.94
N THR D 355 2.41 45.74 -3.94
CA THR D 355 2.55 44.29 -3.84
C THR D 355 3.52 43.65 -4.82
N ASN D 356 4.49 42.92 -4.31
CA ASN D 356 5.39 42.20 -5.17
C ASN D 356 6.06 43.08 -6.18
N VAL D 357 6.59 44.17 -5.72
CA VAL D 357 7.02 45.27 -6.56
C VAL D 357 8.27 45.06 -7.40
N ARG D 358 9.09 44.14 -6.98
CA ARG D 358 10.24 43.76 -7.73
C ARG D 358 10.08 42.43 -8.44
N GLY D 359 8.89 41.86 -8.45
CA GLY D 359 8.67 40.55 -9.00
C GLY D 359 8.31 39.47 -8.01
N SER D 360 8.31 38.24 -8.44
CA SER D 360 7.86 37.15 -7.61
C SER D 360 8.17 35.77 -8.12
N GLY D 361 7.48 34.78 -7.57
CA GLY D 361 7.73 33.38 -7.82
C GLY D 361 7.53 32.95 -9.26
N ILE D 362 6.55 33.56 -9.92
CA ILE D 362 6.28 33.29 -11.30
C ILE D 362 7.41 33.66 -12.27
N SER D 363 7.82 34.90 -12.21
CA SER D 363 8.98 35.37 -12.90
C SER D 363 10.31 34.96 -12.35
N LEU D 364 10.49 35.14 -11.04
CA LEU D 364 11.72 34.77 -10.39
C LEU D 364 11.99 33.30 -10.25
N GLY D 365 10.95 32.55 -9.99
CA GLY D 365 11.09 31.17 -9.58
C GLY D 365 10.93 30.89 -8.10
N HIS D 366 10.73 29.64 -7.76
CA HIS D 366 10.40 29.24 -6.43
C HIS D 366 11.38 28.18 -5.95
N PRO D 367 12.54 28.62 -5.49
CA PRO D 367 13.52 27.73 -4.88
C PRO D 367 13.28 27.61 -3.38
N VAL D 368 12.53 26.61 -3.00
CA VAL D 368 11.61 26.62 -1.93
C VAL D 368 12.18 26.94 -0.55
N GLY D 369 13.20 26.25 -0.09
CA GLY D 369 13.79 26.57 1.19
C GLY D 369 14.36 27.99 1.25
N ALA D 370 14.74 28.53 0.12
CA ALA D 370 15.26 29.87 0.01
C ALA D 370 14.26 30.97 -0.38
N THR D 371 13.03 30.65 -0.66
CA THR D 371 12.06 31.66 -1.05
C THR D 371 11.75 32.71 0.02
N GLY D 372 11.63 32.29 1.25
CA GLY D 372 11.33 33.16 2.35
C GLY D 372 12.39 34.18 2.46
N GLY D 373 13.61 33.75 2.26
CA GLY D 373 14.76 34.61 2.20
C GLY D 373 14.80 35.63 1.11
N ARG D 374 14.39 35.25 -0.08
CA ARG D 374 14.32 36.15 -1.18
C ARG D 374 13.28 37.24 -1.02
N MET D 375 12.15 36.90 -0.46
CA MET D 375 11.13 37.86 -0.20
C MET D 375 11.61 38.86 0.82
N LEU D 376 12.21 38.38 1.87
CA LEU D 376 12.67 39.21 2.93
C LEU D 376 13.73 40.20 2.48
N ALA D 377 14.59 39.78 1.58
CA ALA D 377 15.57 40.65 1.09
C ALA D 377 14.97 41.78 0.34
N THR D 378 14.04 41.50 -0.54
CA THR D 378 13.34 42.55 -1.22
C THR D 378 12.51 43.43 -0.34
N LEU D 379 11.72 42.83 0.54
CA LEU D 379 10.83 43.59 1.36
C LEU D 379 11.64 44.54 2.19
N ALA D 380 12.69 44.06 2.82
CA ALA D 380 13.50 44.88 3.66
C ALA D 380 14.20 46.00 2.97
N ARG D 381 14.80 45.71 1.83
CA ARG D 381 15.46 46.69 1.02
C ARG D 381 14.57 47.75 0.39
N GLU D 382 13.42 47.33 -0.11
CA GLU D 382 12.41 48.21 -0.68
C GLU D 382 11.81 49.10 0.37
N LEU D 383 11.69 48.61 1.57
CA LEU D 383 11.23 49.42 2.66
C LEU D 383 12.19 50.56 2.93
N HIS D 384 13.47 50.27 2.94
CA HIS D 384 14.50 51.24 3.08
C HIS D 384 14.56 52.20 1.90
N ARG D 385 14.39 51.71 0.69
CA ARG D 385 14.34 52.53 -0.53
C ARG D 385 13.14 53.47 -0.57
N ARG D 386 12.00 53.00 -0.12
CA ARG D 386 10.80 53.80 -0.03
C ARG D 386 10.63 54.65 1.22
N GLU D 387 11.36 54.36 2.25
CA GLU D 387 11.20 55.06 3.48
C GLU D 387 9.80 54.93 3.92
N ALA D 388 9.31 53.73 3.81
CA ALA D 388 8.04 53.34 4.31
C ALA D 388 8.22 52.50 5.56
N ARG D 389 7.15 52.25 6.24
CA ARG D 389 7.22 51.74 7.58
C ARG D 389 6.97 50.27 7.82
N TYR D 390 5.89 49.76 7.29
CA TYR D 390 5.51 48.41 7.57
C TYR D 390 5.52 47.52 6.37
N GLY D 391 6.03 46.33 6.53
CA GLY D 391 5.96 45.35 5.49
C GLY D 391 5.35 44.04 5.95
N LEU D 392 4.70 43.33 5.05
CA LEU D 392 4.18 42.02 5.35
C LEU D 392 4.77 40.98 4.44
N GLU D 393 5.34 39.93 5.00
CA GLU D 393 5.76 38.81 4.19
C GLU D 393 4.86 37.64 4.52
N THR D 394 4.24 37.07 3.50
CA THR D 394 3.36 35.93 3.70
C THR D 394 3.43 34.95 2.55
N MET D 395 3.30 33.67 2.84
CA MET D 395 3.21 32.63 1.85
C MET D 395 2.22 31.52 2.18
N CYS D 396 1.69 30.93 1.14
CA CYS D 396 0.98 29.65 1.15
C CYS D 396 1.94 28.52 1.31
N ILE D 397 1.55 27.51 2.02
CA ILE D 397 2.38 26.38 2.27
C ILE D 397 1.70 25.09 1.86
N GLY D 398 2.39 24.31 1.07
CA GLY D 398 1.84 23.07 0.61
C GLY D 398 1.61 22.20 1.80
N GLY D 399 0.52 21.48 1.76
CA GLY D 399 0.05 20.74 2.86
C GLY D 399 -1.01 21.44 3.63
N GLY D 400 -1.37 22.65 3.26
CA GLY D 400 -2.31 23.44 4.02
C GLY D 400 -1.87 24.35 5.13
N GLN D 401 -0.89 25.16 4.90
CA GLN D 401 -0.38 26.05 5.90
C GLN D 401 -0.22 27.43 5.35
N GLY D 402 -0.16 28.40 6.24
CA GLY D 402 0.17 29.74 5.93
C GLY D 402 1.12 30.26 6.94
N LEU D 403 1.98 31.17 6.54
CA LEU D 403 2.91 31.79 7.40
C LEU D 403 2.99 33.23 7.03
N ALA D 404 3.06 34.11 8.01
CA ALA D 404 3.12 35.52 7.76
C ALA D 404 4.01 36.25 8.76
N ALA D 405 4.64 37.32 8.34
CA ALA D 405 5.36 38.18 9.25
C ALA D 405 5.29 39.67 8.94
N VAL D 406 5.23 40.47 9.97
CA VAL D 406 5.24 41.90 9.79
C VAL D 406 6.55 42.49 10.25
N PHE D 407 7.11 43.31 9.39
CA PHE D 407 8.39 43.93 9.59
C PHE D 407 8.29 45.44 9.63
N GLU D 408 9.13 46.05 10.43
CA GLU D 408 9.18 47.48 10.52
C GLU D 408 10.55 48.02 10.13
N ARG D 409 10.56 49.02 9.29
CA ARG D 409 11.77 49.66 8.94
C ARG D 409 12.40 50.27 10.16
N VAL D 410 13.71 50.09 10.24
CA VAL D 410 14.55 50.68 11.23
C VAL D 410 14.98 52.08 10.80
N GLN D 411 14.55 53.04 11.59
CA GLN D 411 14.79 54.41 11.36
C GLN D 411 15.91 54.75 12.32
N GLU D 412 17.06 55.12 11.80
CA GLU D 412 18.17 55.48 12.67
C GLU D 412 19.01 56.65 12.16
N ARG E 10 -25.97 18.21 8.48
CA ARG E 10 -24.95 17.80 7.54
C ARG E 10 -25.46 16.54 6.91
N ASP E 11 -25.04 16.28 5.68
CA ASP E 11 -25.39 15.14 4.82
C ASP E 11 -24.95 13.74 5.27
N ALA E 12 -25.80 12.76 5.06
CA ALA E 12 -25.42 11.39 5.24
C ALA E 12 -25.40 10.73 3.88
N VAL E 13 -24.30 10.08 3.58
CA VAL E 13 -24.09 9.46 2.29
C VAL E 13 -23.81 7.98 2.44
N ILE E 14 -24.21 7.25 1.42
CA ILE E 14 -24.04 5.84 1.35
C ILE E 14 -22.84 5.54 0.50
N CYS E 15 -22.01 4.64 0.98
CA CYS E 15 -20.79 4.27 0.32
C CYS E 15 -20.66 2.79 0.24
N GLU E 16 -20.22 2.29 -0.89
CA GLU E 16 -19.90 0.89 -1.05
C GLU E 16 -20.99 -0.08 -0.62
N PRO E 17 -22.20 0.07 -1.13
CA PRO E 17 -23.27 -0.83 -0.72
C PRO E 17 -23.19 -2.20 -1.35
N VAL E 18 -23.18 -3.23 -0.53
CA VAL E 18 -22.87 -4.55 -1.00
C VAL E 18 -23.74 -5.68 -0.45
N ARG E 19 -23.68 -6.80 -1.09
CA ARG E 19 -24.42 -7.92 -0.60
C ARG E 19 -23.72 -9.20 -0.94
N THR E 20 -24.13 -10.26 -0.29
CA THR E 20 -23.80 -11.60 -0.69
C THR E 20 -24.69 -12.02 -1.86
N PRO E 21 -24.42 -13.16 -2.48
CA PRO E 21 -25.39 -13.68 -3.39
C PRO E 21 -26.57 -14.13 -2.58
N ILE E 22 -27.64 -14.43 -3.24
CA ILE E 22 -28.81 -14.84 -2.54
C ILE E 22 -29.02 -16.28 -2.88
N GLY E 23 -29.24 -17.04 -1.83
CA GLY E 23 -29.47 -18.45 -1.95
C GLY E 23 -30.89 -18.73 -1.64
N ARG E 24 -31.39 -19.77 -2.25
CA ARG E 24 -32.71 -20.32 -2.07
C ARG E 24 -32.93 -21.02 -0.75
N TYR E 25 -34.17 -21.33 -0.47
CA TYR E 25 -34.52 -21.97 0.75
C TYR E 25 -34.04 -23.40 0.71
N GLY E 26 -33.17 -23.75 1.62
CA GLY E 26 -32.54 -25.03 1.63
C GLY E 26 -31.43 -25.24 0.63
N GLY E 27 -30.94 -24.18 0.04
CA GLY E 27 -30.02 -24.27 -1.06
C GLY E 27 -28.55 -24.05 -0.83
N MET E 28 -28.02 -23.07 -1.51
CA MET E 28 -26.63 -22.80 -1.58
C MET E 28 -26.01 -22.53 -0.23
N PHE E 29 -26.68 -21.79 0.61
CA PHE E 29 -26.14 -21.35 1.86
C PHE E 29 -26.84 -22.02 3.02
N ARG E 30 -27.36 -23.21 2.82
CA ARG E 30 -28.14 -23.85 3.86
C ARG E 30 -27.32 -24.08 5.16
N SER E 31 -26.02 -24.31 5.00
CA SER E 31 -25.08 -24.58 6.08
C SER E 31 -24.48 -23.32 6.72
N LEU E 32 -24.91 -22.17 6.26
CA LEU E 32 -24.45 -20.90 6.77
C LEU E 32 -25.50 -20.27 7.61
N THR E 33 -25.11 -19.75 8.76
CA THR E 33 -26.01 -19.01 9.61
C THR E 33 -26.21 -17.60 9.12
N ALA E 34 -27.11 -16.87 9.71
CA ALA E 34 -27.25 -15.46 9.44
C ALA E 34 -25.99 -14.68 9.81
N VAL E 35 -25.40 -15.03 10.93
CA VAL E 35 -24.16 -14.44 11.33
C VAL E 35 -23.05 -14.74 10.33
N ASP E 36 -23.02 -15.91 9.75
CA ASP E 36 -22.03 -16.27 8.78
C ASP E 36 -22.08 -15.39 7.55
N LEU E 37 -23.28 -15.16 7.04
CA LEU E 37 -23.52 -14.31 5.93
C LEU E 37 -23.22 -12.90 6.28
N GLY E 38 -23.59 -12.53 7.48
CA GLY E 38 -23.32 -11.21 7.94
C GLY E 38 -21.86 -10.88 7.98
N VAL E 39 -21.08 -11.79 8.51
CA VAL E 39 -19.65 -11.65 8.65
C VAL E 39 -18.95 -11.56 7.33
N THR E 40 -19.34 -12.38 6.37
CA THR E 40 -18.74 -12.30 5.07
C THR E 40 -18.98 -10.97 4.39
N ALA E 41 -20.22 -10.50 4.37
CA ALA E 41 -20.53 -9.23 3.73
C ALA E 41 -19.87 -8.02 4.39
N LEU E 42 -19.81 -8.00 5.71
CA LEU E 42 -19.07 -7.02 6.47
C LEU E 42 -17.55 -7.08 6.25
N LYS E 43 -16.98 -8.26 6.18
CA LYS E 43 -15.56 -8.39 5.86
C LYS E 43 -15.24 -7.92 4.46
N GLY E 44 -16.11 -8.23 3.53
CA GLY E 44 -16.01 -7.80 2.15
C GLY E 44 -16.10 -6.31 2.01
N LEU E 45 -16.99 -5.70 2.76
CA LEU E 45 -17.12 -4.27 2.74
C LEU E 45 -15.87 -3.59 3.24
N LEU E 46 -15.37 -4.03 4.38
CA LEU E 46 -14.18 -3.45 4.94
C LEU E 46 -12.93 -3.65 4.10
N GLU E 47 -12.85 -4.78 3.45
CA GLU E 47 -11.81 -5.06 2.50
C GLU E 47 -11.81 -4.24 1.22
N ARG E 48 -12.96 -4.08 0.60
CA ARG E 48 -13.08 -3.27 -0.59
C ARG E 48 -12.78 -1.81 -0.31
N THR E 49 -13.34 -1.30 0.77
CA THR E 49 -13.10 0.04 1.29
C THR E 49 -11.77 0.39 1.93
N GLY E 50 -11.14 -0.55 2.59
CA GLY E 50 -9.87 -0.34 3.23
C GLY E 50 -9.94 0.45 4.49
N ILE E 51 -11.15 0.62 5.00
CA ILE E 51 -11.37 1.35 6.23
C ILE E 51 -10.88 0.60 7.43
N ALA E 52 -10.30 1.34 8.34
CA ALA E 52 -9.88 0.78 9.60
C ALA E 52 -11.10 0.38 10.40
N ALA E 53 -11.04 -0.76 11.06
CA ALA E 53 -12.16 -1.32 11.75
C ALA E 53 -12.67 -0.41 12.85
N ASP E 54 -11.78 0.40 13.41
CA ASP E 54 -12.06 1.23 14.53
C ASP E 54 -12.68 2.57 14.19
N GLN E 55 -12.82 2.79 12.90
CA GLN E 55 -13.58 3.86 12.28
C GLN E 55 -15.07 3.67 12.44
N VAL E 56 -15.47 2.44 12.67
CA VAL E 56 -16.86 2.07 12.72
C VAL E 56 -17.43 2.25 14.08
N GLU E 57 -18.41 3.13 14.19
CA GLU E 57 -19.00 3.49 15.43
C GLU E 57 -20.23 2.66 15.75
N ASP E 58 -20.86 2.11 14.74
CA ASP E 58 -21.98 1.24 14.97
C ASP E 58 -22.26 0.31 13.83
N VAL E 59 -22.72 -0.87 14.16
CA VAL E 59 -23.33 -1.80 13.25
C VAL E 59 -24.80 -2.06 13.57
N ILE E 60 -25.67 -1.58 12.71
CA ILE E 60 -27.10 -1.73 12.84
C ILE E 60 -27.57 -2.58 11.69
N LEU E 61 -28.22 -3.65 12.03
CA LEU E 61 -28.66 -4.65 11.09
C LEU E 61 -30.17 -4.97 11.17
N GLY E 62 -30.75 -5.07 10.01
CA GLY E 62 -32.10 -5.53 9.87
C GLY E 62 -32.03 -7.00 9.97
N HIS E 63 -32.84 -7.56 10.84
CA HIS E 63 -32.86 -8.95 11.22
C HIS E 63 -34.25 -9.38 11.73
N CYS E 64 -34.95 -10.18 10.96
CA CYS E 64 -36.37 -10.41 11.19
C CYS E 64 -36.76 -11.63 11.95
N TYR E 65 -35.86 -12.58 12.06
CA TYR E 65 -36.07 -13.76 12.83
C TYR E 65 -34.93 -13.93 13.76
N PRO E 66 -34.94 -13.19 14.84
CA PRO E 66 -33.97 -13.39 15.91
C PRO E 66 -34.24 -14.57 16.82
N ASN E 67 -33.14 -15.14 17.29
CA ASN E 67 -33.07 -16.18 18.29
C ASN E 67 -31.81 -15.98 19.10
N SER E 68 -31.65 -16.75 20.13
CA SER E 68 -30.60 -16.59 21.12
C SER E 68 -29.25 -17.12 20.70
N GLU E 69 -29.20 -17.69 19.52
CA GLU E 69 -28.01 -18.02 18.82
C GLU E 69 -27.18 -16.80 18.52
N ALA E 70 -27.81 -15.68 18.20
CA ALA E 70 -27.17 -14.37 18.06
C ALA E 70 -27.97 -13.18 18.58
N PRO E 71 -27.94 -12.88 19.85
CA PRO E 71 -28.69 -11.72 20.37
C PRO E 71 -28.12 -10.42 19.87
N ALA E 72 -28.86 -9.33 19.73
CA ALA E 72 -28.29 -8.05 19.30
C ALA E 72 -27.37 -8.16 18.09
N ILE E 73 -27.84 -8.70 16.99
CA ILE E 73 -27.00 -9.35 16.01
C ILE E 73 -25.85 -8.53 15.37
N GLY E 74 -25.95 -7.22 15.34
CA GLY E 74 -24.89 -6.41 14.79
C GLY E 74 -23.62 -6.53 15.57
N ARG E 75 -23.73 -6.51 16.89
CA ARG E 75 -22.59 -6.64 17.76
C ARG E 75 -21.89 -7.98 17.54
N VAL E 76 -22.64 -9.05 17.46
CA VAL E 76 -22.12 -10.37 17.17
C VAL E 76 -21.44 -10.46 15.79
N VAL E 77 -22.04 -9.86 14.77
CA VAL E 77 -21.47 -9.84 13.43
C VAL E 77 -20.16 -9.07 13.43
N ALA E 78 -20.10 -7.97 14.15
CA ALA E 78 -18.88 -7.18 14.27
C ALA E 78 -17.81 -7.96 14.97
N LEU E 79 -18.17 -8.63 16.04
CA LEU E 79 -17.23 -9.45 16.74
C LEU E 79 -16.71 -10.64 15.96
N ASP E 80 -17.58 -11.43 15.35
CA ASP E 80 -17.20 -12.57 14.52
C ASP E 80 -16.48 -12.18 13.25
N ALA E 81 -16.70 -10.96 12.77
CA ALA E 81 -16.00 -10.41 11.63
C ALA E 81 -14.55 -9.99 11.92
N GLY E 82 -14.19 -9.97 13.18
CA GLY E 82 -12.89 -9.51 13.58
C GLY E 82 -12.68 -8.09 14.01
N LEU E 83 -13.75 -7.36 14.18
CA LEU E 83 -13.69 -6.01 14.65
C LEU E 83 -13.40 -5.94 16.12
N PRO E 84 -12.84 -4.84 16.58
CA PRO E 84 -12.48 -4.72 17.98
C PRO E 84 -13.67 -4.57 18.90
N ILE E 85 -13.43 -4.90 20.14
CA ILE E 85 -14.45 -5.01 21.14
C ILE E 85 -15.07 -3.66 21.40
N THR E 86 -14.53 -2.66 20.79
CA THR E 86 -14.97 -1.35 21.03
C THR E 86 -16.17 -0.94 20.19
N VAL E 87 -16.44 -1.71 19.15
CA VAL E 87 -17.52 -1.46 18.24
C VAL E 87 -18.90 -1.94 18.74
N PRO E 88 -19.86 -1.03 18.84
CA PRO E 88 -21.24 -1.39 19.18
C PRO E 88 -22.10 -1.91 18.02
N GLY E 89 -23.10 -2.71 18.36
CA GLY E 89 -24.01 -3.26 17.39
C GLY E 89 -25.38 -3.63 17.86
N MET E 90 -26.33 -3.66 16.94
CA MET E 90 -27.72 -3.83 17.31
C MET E 90 -28.60 -4.42 16.24
N GLN E 91 -29.76 -4.87 16.64
CA GLN E 91 -30.74 -5.43 15.73
C GLN E 91 -32.05 -4.62 15.60
N VAL E 92 -32.49 -4.46 14.38
CA VAL E 92 -33.83 -3.87 14.12
C VAL E 92 -34.79 -4.70 13.23
N ASP E 93 -36.06 -4.71 13.61
CA ASP E 93 -37.17 -5.33 12.91
C ASP E 93 -38.36 -4.40 12.63
N ARG E 94 -38.52 -4.10 11.35
CA ARG E 94 -39.72 -3.54 10.76
C ARG E 94 -40.03 -4.41 9.59
N ARG E 95 -39.92 -5.70 9.84
CA ARG E 95 -40.20 -6.69 8.85
C ARG E 95 -39.46 -6.41 7.56
N CYS E 96 -40.21 -6.46 6.50
CA CYS E 96 -39.72 -6.55 5.16
C CYS E 96 -38.94 -5.23 4.86
N GLY E 97 -39.08 -4.28 5.74
CA GLY E 97 -38.37 -3.04 5.66
C GLY E 97 -37.24 -2.83 6.65
N SER E 98 -36.80 -3.87 7.31
CA SER E 98 -35.78 -3.76 8.31
C SER E 98 -34.43 -3.25 7.84
N GLY E 99 -34.05 -3.65 6.65
CA GLY E 99 -32.87 -3.15 6.01
C GLY E 99 -32.79 -1.70 5.64
N LEU E 100 -33.88 -1.14 5.18
CA LEU E 100 -34.03 0.29 5.04
C LEU E 100 -34.12 1.04 6.35
N GLN E 101 -34.79 0.46 7.32
CA GLN E 101 -34.95 1.06 8.60
C GLN E 101 -33.61 1.27 9.26
N ALA E 102 -32.71 0.32 9.04
CA ALA E 102 -31.35 0.40 9.51
C ALA E 102 -30.53 1.56 8.91
N VAL E 103 -30.66 1.71 7.61
CA VAL E 103 -30.06 2.77 6.88
C VAL E 103 -30.63 4.08 7.33
N ILE E 104 -31.92 4.14 7.52
CA ILE E 104 -32.53 5.32 8.02
C ILE E 104 -32.00 5.65 9.42
N GLN E 105 -31.87 4.66 10.29
CA GLN E 105 -31.35 4.90 11.61
C GLN E 105 -29.95 5.41 11.53
N ALA E 106 -29.20 4.84 10.63
CA ALA E 106 -27.82 5.16 10.49
C ALA E 106 -27.60 6.56 10.02
N CYS E 107 -28.44 6.99 9.10
CA CYS E 107 -28.47 8.35 8.60
C CYS E 107 -28.86 9.36 9.66
N LEU E 108 -29.84 9.03 10.48
CA LEU E 108 -30.21 9.91 11.54
C LEU E 108 -29.13 10.11 12.56
N GLN E 109 -28.46 9.04 12.99
CA GLN E 109 -27.35 9.15 13.91
C GLN E 109 -26.14 9.90 13.33
N VAL E 110 -25.88 9.71 12.04
CA VAL E 110 -24.89 10.47 11.33
C VAL E 110 -25.22 11.95 11.13
N ARG E 111 -26.41 12.26 10.67
CA ARG E 111 -26.79 13.63 10.43
C ARG E 111 -26.83 14.52 11.65
N SER E 112 -27.17 13.93 12.78
CA SER E 112 -27.35 14.57 14.04
C SER E 112 -26.05 15.03 14.65
N GLY E 113 -24.95 14.59 14.08
CA GLY E 113 -23.63 14.86 14.58
C GLY E 113 -23.08 13.92 15.63
N ASP E 114 -23.87 12.93 16.00
CA ASP E 114 -23.52 11.93 16.97
C ASP E 114 -22.43 10.96 16.58
N HIS E 115 -22.43 10.52 15.34
CA HIS E 115 -21.45 9.59 14.81
C HIS E 115 -21.00 10.06 13.45
N ASP E 116 -19.80 9.73 13.08
CA ASP E 116 -19.31 10.13 11.82
C ASP E 116 -19.47 9.04 10.79
N LEU E 117 -19.17 7.82 11.18
CA LEU E 117 -19.30 6.64 10.37
C LEU E 117 -19.95 5.44 11.05
N VAL E 118 -20.97 4.88 10.43
CA VAL E 118 -21.56 3.61 10.87
C VAL E 118 -21.85 2.64 9.72
N VAL E 119 -22.11 1.41 10.05
CA VAL E 119 -22.47 0.38 9.09
C VAL E 119 -23.95 0.03 9.18
N ALA E 120 -24.59 -0.09 8.03
CA ALA E 120 -25.98 -0.45 7.93
C ALA E 120 -26.13 -1.70 7.09
N GLY E 121 -26.94 -2.62 7.54
CA GLY E 121 -27.10 -3.89 6.87
C GLY E 121 -28.30 -4.66 7.32
N GLY E 122 -28.45 -5.85 6.77
CA GLY E 122 -29.41 -6.83 7.22
C GLY E 122 -28.88 -8.21 7.01
N ALA E 123 -29.30 -9.17 7.79
CA ALA E 123 -28.92 -10.53 7.56
C ALA E 123 -30.05 -11.49 7.85
N GLU E 124 -30.24 -12.42 6.95
CA GLU E 124 -31.24 -13.45 7.06
C GLU E 124 -30.82 -14.78 6.48
N SER E 125 -30.94 -15.79 7.31
CA SER E 125 -30.93 -17.15 6.87
C SER E 125 -32.27 -17.71 7.20
N MET E 126 -33.14 -17.69 6.23
CA MET E 126 -34.44 -18.29 6.32
C MET E 126 -34.41 -19.80 6.36
N SER E 127 -33.35 -20.32 5.78
CA SER E 127 -33.01 -21.70 5.85
C SER E 127 -32.77 -22.16 7.27
N ASN E 128 -32.32 -21.27 8.15
CA ASN E 128 -31.97 -21.68 9.47
C ASN E 128 -32.78 -21.11 10.59
N VAL E 129 -33.94 -20.59 10.27
CA VAL E 129 -34.85 -19.97 11.23
C VAL E 129 -35.36 -20.98 12.23
N ALA E 130 -35.53 -20.55 13.45
CA ALA E 130 -35.87 -21.43 14.54
C ALA E 130 -37.28 -22.03 14.48
N PHE E 131 -37.52 -23.11 15.22
CA PHE E 131 -38.85 -23.64 15.44
C PHE E 131 -38.98 -23.40 16.91
N TYR E 132 -40.14 -23.09 17.42
CA TYR E 132 -40.22 -22.61 18.78
C TYR E 132 -41.54 -22.98 19.52
N SER E 133 -41.50 -23.04 20.83
CA SER E 133 -42.69 -23.27 21.61
C SER E 133 -42.75 -22.45 22.82
N THR E 134 -43.94 -21.94 23.10
CA THR E 134 -44.28 -21.27 24.33
C THR E 134 -45.09 -22.14 25.25
N ASP E 135 -45.16 -23.43 24.98
CA ASP E 135 -45.85 -24.38 25.85
C ASP E 135 -44.98 -25.24 26.75
N MET E 136 -43.72 -25.37 26.41
CA MET E 136 -42.79 -26.21 27.12
C MET E 136 -42.43 -25.83 28.55
N ARG E 137 -42.42 -24.54 28.83
CA ARG E 137 -42.07 -23.95 30.12
C ARG E 137 -42.91 -24.18 31.37
N TRP E 138 -44.21 -23.93 31.34
CA TRP E 138 -45.07 -24.14 32.51
C TRP E 138 -45.82 -25.45 32.48
N GLY E 139 -45.65 -26.11 31.36
CA GLY E 139 -46.20 -27.41 31.07
C GLY E 139 -47.37 -27.42 30.14
N GLY E 140 -47.49 -28.52 29.43
CA GLY E 140 -48.58 -28.79 28.50
C GLY E 140 -49.51 -29.95 28.78
N ALA E 141 -49.67 -30.33 30.03
CA ALA E 141 -50.58 -31.42 30.43
C ALA E 141 -52.03 -31.13 30.16
N ARG E 142 -52.37 -29.87 30.01
CA ARG E 142 -53.75 -29.50 29.87
C ARG E 142 -54.02 -28.83 28.56
N THR E 143 -52.98 -28.37 27.92
CA THR E 143 -53.16 -27.60 26.73
C THR E 143 -52.78 -28.33 25.50
N GLY E 144 -51.78 -29.16 25.62
CA GLY E 144 -50.98 -29.61 24.52
C GLY E 144 -49.76 -28.73 24.26
N VAL E 145 -48.97 -29.14 23.32
CA VAL E 145 -47.76 -28.48 22.97
C VAL E 145 -47.77 -28.21 21.51
N GLN E 146 -47.51 -26.98 21.14
CA GLN E 146 -47.38 -26.59 19.78
C GLN E 146 -46.00 -26.12 19.55
N ILE E 147 -45.45 -26.49 18.42
CA ILE E 147 -44.18 -25.98 17.99
C ILE E 147 -44.40 -25.28 16.70
N HIS E 148 -44.04 -24.01 16.69
CA HIS E 148 -44.23 -23.18 15.57
C HIS E 148 -43.02 -23.08 14.68
N ASP E 149 -43.22 -23.19 13.39
CA ASP E 149 -42.26 -22.70 12.44
C ASP E 149 -42.28 -21.21 12.48
N GLY E 150 -41.11 -20.62 12.65
CA GLY E 150 -40.95 -19.21 12.76
C GLY E 150 -41.37 -18.50 11.53
N LEU E 151 -41.09 -19.07 10.37
CA LEU E 151 -41.54 -18.46 9.15
C LEU E 151 -43.04 -18.47 8.97
N ALA E 152 -43.67 -19.63 9.05
CA ALA E 152 -45.09 -19.71 8.87
C ALA E 152 -45.94 -19.00 9.89
N ARG E 153 -45.62 -19.14 11.16
CA ARG E 153 -46.41 -18.57 12.21
C ARG E 153 -46.47 -17.06 12.15
N GLY E 154 -45.33 -16.52 11.78
CA GLY E 154 -45.09 -15.12 11.65
C GLY E 154 -45.94 -14.50 10.59
N ARG E 155 -46.19 -15.24 9.55
CA ARG E 155 -46.98 -14.79 8.46
C ARG E 155 -48.43 -14.47 8.86
N THR E 156 -48.96 -15.16 9.86
CA THR E 156 -50.30 -14.92 10.37
C THR E 156 -50.47 -14.03 11.57
N THR E 157 -49.42 -13.83 12.35
CA THR E 157 -49.54 -13.03 13.57
C THR E 157 -49.25 -11.54 13.52
N ALA E 158 -48.75 -11.05 12.41
CA ALA E 158 -48.25 -9.70 12.34
C ALA E 158 -49.29 -8.59 12.58
N GLY E 159 -50.52 -8.87 12.23
CA GLY E 159 -51.65 -8.00 12.39
C GLY E 159 -52.23 -7.99 13.76
N GLY E 160 -51.72 -8.83 14.64
CA GLY E 160 -52.23 -8.97 15.97
C GLY E 160 -53.45 -9.86 16.06
N LYS E 161 -54.05 -9.87 17.21
CA LYS E 161 -55.21 -10.67 17.48
C LYS E 161 -56.50 -10.28 16.76
N PHE E 162 -56.66 -9.01 16.46
CA PHE E 162 -57.86 -8.54 15.84
C PHE E 162 -57.76 -8.43 14.38
N HIS E 163 -56.58 -8.64 13.85
CA HIS E 163 -56.39 -8.65 12.44
C HIS E 163 -55.60 -9.86 11.97
N PRO E 164 -56.07 -11.07 12.20
CA PRO E 164 -55.42 -12.26 11.69
C PRO E 164 -55.57 -12.50 10.20
N VAL E 165 -54.54 -13.10 9.66
CA VAL E 165 -54.52 -13.48 8.28
C VAL E 165 -54.01 -14.88 8.16
N PRO E 166 -54.91 -15.85 8.16
CA PRO E 166 -54.53 -17.26 8.14
C PRO E 166 -53.73 -17.68 6.89
N GLY E 167 -53.99 -17.07 5.76
CA GLY E 167 -53.31 -17.42 4.55
C GLY E 167 -52.04 -16.64 4.35
N GLY E 168 -51.66 -15.89 5.36
CA GLY E 168 -50.45 -15.12 5.35
C GLY E 168 -50.37 -14.04 4.33
N MET E 169 -49.17 -13.79 3.86
CA MET E 169 -48.90 -12.77 2.89
C MET E 169 -49.54 -13.11 1.60
N LEU E 170 -49.61 -14.39 1.34
CA LEU E 170 -50.17 -14.91 0.13
C LEU E 170 -51.59 -14.51 0.03
N GLU E 171 -52.34 -14.62 1.10
CA GLU E 171 -53.70 -14.17 1.12
C GLU E 171 -53.85 -12.66 0.86
N THR E 172 -53.01 -11.83 1.45
CA THR E 172 -53.05 -10.41 1.22
C THR E 172 -52.77 -10.02 -0.21
N ALA E 173 -51.90 -10.77 -0.84
CA ALA E 173 -51.64 -10.65 -2.25
C ALA E 173 -52.83 -10.98 -3.12
N GLU E 174 -53.56 -12.03 -2.77
CA GLU E 174 -54.77 -12.37 -3.44
C GLU E 174 -55.85 -11.33 -3.25
N ASN E 175 -55.87 -10.70 -2.10
CA ASN E 175 -56.77 -9.61 -1.85
C ASN E 175 -56.51 -8.43 -2.75
N LEU E 176 -55.27 -8.05 -2.96
CA LEU E 176 -54.95 -7.00 -3.88
C LEU E 176 -55.26 -7.38 -5.32
N ARG E 177 -55.05 -8.63 -5.67
CA ARG E 177 -55.36 -9.12 -6.97
C ARG E 177 -56.85 -9.00 -7.26
N ARG E 178 -57.68 -9.29 -6.27
CA ARG E 178 -59.11 -9.14 -6.34
C ARG E 178 -59.58 -7.68 -6.43
N GLU E 179 -59.08 -6.84 -5.55
CA GLU E 179 -59.40 -5.43 -5.54
C GLU E 179 -58.96 -4.72 -6.80
N TYR E 180 -57.85 -5.13 -7.40
CA TYR E 180 -57.38 -4.49 -8.60
C TYR E 180 -57.54 -5.23 -9.92
N HIS E 181 -58.23 -6.36 -9.91
CA HIS E 181 -58.46 -7.06 -11.14
C HIS E 181 -57.16 -7.33 -11.86
N ILE E 182 -56.14 -7.78 -11.15
CA ILE E 182 -54.89 -8.05 -11.81
C ILE E 182 -54.83 -9.46 -12.32
N SER E 183 -54.70 -9.62 -13.63
CA SER E 183 -54.77 -10.89 -14.29
C SER E 183 -53.55 -11.75 -14.08
N ARG E 184 -53.72 -13.04 -14.26
CA ARG E 184 -52.66 -13.96 -14.02
C ARG E 184 -51.55 -13.62 -14.96
N THR E 185 -51.92 -13.36 -16.20
CA THR E 185 -50.96 -13.22 -17.27
C THR E 185 -50.06 -12.07 -17.02
N GLU E 186 -50.66 -11.04 -16.51
CA GLU E 186 -49.97 -9.84 -16.12
C GLU E 186 -48.95 -10.07 -15.04
N GLN E 187 -49.31 -10.85 -14.03
CA GLN E 187 -48.40 -11.25 -12.99
C GLN E 187 -47.21 -12.09 -13.45
N ASP E 188 -47.45 -13.01 -14.33
CA ASP E 188 -46.40 -13.80 -14.94
C ASP E 188 -45.48 -13.03 -15.86
N GLU E 189 -46.00 -12.02 -16.50
CA GLU E 189 -45.23 -11.13 -17.35
C GLU E 189 -44.21 -10.30 -16.60
N LEU E 190 -44.62 -9.80 -15.46
CA LEU E 190 -43.73 -9.06 -14.63
C LEU E 190 -42.63 -9.98 -14.16
N ALA E 191 -42.98 -11.20 -13.81
CA ALA E 191 -42.03 -12.15 -13.31
C ALA E 191 -40.98 -12.45 -14.34
N VAL E 192 -41.36 -12.54 -15.60
CA VAL E 192 -40.42 -12.77 -16.67
C VAL E 192 -39.45 -11.63 -16.76
N ARG E 193 -39.94 -10.42 -16.66
CA ARG E 193 -39.10 -9.26 -16.71
C ARG E 193 -38.13 -9.34 -15.56
N SER E 194 -38.56 -9.76 -14.41
CA SER E 194 -37.69 -9.77 -13.29
C SER E 194 -36.54 -10.68 -13.59
N HIS E 195 -36.81 -11.85 -14.11
CA HIS E 195 -35.77 -12.81 -14.50
C HIS E 195 -34.87 -12.41 -15.64
N GLN E 196 -35.45 -11.90 -16.70
CA GLN E 196 -34.65 -11.43 -17.80
C GLN E 196 -33.79 -10.29 -17.34
N ARG E 197 -34.32 -9.42 -16.51
CA ARG E 197 -33.54 -8.35 -15.92
C ARG E 197 -32.43 -8.75 -14.97
N ALA E 198 -32.63 -9.74 -14.12
CA ALA E 198 -31.54 -10.21 -13.29
C ALA E 198 -30.43 -10.92 -14.05
N VAL E 199 -30.81 -11.78 -14.96
CA VAL E 199 -29.88 -12.53 -15.76
C VAL E 199 -29.06 -11.56 -16.59
N ALA E 200 -29.70 -10.55 -17.12
CA ALA E 200 -29.03 -9.55 -17.89
C ALA E 200 -28.02 -8.78 -17.07
N ALA E 201 -28.34 -8.47 -15.83
CA ALA E 201 -27.41 -7.81 -14.95
C ALA E 201 -26.16 -8.64 -14.67
N GLN E 202 -26.34 -9.93 -14.47
CA GLN E 202 -25.20 -10.82 -14.29
C GLN E 202 -24.27 -10.88 -15.51
N SER E 203 -24.82 -11.05 -16.69
CA SER E 203 -24.06 -11.09 -17.93
C SER E 203 -23.32 -9.80 -18.34
N GLU E 204 -23.92 -8.66 -18.08
CA GLU E 204 -23.28 -7.37 -18.29
C GLU E 204 -22.14 -7.06 -17.31
N GLY E 205 -22.12 -7.72 -16.18
CA GLY E 205 -21.12 -7.49 -15.17
C GLY E 205 -21.39 -6.45 -14.11
N VAL E 206 -22.56 -5.86 -14.10
CA VAL E 206 -22.96 -4.96 -13.04
C VAL E 206 -23.16 -5.61 -11.67
N LEU E 207 -23.54 -6.86 -11.69
CA LEU E 207 -23.73 -7.59 -10.46
C LEU E 207 -22.47 -7.77 -9.62
N ALA E 208 -21.33 -7.90 -10.25
CA ALA E 208 -20.09 -8.11 -9.56
C ALA E 208 -19.79 -6.97 -8.61
N GLU E 209 -20.19 -5.79 -9.02
CA GLU E 209 -19.95 -4.55 -8.37
C GLU E 209 -20.63 -4.55 -7.06
N GLU E 210 -21.79 -5.14 -7.06
CA GLU E 210 -22.62 -5.42 -5.93
C GLU E 210 -22.16 -6.46 -4.93
N ILE E 211 -21.57 -7.53 -5.42
CA ILE E 211 -21.48 -8.81 -4.73
C ILE E 211 -20.20 -9.08 -3.95
N ILE E 212 -20.35 -9.50 -2.72
CA ILE E 212 -19.26 -10.10 -1.98
C ILE E 212 -19.41 -11.60 -2.14
N PRO E 213 -18.46 -12.27 -2.76
CA PRO E 213 -18.56 -13.71 -2.90
C PRO E 213 -18.45 -14.40 -1.56
N VAL E 214 -19.07 -15.55 -1.51
CA VAL E 214 -19.13 -16.29 -0.29
C VAL E 214 -18.54 -17.66 -0.41
N PRO E 215 -17.66 -18.01 0.51
CA PRO E 215 -17.09 -19.36 0.57
C PRO E 215 -17.95 -20.34 1.37
N VAL E 216 -18.13 -21.55 0.86
CA VAL E 216 -18.80 -22.62 1.60
C VAL E 216 -18.01 -23.92 1.60
N ARG E 217 -18.10 -24.67 2.69
CA ARG E 217 -17.43 -25.97 2.77
C ARG E 217 -18.15 -26.97 1.90
N THR E 218 -17.42 -27.62 1.02
CA THR E 218 -17.99 -28.59 0.13
C THR E 218 -17.15 -29.82 0.34
N ASP E 220 -16.50 -31.99 0.21
CA ASP E 220 -15.85 -32.63 -0.92
C ASP E 220 -14.87 -31.64 -1.54
N GLY E 221 -14.17 -30.90 -0.69
CA GLY E 221 -13.59 -29.60 -0.97
C GLY E 221 -14.46 -28.38 -0.59
N GLU E 222 -13.91 -27.17 -0.78
CA GLU E 222 -14.56 -25.92 -0.40
C GLU E 222 -14.73 -24.97 -1.60
N GLU E 223 -15.88 -24.33 -1.75
CA GLU E 223 -16.09 -23.49 -2.93
C GLU E 223 -16.66 -22.06 -2.72
N THR E 224 -16.39 -21.18 -3.67
CA THR E 224 -16.71 -19.77 -3.54
C THR E 224 -17.83 -19.44 -4.49
N ILE E 225 -18.85 -18.78 -3.97
CA ILE E 225 -20.07 -18.52 -4.70
C ILE E 225 -20.28 -17.06 -5.00
N SER E 226 -20.51 -16.75 -6.25
CA SER E 226 -20.64 -15.37 -6.70
C SER E 226 -21.94 -14.96 -7.39
N VAL E 227 -22.74 -15.95 -7.71
CA VAL E 227 -23.93 -15.79 -8.50
C VAL E 227 -25.17 -16.17 -7.73
N ASP E 228 -26.20 -15.35 -7.77
CA ASP E 228 -27.49 -15.61 -7.12
C ASP E 228 -28.13 -16.91 -7.62
N GLU E 229 -28.61 -17.73 -6.71
CA GLU E 229 -29.17 -19.01 -7.04
C GLU E 229 -30.45 -19.12 -7.85
N HIS E 230 -31.47 -18.33 -7.51
CA HIS E 230 -32.80 -18.38 -8.13
C HIS E 230 -33.02 -17.96 -9.60
N PRO E 231 -32.41 -16.89 -10.04
CA PRO E 231 -32.76 -16.35 -11.35
C PRO E 231 -32.53 -17.29 -12.53
N ARG E 232 -33.50 -17.37 -13.43
CA ARG E 232 -33.42 -18.24 -14.60
C ARG E 232 -33.65 -17.51 -15.89
N ALA E 233 -32.77 -17.70 -16.85
CA ALA E 233 -32.91 -17.18 -18.20
C ALA E 233 -34.07 -17.75 -19.00
N ASP E 234 -34.32 -19.03 -18.83
CA ASP E 234 -35.23 -19.72 -19.69
C ASP E 234 -36.67 -19.41 -19.37
N THR E 235 -36.88 -18.50 -18.44
CA THR E 235 -38.20 -18.18 -17.91
C THR E 235 -39.17 -17.53 -18.89
N THR E 236 -40.31 -18.19 -19.07
CA THR E 236 -41.33 -17.78 -20.00
C THR E 236 -42.71 -17.70 -19.41
N VAL E 237 -43.51 -16.88 -20.04
CA VAL E 237 -44.88 -16.72 -19.67
C VAL E 237 -45.58 -18.03 -19.86
N GLU E 238 -45.20 -18.79 -20.86
CA GLU E 238 -45.86 -20.07 -21.12
C GLU E 238 -45.69 -21.10 -20.05
N ALA E 239 -44.48 -21.22 -19.55
CA ALA E 239 -44.14 -22.12 -18.46
C ALA E 239 -44.82 -21.73 -17.19
N LEU E 240 -44.86 -20.45 -16.91
CA LEU E 240 -45.41 -19.96 -15.65
C LEU E 240 -46.89 -20.26 -15.51
N ALA E 241 -47.54 -20.38 -16.64
CA ALA E 241 -48.94 -20.68 -16.73
C ALA E 241 -49.27 -22.08 -16.19
N LYS E 242 -48.27 -22.94 -16.23
CA LYS E 242 -48.34 -24.32 -15.80
C LYS E 242 -48.54 -24.47 -14.33
N LEU E 243 -47.96 -23.55 -13.60
CA LEU E 243 -47.97 -23.58 -12.15
C LEU E 243 -49.32 -23.38 -11.54
N LYS E 244 -49.53 -24.00 -10.41
CA LYS E 244 -50.79 -23.93 -9.73
C LYS E 244 -50.69 -22.89 -8.65
N PRO E 245 -51.66 -22.03 -8.58
CA PRO E 245 -51.68 -21.09 -7.49
C PRO E 245 -51.84 -21.83 -6.18
N VAL E 246 -51.23 -21.30 -5.15
CA VAL E 246 -51.20 -21.92 -3.85
C VAL E 246 -52.59 -22.06 -3.24
N LEU E 247 -53.44 -21.07 -3.50
CA LEU E 247 -54.71 -20.93 -2.84
C LEU E 247 -55.83 -21.29 -3.76
N LEU E 248 -55.53 -22.07 -4.78
CA LEU E 248 -56.48 -22.37 -5.82
C LEU E 248 -57.66 -23.11 -5.28
N LYS E 249 -57.44 -23.99 -4.33
CA LYS E 249 -58.52 -24.75 -3.75
C LYS E 249 -59.53 -23.89 -3.04
N GLN E 250 -59.06 -23.00 -2.19
CA GLN E 250 -59.88 -22.02 -1.51
C GLN E 250 -60.50 -20.93 -2.36
N ASP E 251 -59.76 -20.40 -3.34
CA ASP E 251 -60.31 -19.51 -4.33
C ASP E 251 -60.06 -20.15 -5.67
N PRO E 252 -61.13 -20.35 -6.40
CA PRO E 252 -61.09 -20.83 -7.77
C PRO E 252 -60.45 -19.80 -8.68
N GLU E 253 -60.39 -18.58 -8.22
CA GLU E 253 -59.88 -17.44 -8.98
C GLU E 253 -58.44 -17.01 -8.66
N ALA E 254 -57.71 -17.83 -7.93
CA ALA E 254 -56.35 -17.53 -7.48
C ALA E 254 -55.29 -17.45 -8.55
N THR E 255 -54.40 -16.51 -8.39
CA THR E 255 -53.33 -16.26 -9.34
C THR E 255 -51.92 -16.41 -8.83
N VAL E 256 -51.75 -16.48 -7.52
CA VAL E 256 -50.40 -16.41 -6.97
C VAL E 256 -49.78 -17.79 -6.87
N THR E 257 -48.64 -17.90 -7.52
CA THR E 257 -47.80 -19.07 -7.58
C THR E 257 -46.42 -18.82 -7.00
N ALA E 258 -45.65 -19.87 -6.96
CA ALA E 258 -44.26 -19.84 -6.64
C ALA E 258 -43.44 -19.07 -7.65
N GLY E 259 -43.87 -19.12 -8.90
CA GLY E 259 -43.37 -18.35 -10.00
C GLY E 259 -43.55 -16.85 -10.04
N ASN E 260 -44.68 -16.36 -9.57
CA ASN E 260 -44.89 -14.93 -9.52
C ASN E 260 -44.74 -14.28 -8.17
N SER E 261 -44.15 -14.98 -7.24
CA SER E 261 -43.97 -14.45 -5.92
C SER E 261 -42.55 -14.67 -5.54
N SER E 262 -42.10 -13.91 -4.60
CA SER E 262 -40.81 -14.10 -4.05
C SER E 262 -40.83 -15.28 -3.10
N GLY E 263 -39.69 -15.93 -2.98
CA GLY E 263 -39.51 -17.06 -2.10
C GLY E 263 -38.82 -16.75 -0.81
N GLN E 264 -38.26 -17.77 -0.20
CA GLN E 264 -37.54 -17.64 1.05
C GLN E 264 -36.08 -17.88 0.90
N ASN E 265 -35.31 -16.93 1.42
CA ASN E 265 -33.95 -16.69 1.00
C ASN E 265 -32.91 -16.38 2.09
N ASP E 266 -31.66 -16.64 1.76
CA ASP E 266 -30.53 -16.41 2.63
C ASP E 266 -29.57 -15.38 2.09
N ALA E 267 -29.34 -14.33 2.84
CA ALA E 267 -28.43 -13.31 2.42
C ALA E 267 -28.04 -12.38 3.53
N ALA E 268 -27.03 -11.59 3.26
CA ALA E 268 -26.70 -10.44 4.07
C ALA E 268 -26.31 -9.23 3.26
N SER E 269 -26.57 -8.07 3.82
CA SER E 269 -26.36 -6.83 3.14
C SER E 269 -25.69 -5.86 4.03
N MET E 270 -24.72 -5.16 3.48
CA MET E 270 -24.01 -4.11 4.16
C MET E 270 -23.70 -2.89 3.34
N CYS E 271 -23.58 -1.76 4.00
CA CYS E 271 -23.09 -0.53 3.45
C CYS E 271 -22.54 0.35 4.53
N ILE E 272 -21.82 1.39 4.12
CA ILE E 272 -21.28 2.42 5.00
C ILE E 272 -22.16 3.65 4.96
N VAL E 273 -22.55 4.15 6.12
CA VAL E 273 -23.20 5.43 6.18
C VAL E 273 -22.32 6.44 6.92
N THR E 274 -22.02 7.54 6.26
CA THR E 274 -21.05 8.52 6.68
C THR E 274 -21.35 9.98 6.19
N THR E 275 -20.68 10.97 6.73
CA THR E 275 -20.67 12.29 6.13
C THR E 275 -19.83 12.38 4.85
N PRO E 276 -20.07 13.33 3.98
CA PRO E 276 -19.20 13.54 2.83
C PRO E 276 -17.73 13.88 3.17
N GLU E 277 -17.53 14.66 4.22
CA GLU E 277 -16.20 15.02 4.65
C GLU E 277 -15.36 13.83 5.14
N LYS E 278 -15.98 12.96 5.90
CA LYS E 278 -15.38 11.74 6.37
C LYS E 278 -15.08 10.73 5.24
N ALA E 279 -15.95 10.63 4.27
CA ALA E 279 -15.71 9.80 3.11
C ALA E 279 -14.52 10.27 2.31
N ALA E 280 -14.39 11.57 2.17
CA ALA E 280 -13.27 12.15 1.48
C ALA E 280 -11.98 11.86 2.18
N GLU E 281 -12.03 11.95 3.49
CA GLU E 281 -10.93 11.72 4.37
C GLU E 281 -10.46 10.31 4.24
N LEU E 282 -11.39 9.38 4.13
CA LEU E 282 -11.05 7.99 4.08
C LEU E 282 -10.87 7.43 2.69
N GLY E 283 -11.06 8.25 1.68
CA GLY E 283 -10.98 7.83 0.30
C GLY E 283 -12.15 7.10 -0.32
N LEU E 284 -13.29 7.16 0.34
CA LEU E 284 -14.49 6.52 -0.12
C LEU E 284 -15.22 7.28 -1.19
N LYS E 285 -16.02 6.59 -1.98
CA LYS E 285 -16.81 7.28 -2.99
C LYS E 285 -18.26 7.20 -2.69
N PRO E 286 -18.86 8.25 -2.17
CA PRO E 286 -20.29 8.17 -1.84
C PRO E 286 -21.19 8.15 -3.05
N LEU E 287 -22.00 7.12 -3.19
CA LEU E 287 -22.97 7.05 -4.25
C LEU E 287 -24.18 7.96 -4.20
N VAL E 288 -24.84 8.01 -3.07
CA VAL E 288 -26.06 8.71 -2.90
C VAL E 288 -26.15 9.35 -1.53
N ARG E 289 -27.05 10.29 -1.39
CA ARG E 289 -27.40 10.82 -0.11
C ARG E 289 -28.87 10.62 0.06
N LEU E 290 -29.29 10.37 1.28
CA LEU E 290 -30.69 10.19 1.56
C LEU E 290 -31.34 11.54 1.72
N VAL E 291 -32.22 11.88 0.79
CA VAL E 291 -33.07 13.05 0.86
C VAL E 291 -34.20 13.01 1.88
N SER E 292 -35.02 11.97 1.83
CA SER E 292 -36.19 11.86 2.69
C SER E 292 -36.61 10.45 2.89
N TRP E 293 -37.44 10.21 3.89
CA TRP E 293 -38.04 8.92 4.10
C TRP E 293 -39.47 9.05 4.63
N GLY E 294 -40.30 8.06 4.39
CA GLY E 294 -41.65 8.05 4.87
C GLY E 294 -42.12 6.73 5.38
N SER E 295 -42.99 6.78 6.35
CA SER E 295 -43.51 5.59 6.96
C SER E 295 -45.06 5.58 7.05
N ALA E 296 -45.66 4.42 6.95
CA ALA E 296 -47.09 4.30 7.03
C ALA E 296 -47.62 2.99 7.61
N GLY E 297 -48.81 3.07 8.14
CA GLY E 297 -49.63 1.93 8.46
C GLY E 297 -50.79 1.76 7.51
N VAL E 298 -51.08 0.53 7.16
CA VAL E 298 -52.26 0.18 6.37
C VAL E 298 -52.89 -1.00 6.99
N ALA E 299 -54.03 -1.38 6.48
CA ALA E 299 -54.70 -2.56 6.97
C ALA E 299 -53.85 -3.80 6.74
N PRO E 300 -53.75 -4.62 7.74
CA PRO E 300 -52.86 -5.76 7.69
C PRO E 300 -53.17 -6.72 6.54
N ASP E 301 -54.42 -6.87 6.17
CA ASP E 301 -54.79 -7.78 5.11
C ASP E 301 -54.59 -7.16 3.74
N LEU E 302 -54.10 -5.94 3.74
CA LEU E 302 -53.80 -5.22 2.54
C LEU E 302 -52.40 -4.67 2.60
N MET E 303 -51.47 -5.37 3.18
CA MET E 303 -50.14 -4.86 3.50
C MET E 303 -49.34 -4.45 2.29
N GLY E 304 -49.58 -5.13 1.21
CA GLY E 304 -48.86 -4.96 -0.02
C GLY E 304 -49.00 -3.59 -0.62
N ILE E 305 -50.03 -2.88 -0.19
CA ILE E 305 -50.27 -1.52 -0.56
C ILE E 305 -49.46 -0.49 0.19
N GLY E 306 -48.76 -0.88 1.23
CA GLY E 306 -48.13 0.07 2.11
C GLY E 306 -47.17 1.03 1.45
N PRO E 307 -46.57 0.66 0.34
CA PRO E 307 -45.70 1.58 -0.38
C PRO E 307 -46.37 2.85 -0.86
N VAL E 308 -47.62 2.84 -1.26
CA VAL E 308 -48.22 4.03 -1.75
C VAL E 308 -48.33 5.15 -0.72
N PRO E 309 -48.89 4.92 0.45
CA PRO E 309 -48.92 5.98 1.44
C PRO E 309 -47.55 6.41 1.91
N ALA E 310 -46.65 5.45 2.03
CA ALA E 310 -45.33 5.68 2.48
C ALA E 310 -44.54 6.54 1.50
N THR E 311 -44.67 6.20 0.24
CA THR E 311 -44.07 6.92 -0.84
C THR E 311 -44.65 8.31 -0.87
N GLU E 312 -45.91 8.42 -0.56
CA GLU E 312 -46.56 9.69 -0.51
C GLU E 312 -45.95 10.62 0.52
N VAL E 313 -45.71 10.14 1.74
CA VAL E 313 -45.04 10.93 2.75
C VAL E 313 -43.57 11.27 2.42
N ALA E 314 -42.80 10.32 1.93
CA ALA E 314 -41.45 10.60 1.56
C ALA E 314 -41.39 11.60 0.44
N LEU E 315 -42.20 11.45 -0.59
CA LEU E 315 -42.20 12.37 -1.69
C LEU E 315 -42.59 13.75 -1.24
N ALA E 316 -43.55 13.87 -0.36
CA ALA E 316 -43.91 15.16 0.13
C ALA E 316 -42.83 15.87 0.97
N LYS E 317 -42.17 15.12 1.83
CA LYS E 317 -41.13 15.66 2.67
C LYS E 317 -40.00 16.14 1.81
N ALA E 318 -39.78 15.49 0.71
CA ALA E 318 -38.85 15.91 -0.31
C ALA E 318 -39.27 17.11 -1.17
N GLY E 319 -40.52 17.54 -1.10
CA GLY E 319 -41.06 18.50 -2.01
C GLY E 319 -41.01 18.01 -3.42
N LEU E 320 -41.33 16.75 -3.60
CA LEU E 320 -41.12 16.07 -4.84
C LEU E 320 -42.31 15.31 -5.34
N THR E 321 -42.22 14.92 -6.57
CA THR E 321 -43.32 14.32 -7.24
C THR E 321 -42.78 13.01 -7.78
N LEU E 322 -43.63 12.07 -8.07
CA LEU E 322 -43.20 10.84 -8.61
C LEU E 322 -42.54 10.98 -9.97
N ALA E 323 -43.02 11.91 -10.76
CA ALA E 323 -42.56 12.15 -12.11
C ALA E 323 -41.14 12.64 -12.15
N ASP E 324 -40.72 13.22 -11.04
CA ASP E 324 -39.36 13.60 -10.72
C ASP E 324 -38.38 12.49 -10.50
N ILE E 325 -38.87 11.34 -10.13
CA ILE E 325 -38.04 10.22 -9.76
C ILE E 325 -37.57 9.47 -10.98
N ASP E 326 -36.27 9.40 -11.13
CA ASP E 326 -35.56 8.70 -12.18
C ASP E 326 -35.55 7.18 -12.14
N LEU E 327 -35.50 6.64 -10.96
CA LEU E 327 -35.33 5.23 -10.77
C LEU E 327 -36.05 4.72 -9.56
N ILE E 328 -36.76 3.62 -9.71
CA ILE E 328 -37.49 3.08 -8.59
C ILE E 328 -37.05 1.68 -8.26
N GLU E 329 -36.85 1.43 -6.99
CA GLU E 329 -36.85 0.10 -6.48
C GLU E 329 -38.07 -0.11 -5.62
N LEU E 330 -38.93 -0.99 -6.08
CA LEU E 330 -40.08 -1.39 -5.30
C LEU E 330 -40.12 -2.89 -5.11
N ASN E 331 -40.18 -3.37 -3.89
CA ASN E 331 -40.05 -4.76 -3.66
C ASN E 331 -41.11 -5.57 -4.37
N GLU E 332 -40.68 -6.53 -5.12
CA GLU E 332 -41.61 -7.47 -5.69
C GLU E 332 -41.84 -8.66 -4.78
N ALA E 333 -42.51 -8.46 -3.67
CA ALA E 333 -42.86 -9.54 -2.83
C ALA E 333 -43.84 -10.49 -3.52
N PHE E 334 -44.85 -9.94 -4.15
CA PHE E 334 -45.67 -10.70 -5.06
C PHE E 334 -45.96 -9.85 -6.26
N ALA E 335 -46.13 -10.43 -7.41
CA ALA E 335 -46.31 -9.64 -8.62
C ALA E 335 -47.55 -8.80 -8.52
N ALA E 336 -48.59 -9.40 -7.99
CA ALA E 336 -49.82 -8.75 -7.77
C ALA E 336 -49.68 -7.61 -6.83
N GLN E 337 -48.88 -7.76 -5.80
CA GLN E 337 -48.71 -6.72 -4.84
C GLN E 337 -48.09 -5.49 -5.46
N ALA E 338 -47.06 -5.72 -6.27
CA ALA E 338 -46.35 -4.67 -6.98
C ALA E 338 -47.17 -4.00 -8.03
N LEU E 339 -47.86 -4.79 -8.82
CA LEU E 339 -48.69 -4.28 -9.85
C LEU E 339 -49.78 -3.40 -9.25
N ALA E 340 -50.26 -3.74 -8.07
CA ALA E 340 -51.23 -2.95 -7.37
C ALA E 340 -50.71 -1.61 -6.95
N VAL E 341 -49.48 -1.54 -6.53
CA VAL E 341 -48.84 -0.29 -6.32
C VAL E 341 -48.64 0.53 -7.61
N MET E 342 -48.20 -0.12 -8.65
CA MET E 342 -48.01 0.53 -9.89
C MET E 342 -49.31 1.04 -10.48
N ARG E 343 -50.41 0.38 -10.17
CA ARG E 343 -51.71 0.88 -10.54
C ARG E 343 -52.05 2.19 -9.90
N GLU E 344 -51.80 2.29 -8.61
CA GLU E 344 -52.04 3.47 -7.81
C GLU E 344 -51.19 4.58 -8.27
N TRP E 345 -50.06 4.23 -8.83
CA TRP E 345 -49.10 5.19 -9.33
C TRP E 345 -49.36 5.55 -10.79
N LYS E 346 -50.31 4.90 -11.41
CA LYS E 346 -50.73 5.23 -12.75
C LYS E 346 -49.64 5.04 -13.77
N PHE E 347 -49.00 3.90 -13.73
CA PHE E 347 -47.84 3.61 -14.50
C PHE E 347 -48.09 3.09 -15.90
N GLY E 348 -47.16 3.38 -16.78
CA GLY E 348 -47.22 2.90 -18.14
C GLY E 348 -46.03 2.01 -18.39
N ALA E 350 -43.24 1.84 -19.92
CA ALA E 350 -42.39 3.03 -19.98
C ALA E 350 -41.98 3.58 -18.60
N ASP E 351 -42.77 3.28 -17.60
CA ASP E 351 -42.34 3.46 -16.23
C ASP E 351 -41.68 2.18 -15.75
N HIS E 352 -41.92 1.11 -16.48
CA HIS E 352 -41.36 -0.19 -16.23
C HIS E 352 -39.87 -0.14 -16.51
N GLU E 353 -39.51 0.79 -17.37
CA GLU E 353 -38.14 0.96 -17.76
C GLU E 353 -37.34 1.75 -16.75
N ARG E 354 -37.99 2.34 -15.76
CA ARG E 354 -37.28 2.95 -14.64
C ARG E 354 -37.49 2.26 -13.30
N THR E 355 -38.07 1.08 -13.34
CA THR E 355 -38.45 0.39 -12.13
C THR E 355 -37.85 -0.98 -12.09
N ASN E 356 -37.24 -1.30 -10.96
CA ASN E 356 -36.66 -2.61 -10.69
C ASN E 356 -35.81 -3.09 -11.82
N VAL E 357 -34.92 -2.24 -12.28
CA VAL E 357 -34.14 -2.49 -13.50
C VAL E 357 -33.15 -3.64 -13.56
N ARG E 358 -32.65 -4.12 -12.44
CA ARG E 358 -31.79 -5.27 -12.48
C ARG E 358 -32.41 -6.49 -11.84
N GLY E 359 -33.73 -6.52 -11.80
CA GLY E 359 -34.46 -7.54 -11.09
C GLY E 359 -35.07 -7.08 -9.78
N SER E 360 -35.71 -8.02 -9.12
CA SER E 360 -36.29 -7.82 -7.80
C SER E 360 -36.47 -9.13 -7.06
N GLY E 361 -37.39 -9.14 -6.13
CA GLY E 361 -37.58 -10.27 -5.27
C GLY E 361 -37.96 -11.52 -6.00
N ILE E 362 -38.74 -11.43 -7.05
CA ILE E 362 -39.23 -12.61 -7.70
C ILE E 362 -38.16 -13.51 -8.32
N SER E 363 -37.30 -12.94 -9.13
CA SER E 363 -36.13 -13.64 -9.57
C SER E 363 -35.04 -13.78 -8.52
N LEU E 364 -34.70 -12.69 -7.87
CA LEU E 364 -33.61 -12.64 -6.93
C LEU E 364 -33.80 -13.41 -5.66
N GLY E 365 -34.96 -13.30 -5.08
CA GLY E 365 -35.20 -13.71 -3.73
C GLY E 365 -35.52 -12.58 -2.81
N HIS E 366 -36.12 -12.91 -1.71
CA HIS E 366 -36.48 -11.97 -0.68
C HIS E 366 -35.99 -12.50 0.65
N PRO E 367 -34.74 -12.27 0.95
CA PRO E 367 -34.22 -12.68 2.24
C PRO E 367 -34.38 -11.54 3.21
N VAL E 368 -35.39 -11.61 4.04
CA VAL E 368 -36.12 -10.47 4.50
C VAL E 368 -35.28 -9.38 5.17
N GLY E 369 -34.37 -9.71 6.05
CA GLY E 369 -33.54 -8.73 6.68
C GLY E 369 -32.62 -7.94 5.76
N ALA E 370 -32.08 -8.62 4.76
CA ALA E 370 -31.15 -8.12 3.83
C ALA E 370 -31.75 -7.50 2.58
N THR E 371 -33.05 -7.49 2.47
CA THR E 371 -33.71 -7.02 1.28
C THR E 371 -33.53 -5.53 1.04
N GLY E 372 -33.61 -4.77 2.11
CA GLY E 372 -33.39 -3.36 2.07
C GLY E 372 -32.04 -2.90 1.61
N GLY E 373 -31.00 -3.53 2.11
CA GLY E 373 -29.67 -3.29 1.63
C GLY E 373 -29.53 -3.64 0.20
N ARG E 374 -30.20 -4.68 -0.21
CA ARG E 374 -30.17 -5.14 -1.55
C ARG E 374 -30.74 -4.24 -2.57
N MET E 375 -31.90 -3.70 -2.28
CA MET E 375 -32.48 -2.71 -3.14
C MET E 375 -31.66 -1.43 -3.24
N LEU E 376 -31.09 -1.01 -2.14
CA LEU E 376 -30.20 0.11 -2.05
C LEU E 376 -28.91 -0.05 -2.84
N ALA E 377 -28.30 -1.23 -2.78
CA ALA E 377 -27.09 -1.47 -3.52
C ALA E 377 -27.34 -1.32 -5.01
N THR E 378 -28.47 -1.81 -5.51
CA THR E 378 -28.83 -1.58 -6.88
C THR E 378 -29.15 -0.16 -7.20
N LEU E 379 -29.98 0.46 -6.40
CA LEU E 379 -30.45 1.80 -6.68
C LEU E 379 -29.32 2.84 -6.76
N ALA E 380 -28.46 2.84 -5.76
CA ALA E 380 -27.35 3.71 -5.69
C ALA E 380 -26.31 3.51 -6.79
N ARG E 381 -26.00 2.27 -7.08
CA ARG E 381 -25.08 1.95 -8.14
C ARG E 381 -25.63 2.24 -9.51
N GLU E 382 -26.90 1.97 -9.68
CA GLU E 382 -27.61 2.33 -10.87
C GLU E 382 -27.83 3.82 -11.09
N LEU E 383 -28.04 4.57 -10.02
CA LEU E 383 -28.20 5.99 -10.08
C LEU E 383 -26.91 6.63 -10.58
N HIS E 384 -25.80 6.12 -10.08
CA HIS E 384 -24.50 6.46 -10.54
C HIS E 384 -24.16 6.08 -11.98
N ARG E 385 -24.50 4.87 -12.38
CA ARG E 385 -24.20 4.39 -13.71
C ARG E 385 -24.89 5.20 -14.78
N ARG E 386 -26.15 5.55 -14.54
CA ARG E 386 -26.97 6.30 -15.48
C ARG E 386 -26.77 7.80 -15.39
N GLU E 387 -26.07 8.26 -14.37
CA GLU E 387 -25.90 9.68 -14.09
C GLU E 387 -27.20 10.42 -13.88
N ALA E 388 -28.10 9.81 -13.13
CA ALA E 388 -29.43 10.33 -12.88
C ALA E 388 -29.50 10.90 -11.47
N ARG E 389 -30.53 11.64 -11.18
CA ARG E 389 -30.57 12.34 -9.93
C ARG E 389 -31.31 11.69 -8.77
N TYR E 390 -32.55 11.28 -8.94
CA TYR E 390 -33.38 10.82 -7.83
C TYR E 390 -33.83 9.37 -7.87
N GLY E 391 -33.62 8.70 -6.74
CA GLY E 391 -34.08 7.36 -6.51
C GLY E 391 -35.06 7.12 -5.38
N LEU E 392 -36.01 6.25 -5.66
CA LEU E 392 -36.95 5.76 -4.69
C LEU E 392 -36.74 4.30 -4.39
N GLU E 393 -36.62 3.99 -3.12
CA GLU E 393 -36.68 2.63 -2.62
C GLU E 393 -37.89 2.52 -1.71
N THR E 394 -38.75 1.56 -1.99
CA THR E 394 -39.92 1.40 -1.17
C THR E 394 -40.33 -0.04 -1.06
N MET E 395 -40.86 -0.40 0.09
CA MET E 395 -41.39 -1.73 0.32
C MET E 395 -42.63 -1.82 1.18
N CYS E 396 -43.46 -2.77 0.81
CA CYS E 396 -44.50 -3.24 1.65
C CYS E 396 -43.98 -4.08 2.77
N ILE E 397 -44.60 -3.92 3.90
CA ILE E 397 -44.19 -4.56 5.09
C ILE E 397 -45.33 -5.37 5.62
N GLY E 398 -45.04 -6.60 6.00
CA GLY E 398 -46.03 -7.46 6.57
C GLY E 398 -46.49 -7.01 7.92
N GLY E 399 -47.76 -7.16 8.19
CA GLY E 399 -48.42 -6.62 9.35
C GLY E 399 -49.07 -5.30 9.15
N GLY E 400 -49.11 -4.85 7.90
CA GLY E 400 -49.63 -3.55 7.50
C GLY E 400 -48.76 -2.32 7.53
N GLN E 401 -47.62 -2.34 6.87
CA GLN E 401 -46.74 -1.21 6.93
C GLN E 401 -46.13 -0.77 5.64
N GLY E 402 -45.58 0.41 5.62
CA GLY E 402 -44.87 0.89 4.49
C GLY E 402 -43.66 1.70 4.85
N LEU E 403 -42.62 1.57 4.05
CA LEU E 403 -41.41 2.31 4.20
C LEU E 403 -40.97 2.76 2.86
N ALA E 404 -40.51 3.98 2.77
CA ALA E 404 -40.00 4.53 1.56
C ALA E 404 -38.81 5.44 1.81
N ALA E 405 -37.90 5.50 0.87
CA ALA E 405 -36.79 6.40 0.93
C ALA E 405 -36.45 7.01 -0.42
N VAL E 406 -36.10 8.29 -0.42
CA VAL E 406 -35.70 9.02 -1.60
C VAL E 406 -34.25 9.34 -1.49
N PHE E 407 -33.49 8.99 -2.51
CA PHE E 407 -32.07 9.17 -2.52
C PHE E 407 -31.70 10.03 -3.69
N GLU E 408 -30.57 10.72 -3.59
CA GLU E 408 -30.06 11.61 -4.61
C GLU E 408 -28.61 11.29 -4.92
N ARG E 409 -28.26 11.32 -6.19
CA ARG E 409 -26.91 11.03 -6.59
C ARG E 409 -25.96 12.09 -6.08
N VAL E 410 -24.75 11.68 -5.78
CA VAL E 410 -23.72 12.57 -5.38
C VAL E 410 -22.82 12.75 -6.57
N GLN E 411 -22.73 13.96 -7.11
CA GLN E 411 -21.74 14.25 -8.12
C GLN E 411 -20.49 14.74 -7.46
N ARG F 10 -34.91 21.72 16.94
CA ARG F 10 -35.96 21.58 17.92
C ARG F 10 -35.58 20.54 18.94
N ASP F 11 -36.16 20.64 20.12
CA ASP F 11 -35.96 19.68 21.19
C ASP F 11 -36.77 18.41 21.09
N ALA F 12 -36.32 17.38 21.76
CA ALA F 12 -37.09 16.21 21.97
C ALA F 12 -37.30 16.10 23.45
N VAL F 13 -38.52 15.87 23.88
CA VAL F 13 -38.84 15.88 25.26
C VAL F 13 -39.70 14.67 25.56
N ILE F 14 -39.63 14.20 26.80
CA ILE F 14 -40.30 13.01 27.26
C ILE F 14 -41.48 13.42 28.10
N CYS F 15 -42.65 12.97 27.72
CA CYS F 15 -43.84 13.21 28.46
C CYS F 15 -44.40 11.93 28.99
N GLU F 16 -44.80 11.97 30.24
CA GLU F 16 -45.55 10.91 30.87
C GLU F 16 -44.96 9.51 30.83
N PRO F 17 -43.72 9.33 31.22
CA PRO F 17 -43.10 7.99 31.16
C PRO F 17 -43.64 7.03 32.20
N VAL F 18 -44.04 5.84 31.78
CA VAL F 18 -44.81 4.96 32.62
C VAL F 18 -44.50 3.48 32.45
N ARG F 19 -44.85 2.71 33.44
CA ARG F 19 -44.61 1.29 33.35
C ARG F 19 -45.70 0.50 34.04
N THR F 20 -45.74 -0.78 33.73
CA THR F 20 -46.55 -1.75 34.40
C THR F 20 -45.88 -2.00 35.72
N PRO F 21 -46.50 -2.74 36.61
CA PRO F 21 -45.76 -3.23 37.77
C PRO F 21 -44.74 -4.25 37.27
N ILE F 22 -43.76 -4.62 38.04
CA ILE F 22 -42.82 -5.58 37.57
C ILE F 22 -43.03 -6.90 38.26
N GLY F 23 -43.32 -7.93 37.48
CA GLY F 23 -43.45 -9.27 37.97
C GLY F 23 -42.21 -10.15 37.91
N ARG F 24 -42.10 -11.04 38.88
CA ARG F 24 -41.11 -12.09 38.90
C ARG F 24 -41.40 -13.26 37.99
N TYR F 25 -40.34 -13.91 37.54
CA TYR F 25 -40.45 -15.05 36.67
C TYR F 25 -41.23 -16.11 37.39
N GLY F 26 -42.26 -16.55 36.74
CA GLY F 26 -43.19 -17.51 37.26
C GLY F 26 -44.19 -16.91 38.14
N GLY F 27 -44.18 -15.61 38.24
CA GLY F 27 -44.91 -14.93 39.26
C GLY F 27 -46.26 -14.42 38.91
N MET F 28 -46.55 -13.22 39.31
CA MET F 28 -47.87 -12.64 39.18
C MET F 28 -48.36 -12.39 37.78
N PHE F 29 -47.45 -12.15 36.86
CA PHE F 29 -47.83 -11.87 35.49
C PHE F 29 -47.63 -13.05 34.50
N ARG F 30 -47.41 -14.25 35.01
CA ARG F 30 -46.98 -15.37 34.21
C ARG F 30 -47.96 -15.81 33.14
N SER F 31 -49.23 -15.48 33.31
CA SER F 31 -50.20 -15.77 32.29
C SER F 31 -50.41 -14.58 31.36
N LEU F 32 -49.54 -13.61 31.43
CA LEU F 32 -49.67 -12.49 30.57
C LEU F 32 -48.56 -12.50 29.57
N THR F 33 -48.85 -12.14 28.36
CA THR F 33 -47.81 -12.00 27.37
C THR F 33 -47.12 -10.66 27.44
N ALA F 34 -46.04 -10.57 26.71
CA ALA F 34 -45.30 -9.36 26.58
C ALA F 34 -46.17 -8.35 25.92
N VAL F 35 -46.92 -8.79 24.93
CA VAL F 35 -47.89 -7.96 24.24
C VAL F 35 -49.00 -7.49 25.15
N ASP F 36 -49.52 -8.32 26.01
CA ASP F 36 -50.60 -7.90 26.85
C ASP F 36 -50.16 -6.81 27.74
N LEU F 37 -48.99 -6.95 28.31
CA LEU F 37 -48.43 -5.96 29.16
C LEU F 37 -48.14 -4.69 28.44
N GLY F 38 -47.60 -4.78 27.27
CA GLY F 38 -47.30 -3.62 26.50
C GLY F 38 -48.51 -2.83 26.15
N VAL F 39 -49.55 -3.54 25.81
CA VAL F 39 -50.83 -3.00 25.49
C VAL F 39 -51.40 -2.31 26.69
N THR F 40 -51.28 -2.89 27.86
CA THR F 40 -51.78 -2.23 29.04
C THR F 40 -51.06 -0.94 29.36
N ALA F 41 -49.74 -0.97 29.27
CA ALA F 41 -48.92 0.20 29.53
C ALA F 41 -49.18 1.31 28.57
N LEU F 42 -49.33 0.98 27.32
CA LEU F 42 -49.76 1.92 26.30
C LEU F 42 -51.18 2.49 26.45
N LYS F 43 -52.13 1.68 26.85
CA LYS F 43 -53.46 2.17 27.08
C LYS F 43 -53.51 3.19 28.19
N GLY F 44 -52.84 2.94 29.29
CA GLY F 44 -52.79 3.90 30.37
C GLY F 44 -52.13 5.22 30.04
N LEU F 45 -51.05 5.15 29.28
CA LEU F 45 -50.29 6.30 28.87
C LEU F 45 -51.16 7.22 28.08
N LEU F 46 -51.93 6.65 27.15
CA LEU F 46 -52.93 7.37 26.37
C LEU F 46 -54.15 7.90 27.11
N GLU F 47 -54.64 7.13 28.04
CA GLU F 47 -55.69 7.52 28.94
C GLU F 47 -55.19 8.61 29.83
N ARG F 48 -53.93 8.54 30.20
CA ARG F 48 -53.34 9.59 30.99
C ARG F 48 -53.20 10.89 30.32
N THR F 49 -52.65 10.83 29.14
CA THR F 49 -52.35 11.99 28.38
C THR F 49 -53.56 12.53 27.62
N GLY F 50 -54.54 11.68 27.47
CA GLY F 50 -55.75 12.06 26.80
C GLY F 50 -55.50 12.27 25.35
N ILE F 51 -54.37 11.81 24.91
CA ILE F 51 -53.93 12.07 23.56
C ILE F 51 -54.74 11.28 22.52
N ALA F 52 -55.02 11.91 21.39
CA ALA F 52 -55.75 11.22 20.35
C ALA F 52 -54.84 10.23 19.71
N ALA F 53 -55.37 9.04 19.53
CA ALA F 53 -54.62 7.89 19.18
C ALA F 53 -53.93 8.14 17.89
N ASP F 54 -54.53 8.95 17.05
CA ASP F 54 -54.06 9.18 15.71
C ASP F 54 -52.98 10.23 15.64
N GLN F 55 -52.69 10.83 16.77
CA GLN F 55 -51.49 11.59 16.97
C GLN F 55 -50.21 10.74 16.97
N VAL F 56 -50.27 9.47 17.36
CA VAL F 56 -49.06 8.64 17.40
C VAL F 56 -48.53 8.22 16.03
N GLU F 57 -47.29 8.54 15.73
CA GLU F 57 -46.74 8.31 14.42
C GLU F 57 -45.83 7.11 14.25
N ASP F 58 -45.31 6.58 15.33
CA ASP F 58 -44.52 5.35 15.33
C ASP F 58 -44.56 4.83 16.72
N VAL F 59 -44.48 3.53 16.92
CA VAL F 59 -44.39 2.97 18.24
C VAL F 59 -43.19 2.12 18.17
N ILE F 60 -42.12 2.52 18.87
CA ILE F 60 -40.81 1.89 18.78
C ILE F 60 -40.57 1.17 20.08
N LEU F 61 -40.41 -0.13 20.03
CA LEU F 61 -40.28 -0.95 21.21
C LEU F 61 -39.02 -1.86 21.35
N GLY F 62 -38.41 -1.76 22.51
CA GLY F 62 -37.27 -2.57 22.90
C GLY F 62 -37.74 -3.87 23.48
N HIS F 63 -37.41 -4.94 22.78
CA HIS F 63 -37.93 -6.25 23.07
C HIS F 63 -36.77 -7.16 22.83
N CYS F 64 -36.36 -7.87 23.86
CA CYS F 64 -35.16 -8.69 23.80
C CYS F 64 -35.29 -10.17 23.47
N TYR F 65 -36.48 -10.70 23.58
CA TYR F 65 -36.73 -12.08 23.26
C TYR F 65 -37.91 -12.16 22.34
N PRO F 66 -37.77 -11.56 21.17
CA PRO F 66 -38.80 -11.63 20.17
C PRO F 66 -38.97 -12.99 19.56
N ASN F 67 -40.20 -13.35 19.29
CA ASN F 67 -40.57 -14.50 18.52
C ASN F 67 -41.72 -14.16 17.64
N SER F 68 -42.22 -15.13 16.92
CA SER F 68 -43.19 -14.97 15.88
C SER F 68 -44.61 -14.89 16.43
N GLU F 69 -44.74 -14.93 17.74
CA GLU F 69 -45.98 -14.65 18.39
C GLU F 69 -46.42 -13.22 18.23
N ALA F 70 -45.44 -12.33 18.25
CA ALA F 70 -45.57 -10.92 18.01
C ALA F 70 -44.46 -10.38 17.15
N PRO F 71 -44.49 -10.57 15.85
CA PRO F 71 -43.48 -10.00 14.97
C PRO F 71 -43.51 -8.49 14.96
N ALA F 72 -42.39 -7.81 14.86
CA ALA F 72 -42.36 -6.34 14.89
C ALA F 72 -43.10 -5.67 16.07
N ILE F 73 -42.78 -6.02 17.28
CA ILE F 73 -43.73 -6.03 18.34
C ILE F 73 -44.41 -4.70 18.54
N GLY F 74 -43.81 -3.61 18.13
CA GLY F 74 -44.42 -2.33 18.31
C GLY F 74 -45.72 -2.14 17.57
N ARG F 75 -45.76 -2.61 16.33
CA ARG F 75 -46.93 -2.55 15.53
C ARG F 75 -48.05 -3.39 16.14
N VAL F 76 -47.71 -4.55 16.68
CA VAL F 76 -48.68 -5.42 17.29
C VAL F 76 -49.27 -4.81 18.52
N VAL F 77 -48.43 -4.23 19.33
CA VAL F 77 -48.87 -3.61 20.54
C VAL F 77 -49.79 -2.46 20.23
N ALA F 78 -49.49 -1.72 19.19
CA ALA F 78 -50.36 -0.64 18.79
C ALA F 78 -51.72 -1.12 18.34
N LEU F 79 -51.80 -2.10 17.48
CA LEU F 79 -53.07 -2.70 17.09
C LEU F 79 -53.83 -3.37 18.20
N ASP F 80 -53.13 -4.08 19.06
CA ASP F 80 -53.77 -4.83 20.11
C ASP F 80 -54.33 -3.94 21.19
N ALA F 81 -53.80 -2.74 21.26
CA ALA F 81 -54.28 -1.74 22.18
C ALA F 81 -55.35 -0.87 21.57
N GLY F 82 -55.68 -1.08 20.32
CA GLY F 82 -56.75 -0.33 19.73
C GLY F 82 -56.44 0.91 18.95
N LEU F 83 -55.19 1.16 18.68
CA LEU F 83 -54.80 2.26 17.86
C LEU F 83 -55.16 1.96 16.44
N PRO F 84 -55.27 2.97 15.62
CA PRO F 84 -55.56 2.75 14.21
C PRO F 84 -54.45 2.12 13.41
N ILE F 85 -54.85 1.48 12.33
CA ILE F 85 -53.99 0.70 11.50
C ILE F 85 -53.04 1.57 10.70
N THR F 86 -53.28 2.85 10.74
CA THR F 86 -52.43 3.85 10.23
C THR F 86 -51.14 4.04 11.01
N VAL F 87 -51.10 3.55 12.23
CA VAL F 87 -50.00 3.77 13.13
C VAL F 87 -48.91 2.71 12.97
N PRO F 88 -47.70 3.10 12.59
CA PRO F 88 -46.62 2.15 12.34
C PRO F 88 -45.93 1.70 13.61
N GLY F 89 -45.20 0.61 13.57
CA GLY F 89 -44.58 0.11 14.76
C GLY F 89 -43.38 -0.75 14.53
N MET F 90 -42.52 -0.91 15.51
CA MET F 90 -41.28 -1.64 15.28
C MET F 90 -40.62 -2.24 16.50
N GLN F 91 -39.57 -2.98 16.23
CA GLN F 91 -38.80 -3.62 17.29
C GLN F 91 -37.26 -3.38 17.29
N VAL F 92 -36.73 -3.07 18.46
CA VAL F 92 -35.28 -2.95 18.68
C VAL F 92 -34.61 -3.80 19.78
N ASP F 93 -33.43 -4.31 19.48
CA ASP F 93 -32.60 -5.04 20.42
C ASP F 93 -31.16 -4.49 20.53
N ARG F 94 -30.87 -3.92 21.68
CA ARG F 94 -29.53 -3.69 22.13
C ARG F 94 -29.41 -4.20 23.57
N ARG F 95 -29.95 -5.40 23.78
CA ARG F 95 -30.06 -6.11 25.05
C ARG F 95 -30.66 -5.28 26.16
N CYS F 96 -29.91 -5.20 27.22
CA CYS F 96 -30.31 -4.50 28.38
C CYS F 96 -30.49 -2.99 28.03
N GLY F 97 -29.92 -2.57 26.91
CA GLY F 97 -29.91 -1.21 26.50
C GLY F 97 -31.02 -0.87 25.55
N SER F 98 -31.84 -1.83 25.28
CA SER F 98 -32.94 -1.72 24.39
C SER F 98 -34.05 -0.69 24.70
N GLY F 99 -34.46 -0.49 25.95
CA GLY F 99 -35.43 0.53 26.22
C GLY F 99 -34.98 1.95 25.93
N LEU F 100 -33.76 2.24 26.35
CA LEU F 100 -33.09 3.48 26.07
C LEU F 100 -32.83 3.66 24.62
N GLN F 101 -32.45 2.61 23.93
CA GLN F 101 -32.21 2.71 22.51
C GLN F 101 -33.43 3.17 21.74
N ALA F 102 -34.60 2.68 22.11
CA ALA F 102 -35.83 3.07 21.50
C ALA F 102 -36.12 4.56 21.69
N VAL F 103 -35.87 5.04 22.88
CA VAL F 103 -36.03 6.44 23.18
C VAL F 103 -35.07 7.30 22.38
N ILE F 104 -33.83 6.89 22.23
CA ILE F 104 -32.89 7.60 21.40
C ILE F 104 -33.31 7.64 19.94
N GLN F 105 -33.77 6.54 19.39
CA GLN F 105 -34.27 6.54 18.04
C GLN F 105 -35.47 7.48 17.94
N ALA F 106 -36.35 7.45 18.93
CA ALA F 106 -37.54 8.25 18.93
C ALA F 106 -37.20 9.72 18.95
N CYS F 107 -36.24 10.08 19.77
CA CYS F 107 -35.69 11.43 19.77
C CYS F 107 -35.02 11.89 18.46
N LEU F 108 -34.21 11.03 17.83
CA LEU F 108 -33.62 11.30 16.52
C LEU F 108 -34.64 11.46 15.41
N GLN F 109 -35.66 10.63 15.40
CA GLN F 109 -36.79 10.73 14.50
C GLN F 109 -37.60 12.03 14.67
N VAL F 110 -37.86 12.41 15.91
CA VAL F 110 -38.50 13.67 16.22
C VAL F 110 -37.64 14.92 15.94
N ARG F 111 -36.41 14.91 16.37
CA ARG F 111 -35.55 16.09 16.32
C ARG F 111 -35.26 16.58 14.94
N SER F 112 -35.22 15.66 13.98
CA SER F 112 -35.00 15.94 12.60
C SER F 112 -36.17 16.57 11.89
N GLY F 113 -37.31 16.61 12.53
CA GLY F 113 -38.52 17.10 11.90
C GLY F 113 -39.33 16.09 11.12
N ASP F 114 -38.84 14.88 11.04
CA ASP F 114 -39.55 13.77 10.43
C ASP F 114 -40.85 13.38 11.12
N HIS F 115 -40.85 13.33 12.43
CA HIS F 115 -42.05 13.00 13.14
C HIS F 115 -42.23 14.03 14.19
N ASP F 116 -43.46 14.35 14.50
CA ASP F 116 -43.77 15.25 15.58
C ASP F 116 -44.03 14.60 16.93
N LEU F 117 -44.60 13.41 16.96
CA LEU F 117 -44.81 12.66 18.19
C LEU F 117 -44.70 11.17 17.97
N VAL F 118 -44.07 10.43 18.86
CA VAL F 118 -44.03 9.00 18.74
C VAL F 118 -43.97 8.33 20.10
N VAL F 119 -44.31 7.05 20.17
CA VAL F 119 -44.19 6.31 21.42
C VAL F 119 -42.89 5.52 21.53
N ALA F 120 -42.29 5.57 22.69
CA ALA F 120 -41.11 4.79 22.94
C ALA F 120 -41.28 3.91 24.15
N GLY F 121 -40.91 2.67 24.03
CA GLY F 121 -41.18 1.71 25.06
C GLY F 121 -40.35 0.48 24.98
N GLY F 122 -40.53 -0.37 25.96
CA GLY F 122 -40.14 -1.77 25.96
C GLY F 122 -41.13 -2.75 26.58
N ALA F 123 -41.17 -3.96 26.09
CA ALA F 123 -41.93 -5.02 26.74
C ALA F 123 -41.21 -6.37 26.83
N GLU F 124 -41.28 -6.99 28.00
CA GLU F 124 -40.69 -8.29 28.17
C GLU F 124 -41.52 -9.17 29.08
N SER F 125 -41.75 -10.41 28.70
CA SER F 125 -42.18 -11.41 29.66
C SER F 125 -41.09 -12.41 29.65
N MET F 126 -40.35 -12.52 30.72
CA MET F 126 -39.37 -13.57 30.73
C MET F 126 -40.00 -14.87 31.15
N SER F 127 -41.21 -14.78 31.68
CA SER F 127 -42.03 -15.93 31.98
C SER F 127 -42.39 -16.74 30.75
N ASN F 128 -42.56 -16.10 29.62
CA ASN F 128 -43.01 -16.78 28.45
C ASN F 128 -42.07 -16.82 27.31
N VAL F 129 -40.80 -16.69 27.56
CA VAL F 129 -39.84 -16.72 26.50
C VAL F 129 -39.86 -18.13 26.01
N ALA F 130 -39.75 -18.29 24.70
CA ALA F 130 -39.84 -19.57 24.04
C ALA F 130 -38.66 -20.52 24.27
N PHE F 131 -38.91 -21.80 24.19
CA PHE F 131 -37.87 -22.76 23.98
C PHE F 131 -37.78 -22.86 22.48
N TYR F 132 -36.62 -23.14 21.92
CA TYR F 132 -36.46 -23.10 20.49
C TYR F 132 -35.41 -24.06 19.96
N SER F 133 -35.47 -24.37 18.67
CA SER F 133 -34.50 -25.28 18.06
C SER F 133 -34.11 -25.03 16.62
N THR F 134 -32.84 -25.23 16.33
CA THR F 134 -32.33 -25.08 15.00
C THR F 134 -32.08 -26.39 14.25
N ASP F 135 -32.55 -27.46 14.83
CA ASP F 135 -32.38 -28.77 14.30
C ASP F 135 -33.64 -29.36 13.72
N MET F 136 -34.77 -28.78 14.00
CA MET F 136 -36.03 -29.29 13.53
C MET F 136 -36.33 -29.16 12.04
N ARG F 137 -35.77 -28.14 11.43
CA ARG F 137 -35.96 -27.83 10.04
C ARG F 137 -35.37 -28.77 8.99
N TRP F 138 -34.10 -29.03 9.01
CA TRP F 138 -33.54 -29.98 8.08
C TRP F 138 -33.25 -31.30 8.75
N GLY F 139 -33.52 -31.32 10.04
CA GLY F 139 -33.51 -32.53 10.80
C GLY F 139 -32.26 -32.90 11.55
N GLY F 140 -32.48 -33.74 12.54
CA GLY F 140 -31.52 -34.11 13.54
C GLY F 140 -31.08 -35.52 13.33
N ALA F 141 -31.24 -36.00 12.12
CA ALA F 141 -31.01 -37.38 11.83
C ALA F 141 -29.60 -37.79 12.15
N ARG F 142 -28.63 -36.93 11.94
CA ARG F 142 -27.29 -37.23 12.39
C ARG F 142 -26.82 -36.44 13.59
N THR F 143 -27.26 -35.20 13.70
CA THR F 143 -27.01 -34.31 14.83
C THR F 143 -27.70 -34.55 16.17
N GLY F 144 -28.91 -35.03 16.09
CA GLY F 144 -29.82 -35.06 17.21
C GLY F 144 -30.48 -33.72 17.31
N VAL F 145 -31.38 -33.53 18.26
CA VAL F 145 -32.10 -32.28 18.43
C VAL F 145 -31.90 -31.67 19.78
N GLN F 146 -31.57 -30.41 19.80
CA GLN F 146 -31.37 -29.66 20.99
C GLN F 146 -32.46 -28.64 21.06
N ILE F 147 -32.95 -28.38 22.25
CA ILE F 147 -33.98 -27.40 22.47
C ILE F 147 -33.48 -26.47 23.53
N HIS F 148 -33.39 -25.22 23.17
CA HIS F 148 -32.77 -24.25 24.01
C HIS F 148 -33.83 -23.46 24.68
N ASP F 149 -33.64 -23.22 25.94
CA ASP F 149 -34.32 -22.17 26.61
C ASP F 149 -33.66 -20.90 26.09
N GLY F 150 -34.48 -19.97 25.67
CA GLY F 150 -34.09 -18.70 25.14
C GLY F 150 -33.40 -17.79 26.11
N LEU F 151 -33.83 -17.87 27.36
CA LEU F 151 -33.19 -17.09 28.35
C LEU F 151 -31.76 -17.54 28.59
N ALA F 152 -31.58 -18.82 28.84
CA ALA F 152 -30.29 -19.37 29.18
C ALA F 152 -29.25 -19.34 28.10
N ARG F 153 -29.64 -19.73 26.91
CA ARG F 153 -28.75 -19.81 25.79
C ARG F 153 -28.15 -18.47 25.39
N GLY F 154 -28.96 -17.42 25.40
CA GLY F 154 -28.58 -16.07 25.08
C GLY F 154 -27.52 -15.48 26.00
N ARG F 155 -27.52 -15.94 27.22
CA ARG F 155 -26.53 -15.59 28.21
C ARG F 155 -25.07 -15.94 27.85
N THR F 156 -24.86 -17.00 27.10
CA THR F 156 -23.52 -17.34 26.70
C THR F 156 -23.16 -16.90 25.31
N THR F 157 -24.13 -16.56 24.51
CA THR F 157 -23.87 -16.28 23.08
C THR F 157 -23.71 -14.86 22.66
N ALA F 158 -23.91 -13.94 23.58
CA ALA F 158 -23.96 -12.52 23.26
C ALA F 158 -22.67 -11.98 22.65
N GLY F 159 -21.55 -12.58 22.99
CA GLY F 159 -20.25 -12.17 22.54
C GLY F 159 -19.70 -12.85 21.31
N GLY F 160 -20.44 -13.81 20.78
CA GLY F 160 -19.99 -14.53 19.62
C GLY F 160 -19.02 -15.63 19.94
N LYS F 161 -18.51 -16.27 18.91
CA LYS F 161 -17.59 -17.41 19.01
C LYS F 161 -16.23 -17.13 19.62
N PHE F 162 -15.69 -15.97 19.34
CA PHE F 162 -14.42 -15.53 19.88
C PHE F 162 -14.34 -15.09 21.32
N HIS F 163 -15.43 -14.70 21.95
CA HIS F 163 -15.34 -14.42 23.36
C HIS F 163 -16.44 -15.15 24.04
N PRO F 164 -16.30 -16.45 24.16
CA PRO F 164 -17.37 -17.19 24.83
C PRO F 164 -17.28 -16.93 26.34
N VAL F 165 -18.42 -16.78 26.99
CA VAL F 165 -18.46 -16.74 28.42
C VAL F 165 -19.39 -17.83 28.88
N PRO F 166 -18.83 -18.90 29.39
CA PRO F 166 -19.58 -20.09 29.80
C PRO F 166 -20.52 -19.85 30.95
N GLY F 167 -20.11 -18.96 31.83
CA GLY F 167 -20.85 -18.65 33.01
C GLY F 167 -21.83 -17.53 32.81
N GLY F 168 -21.95 -17.08 31.57
CA GLY F 168 -22.83 -15.99 31.20
C GLY F 168 -22.58 -14.64 31.82
N MET F 169 -23.67 -13.98 32.18
CA MET F 169 -23.66 -12.70 32.86
C MET F 169 -23.05 -12.79 34.23
N LEU F 170 -23.29 -13.90 34.90
CA LEU F 170 -22.76 -14.09 36.25
C LEU F 170 -21.24 -14.08 36.28
N GLU F 171 -20.62 -14.75 35.33
CA GLU F 171 -19.19 -14.85 35.26
C GLU F 171 -18.56 -13.51 35.06
N THR F 172 -19.13 -12.68 34.20
CA THR F 172 -18.60 -11.35 33.96
C THR F 172 -18.64 -10.47 35.17
N ALA F 173 -19.67 -10.60 35.99
CA ALA F 173 -19.73 -9.89 37.24
C ALA F 173 -18.65 -10.35 38.16
N GLU F 174 -18.42 -11.65 38.23
CA GLU F 174 -17.38 -12.18 39.07
C GLU F 174 -16.04 -11.67 38.62
N ASN F 175 -15.86 -11.55 37.32
CA ASN F 175 -14.62 -11.07 36.78
C ASN F 175 -14.35 -9.67 37.27
N LEU F 176 -15.39 -8.87 37.36
CA LEU F 176 -15.34 -7.53 37.94
C LEU F 176 -15.10 -7.45 39.45
N ARG F 177 -15.64 -8.39 40.22
CA ARG F 177 -15.36 -8.42 41.64
C ARG F 177 -13.88 -8.67 41.93
N ARG F 178 -13.27 -9.57 41.15
CA ARG F 178 -11.88 -9.91 41.23
C ARG F 178 -10.93 -8.79 40.83
N GLU F 179 -11.19 -8.15 39.70
CA GLU F 179 -10.42 -6.98 39.28
C GLU F 179 -10.56 -5.73 40.11
N TYR F 180 -11.73 -5.50 40.68
CA TYR F 180 -11.96 -4.31 41.51
C TYR F 180 -11.96 -4.55 43.03
N HIS F 181 -11.65 -5.77 43.44
CA HIS F 181 -11.54 -6.08 44.86
C HIS F 181 -12.77 -5.67 45.65
N ILE F 182 -13.84 -6.29 45.24
CA ILE F 182 -15.15 -5.88 45.57
C ILE F 182 -15.65 -6.86 46.55
N SER F 183 -15.80 -6.43 47.78
CA SER F 183 -16.19 -7.36 48.83
C SER F 183 -17.64 -7.79 48.79
N ARG F 184 -17.91 -8.99 49.28
CA ARG F 184 -19.27 -9.49 49.40
C ARG F 184 -20.10 -8.66 50.34
N THR F 185 -19.52 -8.12 51.38
CA THR F 185 -20.30 -7.33 52.28
C THR F 185 -20.77 -6.14 51.53
N GLU F 186 -19.90 -5.60 50.68
CA GLU F 186 -20.25 -4.45 49.89
C GLU F 186 -21.38 -4.67 48.90
N GLN F 187 -21.37 -5.83 48.28
CA GLN F 187 -22.43 -6.18 47.38
C GLN F 187 -23.75 -6.31 48.05
N ASP F 188 -23.76 -6.97 49.18
CA ASP F 188 -24.95 -7.16 49.94
C ASP F 188 -25.44 -5.88 50.48
N GLU F 189 -24.54 -4.96 50.72
CA GLU F 189 -24.90 -3.66 51.24
C GLU F 189 -25.75 -2.83 50.30
N LEU F 190 -25.34 -2.82 49.04
CA LEU F 190 -26.04 -2.11 47.99
C LEU F 190 -27.43 -2.63 47.75
N ALA F 191 -27.59 -3.93 47.78
CA ALA F 191 -28.85 -4.56 47.56
C ALA F 191 -29.88 -4.18 48.59
N VAL F 192 -29.45 -4.05 49.82
CA VAL F 192 -30.33 -3.66 50.88
C VAL F 192 -30.84 -2.27 50.61
N ARG F 193 -29.98 -1.41 50.11
CA ARG F 193 -30.34 -0.04 49.85
C ARG F 193 -31.40 -0.06 48.83
N SER F 194 -31.19 -0.92 47.85
CA SER F 194 -32.08 -1.08 46.73
C SER F 194 -33.45 -1.53 47.15
N HIS F 195 -33.56 -2.48 48.03
CA HIS F 195 -34.85 -2.82 48.59
C HIS F 195 -35.49 -1.75 49.45
N GLN F 196 -34.71 -1.09 50.29
CA GLN F 196 -35.25 -0.04 51.10
C GLN F 196 -35.74 1.17 50.31
N ARG F 197 -34.98 1.61 49.31
CA ARG F 197 -35.44 2.72 48.45
C ARG F 197 -36.71 2.44 47.63
N ALA F 198 -36.85 1.21 47.14
CA ALA F 198 -38.03 0.76 46.47
C ALA F 198 -39.27 0.70 47.36
N VAL F 199 -39.10 0.12 48.54
CA VAL F 199 -40.13 0.05 49.55
C VAL F 199 -40.46 1.45 50.00
N ALA F 200 -39.43 2.27 50.11
CA ALA F 200 -39.61 3.66 50.47
C ALA F 200 -40.37 4.42 49.45
N ALA F 201 -40.04 4.27 48.19
CA ALA F 201 -40.79 4.95 47.15
C ALA F 201 -42.24 4.51 47.14
N GLN F 202 -42.50 3.24 47.47
CA GLN F 202 -43.87 2.78 47.62
C GLN F 202 -44.69 3.36 48.77
N SER F 203 -44.17 3.41 49.99
CA SER F 203 -44.93 3.99 51.10
C SER F 203 -45.22 5.48 50.91
N GLU F 204 -44.23 6.17 50.35
CA GLU F 204 -44.26 7.58 49.96
C GLU F 204 -45.27 7.96 48.86
N GLY F 205 -45.60 7.03 47.99
CA GLY F 205 -46.59 7.27 46.95
C GLY F 205 -46.06 7.81 45.65
N VAL F 206 -44.75 7.87 45.54
CA VAL F 206 -44.09 8.28 44.31
C VAL F 206 -44.29 7.29 43.20
N LEU F 207 -44.41 6.03 43.54
CA LEU F 207 -44.57 4.99 42.56
C LEU F 207 -45.83 5.11 41.74
N ALA F 208 -46.91 5.56 42.34
CA ALA F 208 -48.18 5.54 41.67
C ALA F 208 -48.11 6.40 40.44
N GLU F 209 -47.30 7.43 40.49
CA GLU F 209 -47.19 8.38 39.40
C GLU F 209 -46.67 7.70 38.18
N GLU F 210 -45.71 6.81 38.39
CA GLU F 210 -45.14 5.88 37.43
C GLU F 210 -46.08 4.78 36.91
N ILE F 211 -46.96 4.29 37.77
CA ILE F 211 -47.55 2.98 37.62
C ILE F 211 -48.85 2.93 36.89
N ILE F 212 -48.89 2.08 35.88
CA ILE F 212 -50.12 1.75 35.20
C ILE F 212 -50.59 0.41 35.72
N PRO F 213 -51.73 0.39 36.37
CA PRO F 213 -52.22 -0.83 36.98
C PRO F 213 -52.58 -1.92 35.99
N VAL F 214 -52.35 -3.17 36.34
CA VAL F 214 -52.66 -4.32 35.51
C VAL F 214 -53.73 -5.23 36.12
N PRO F 215 -54.77 -5.54 35.38
CA PRO F 215 -55.82 -6.41 35.89
C PRO F 215 -55.51 -7.84 35.54
N VAL F 216 -55.50 -8.74 36.51
CA VAL F 216 -55.22 -10.12 36.20
C VAL F 216 -56.20 -11.00 36.91
N GLU F 222 -61.09 -12.06 39.74
CA GLU F 222 -60.45 -11.06 38.90
C GLU F 222 -59.90 -9.89 39.73
N GLU F 223 -58.67 -9.48 39.47
CA GLU F 223 -58.00 -8.53 40.34
C GLU F 223 -57.01 -7.56 39.67
N THR F 224 -56.65 -6.50 40.37
CA THR F 224 -55.79 -5.45 39.81
C THR F 224 -54.51 -5.21 40.61
N ILE F 225 -53.38 -5.23 39.93
CA ILE F 225 -52.10 -5.11 40.59
C ILE F 225 -51.46 -3.76 40.39
N SER F 226 -51.10 -3.11 41.47
CA SER F 226 -50.44 -1.83 41.39
C SER F 226 -49.04 -1.86 41.93
N VAL F 227 -48.60 -3.01 42.45
CA VAL F 227 -47.35 -3.13 43.18
C VAL F 227 -46.34 -4.10 42.57
N ASP F 228 -45.08 -3.75 42.60
CA ASP F 228 -44.01 -4.64 42.19
C ASP F 228 -43.84 -5.87 43.08
N GLU F 229 -43.64 -7.03 42.49
CA GLU F 229 -43.55 -8.25 43.26
C GLU F 229 -42.35 -8.45 44.17
N HIS F 230 -41.15 -8.28 43.64
CA HIS F 230 -39.91 -8.68 44.29
C HIS F 230 -39.41 -7.98 45.55
N PRO F 231 -39.44 -6.67 45.59
CA PRO F 231 -38.79 -5.98 46.69
C PRO F 231 -39.41 -6.37 48.00
N ARG F 232 -38.55 -6.54 48.98
CA ARG F 232 -38.92 -6.94 50.32
C ARG F 232 -38.53 -5.89 51.34
N ALA F 233 -39.44 -5.61 52.26
CA ALA F 233 -39.24 -4.65 53.34
C ALA F 233 -38.15 -5.02 54.31
N ASP F 234 -38.01 -6.29 54.63
CA ASP F 234 -37.23 -6.73 55.75
C ASP F 234 -35.89 -7.20 55.34
N THR F 235 -35.49 -6.87 54.13
CA THR F 235 -34.20 -7.28 53.65
C THR F 235 -33.05 -6.67 54.43
N THR F 236 -32.15 -7.53 54.88
CA THR F 236 -31.07 -7.11 55.74
C THR F 236 -29.83 -7.82 55.30
N VAL F 237 -28.68 -7.22 55.54
CA VAL F 237 -27.42 -7.79 55.08
C VAL F 237 -27.12 -9.11 55.74
N GLU F 238 -27.62 -9.30 56.96
CA GLU F 238 -27.38 -10.52 57.70
C GLU F 238 -28.01 -11.70 57.01
N ALA F 239 -29.24 -11.48 56.59
CA ALA F 239 -30.00 -12.41 55.80
C ALA F 239 -29.36 -12.63 54.44
N LEU F 240 -28.75 -11.60 53.89
CA LEU F 240 -28.10 -11.67 52.59
C LEU F 240 -26.92 -12.59 52.52
N ALA F 241 -26.20 -12.71 53.62
CA ALA F 241 -24.91 -13.38 53.67
C ALA F 241 -25.03 -14.88 53.77
N LYS F 242 -26.24 -15.35 53.98
CA LYS F 242 -26.48 -16.73 54.20
C LYS F 242 -26.83 -17.40 52.88
N LEU F 243 -26.52 -16.75 51.79
CA LEU F 243 -26.82 -17.28 50.47
C LEU F 243 -25.61 -17.76 49.75
N LYS F 244 -25.77 -18.85 49.04
CA LYS F 244 -24.65 -19.40 48.36
C LYS F 244 -24.35 -18.69 47.09
N PRO F 245 -23.12 -18.32 46.87
CA PRO F 245 -22.75 -17.85 45.56
C PRO F 245 -22.96 -18.95 44.55
N VAL F 246 -23.54 -18.53 43.45
CA VAL F 246 -23.95 -19.38 42.38
C VAL F 246 -22.76 -20.07 41.83
N LEU F 247 -21.64 -19.40 41.93
CA LEU F 247 -20.43 -19.86 41.27
C LEU F 247 -19.37 -20.46 42.21
N LEU F 248 -19.74 -20.70 43.46
CA LEU F 248 -18.80 -21.01 44.51
C LEU F 248 -18.03 -22.26 44.19
N LYS F 249 -18.69 -23.28 43.68
CA LYS F 249 -18.02 -24.53 43.49
C LYS F 249 -16.82 -24.41 42.58
N GLN F 250 -16.91 -23.65 41.50
CA GLN F 250 -15.76 -23.47 40.61
C GLN F 250 -14.93 -22.27 40.94
N ASP F 251 -15.40 -21.48 41.87
CA ASP F 251 -14.58 -20.47 42.47
C ASP F 251 -14.85 -20.34 43.94
N PRO F 252 -13.83 -20.52 44.77
CA PRO F 252 -13.97 -20.38 46.22
C PRO F 252 -14.37 -18.97 46.63
N GLU F 253 -13.93 -18.00 45.85
CA GLU F 253 -14.01 -16.61 46.23
C GLU F 253 -15.21 -15.94 45.63
N ALA F 254 -16.13 -16.75 45.15
CA ALA F 254 -17.32 -16.22 44.59
C ALA F 254 -18.07 -15.36 45.58
N THR F 255 -18.80 -14.40 45.05
CA THR F 255 -19.53 -13.45 45.85
C THR F 255 -20.94 -13.32 45.35
N THR F 257 -24.65 -13.56 44.33
CA THR F 257 -25.75 -14.45 44.59
C THR F 257 -27.02 -13.96 43.96
N ALA F 258 -28.11 -14.68 44.22
CA ALA F 258 -29.44 -14.30 43.82
C ALA F 258 -29.97 -13.06 44.49
N GLY F 259 -29.60 -12.85 45.75
CA GLY F 259 -30.02 -11.69 46.48
C GLY F 259 -29.34 -10.38 46.18
N ASN F 260 -28.15 -10.41 45.65
CA ASN F 260 -27.46 -9.19 45.23
C ASN F 260 -27.28 -9.03 43.73
N SER F 261 -28.11 -9.72 42.96
CA SER F 261 -28.16 -9.49 41.54
C SER F 261 -29.55 -9.73 41.11
N GLY F 263 -32.58 -10.45 38.70
CA GLY F 263 -33.63 -11.39 38.41
C GLY F 263 -34.10 -11.48 36.98
N GLN F 264 -35.14 -12.27 36.76
CA GLN F 264 -35.84 -12.35 35.49
C GLN F 264 -37.28 -11.96 35.71
N ASN F 265 -37.82 -11.12 34.86
CA ASN F 265 -39.01 -10.33 35.18
C ASN F 265 -39.95 -9.99 34.05
N ASP F 266 -41.18 -9.62 34.38
CA ASP F 266 -42.19 -9.28 33.38
C ASP F 266 -42.73 -7.86 33.52
N ALA F 267 -42.59 -7.06 32.49
CA ALA F 267 -43.11 -5.72 32.52
C ALA F 267 -43.17 -5.05 31.18
N ALA F 268 -43.81 -3.90 31.15
CA ALA F 268 -43.66 -2.98 30.05
C ALA F 268 -43.57 -1.52 30.47
N SER F 269 -42.87 -0.76 29.64
CA SER F 269 -42.67 0.69 29.73
C SER F 269 -42.95 1.45 28.45
N MET F 270 -43.68 2.53 28.58
CA MET F 270 -44.06 3.41 27.51
C MET F 270 -43.84 4.88 27.86
N CYS F 271 -43.42 5.65 26.88
CA CYS F 271 -43.42 7.08 27.04
C CYS F 271 -43.81 7.77 25.73
N ILE F 272 -44.03 9.08 25.80
CA ILE F 272 -44.20 9.94 24.65
C ILE F 272 -42.94 10.71 24.33
N VAL F 273 -42.51 10.66 23.08
CA VAL F 273 -41.41 11.45 22.56
C VAL F 273 -41.90 12.47 21.52
N THR F 274 -41.71 13.73 21.78
CA THR F 274 -42.38 14.77 21.07
C THR F 274 -41.60 16.05 21.14
N THR F 275 -42.16 17.10 20.57
CA THR F 275 -41.59 18.41 20.59
C THR F 275 -42.31 19.29 21.59
N PRO F 276 -41.62 20.27 22.12
CA PRO F 276 -42.19 21.13 23.15
C PRO F 276 -43.39 21.88 22.59
N GLU F 277 -43.29 22.24 21.32
CA GLU F 277 -44.35 22.86 20.56
C GLU F 277 -45.55 21.96 20.40
N LYS F 278 -45.31 20.73 20.02
CA LYS F 278 -46.35 19.73 19.96
C LYS F 278 -46.96 19.35 21.31
N ALA F 279 -46.13 19.25 22.32
CA ALA F 279 -46.64 18.90 23.61
C ALA F 279 -47.60 19.97 24.07
N ALA F 280 -47.19 21.21 23.89
CA ALA F 280 -47.89 22.39 24.32
C ALA F 280 -49.22 22.45 23.63
N GLU F 281 -49.22 21.96 22.43
CA GLU F 281 -50.41 21.82 21.62
C GLU F 281 -51.47 20.85 22.12
N LEU F 282 -51.02 19.73 22.65
CA LEU F 282 -51.92 18.70 23.07
C LEU F 282 -52.13 18.68 24.55
N GLY F 283 -51.64 19.71 25.22
CA GLY F 283 -51.78 19.87 26.65
C GLY F 283 -50.87 19.05 27.51
N LEU F 284 -49.79 18.57 26.93
CA LEU F 284 -48.88 17.68 27.62
C LEU F 284 -47.90 18.39 28.52
N LYS F 285 -47.34 17.69 29.49
CA LYS F 285 -46.35 18.25 30.36
C LYS F 285 -45.03 17.52 30.19
N PRO F 286 -44.15 17.99 29.33
CA PRO F 286 -42.83 17.38 29.20
C PRO F 286 -41.99 17.46 30.45
N LEU F 287 -41.45 16.33 30.87
CA LEU F 287 -40.59 16.31 32.02
C LEU F 287 -39.13 16.58 31.75
N VAL F 288 -38.55 15.99 30.73
CA VAL F 288 -37.14 16.15 30.47
C VAL F 288 -36.91 16.20 29.00
N ARG F 289 -35.71 16.64 28.64
CA ARG F 289 -35.30 16.73 27.27
C ARG F 289 -33.98 16.04 27.15
N LEU F 290 -33.74 15.48 25.99
CA LEU F 290 -32.54 14.71 25.76
C LEU F 290 -31.43 15.61 25.33
N VAL F 291 -30.47 15.80 26.22
CA VAL F 291 -29.23 16.45 25.94
C VAL F 291 -28.28 15.70 25.05
N SER F 292 -27.98 14.47 25.42
CA SER F 292 -26.99 13.72 24.71
C SER F 292 -27.03 12.26 25.03
N TRP F 293 -26.46 11.47 24.14
CA TRP F 293 -26.27 10.04 24.35
C TRP F 293 -24.89 9.55 23.90
N GLY F 294 -24.48 8.44 24.47
CA GLY F 294 -23.30 7.74 24.04
C GLY F 294 -23.40 6.23 24.08
N SER F 295 -22.68 5.58 23.21
CA SER F 295 -22.64 4.17 23.16
C SER F 295 -21.17 3.68 23.16
N ALA F 296 -20.91 2.48 23.68
CA ALA F 296 -19.57 1.94 23.73
C ALA F 296 -19.49 0.46 23.52
N GLY F 297 -18.33 -0.02 23.18
CA GLY F 297 -18.09 -1.43 23.17
C GLY F 297 -17.03 -1.72 24.19
N VAL F 298 -17.14 -2.86 24.84
CA VAL F 298 -16.16 -3.37 25.76
C VAL F 298 -15.97 -4.87 25.57
N ALA F 299 -15.02 -5.45 26.27
CA ALA F 299 -14.89 -6.89 26.23
C ALA F 299 -16.12 -7.58 26.78
N PRO F 300 -16.54 -8.67 26.16
CA PRO F 300 -17.75 -9.32 26.59
C PRO F 300 -17.62 -9.82 28.00
N ASP F 301 -16.47 -10.39 28.34
CA ASP F 301 -16.17 -10.85 29.71
C ASP F 301 -16.15 -9.77 30.77
N LEU F 302 -16.00 -8.54 30.34
CA LEU F 302 -16.03 -7.38 31.18
C LEU F 302 -17.17 -6.45 30.80
N MET F 303 -18.33 -7.01 30.47
CA MET F 303 -19.50 -6.23 30.03
C MET F 303 -20.06 -5.23 31.05
N GLY F 304 -19.91 -5.52 32.33
CA GLY F 304 -20.47 -4.75 33.41
C GLY F 304 -19.94 -3.35 33.44
N ILE F 305 -18.79 -3.15 32.82
CA ILE F 305 -18.09 -1.90 32.75
C ILE F 305 -18.51 -0.96 31.62
N GLY F 306 -19.50 -1.32 30.82
CA GLY F 306 -19.89 -0.57 29.65
C GLY F 306 -20.32 0.87 29.93
N PRO F 307 -20.87 1.13 31.10
CA PRO F 307 -21.32 2.46 31.45
C PRO F 307 -20.23 3.50 31.52
N VAL F 308 -19.04 3.11 31.87
CA VAL F 308 -18.00 4.07 31.99
C VAL F 308 -17.62 4.70 30.66
N PRO F 309 -17.28 3.92 29.66
CA PRO F 309 -16.98 4.51 28.34
C PRO F 309 -18.14 5.20 27.64
N ALA F 310 -19.33 4.63 27.74
CA ALA F 310 -20.57 5.21 27.23
C ALA F 310 -21.01 6.48 27.90
N THR F 311 -20.93 6.54 29.21
CA THR F 311 -21.28 7.73 29.94
C THR F 311 -20.31 8.81 29.55
N GLU F 312 -19.08 8.40 29.38
CA GLU F 312 -18.01 9.30 29.04
C GLU F 312 -18.15 9.95 27.69
N VAL F 313 -18.62 9.20 26.69
CA VAL F 313 -18.97 9.75 25.40
C VAL F 313 -20.17 10.65 25.53
N ALA F 314 -21.14 10.24 26.33
CA ALA F 314 -22.29 11.07 26.56
C ALA F 314 -21.96 12.38 27.25
N LEU F 315 -21.16 12.37 28.29
CA LEU F 315 -20.75 13.62 28.92
C LEU F 315 -19.97 14.57 28.02
N ALA F 316 -19.07 14.03 27.21
CA ALA F 316 -18.30 14.83 26.28
C ALA F 316 -19.13 15.55 25.26
N LYS F 317 -20.06 14.87 24.63
CA LYS F 317 -20.93 15.47 23.63
C LYS F 317 -21.82 16.61 24.18
N ALA F 318 -22.29 16.44 25.41
CA ALA F 318 -22.91 17.50 26.17
C ALA F 318 -21.91 18.59 26.62
N GLY F 319 -20.62 18.34 26.53
CA GLY F 319 -19.67 19.23 27.15
C GLY F 319 -19.83 19.33 28.65
N LEU F 320 -19.96 18.19 29.29
CA LEU F 320 -20.36 18.09 30.65
C LEU F 320 -19.42 17.17 31.38
N THR F 321 -19.54 17.17 32.70
CA THR F 321 -18.71 16.38 33.59
C THR F 321 -19.67 15.68 34.51
N LEU F 322 -19.18 14.65 35.17
CA LEU F 322 -19.92 13.88 36.14
C LEU F 322 -20.38 14.67 37.36
N ALA F 323 -19.58 15.62 37.80
CA ALA F 323 -19.97 16.46 38.90
C ALA F 323 -21.18 17.26 38.49
N ASP F 324 -21.32 17.42 37.19
CA ASP F 324 -22.36 18.21 36.60
C ASP F 324 -23.78 17.62 36.76
N ILE F 325 -23.84 16.34 37.07
CA ILE F 325 -25.09 15.58 37.01
C ILE F 325 -25.70 15.41 38.38
N ASP F 326 -26.85 15.98 38.59
CA ASP F 326 -27.58 15.89 39.83
C ASP F 326 -28.10 14.53 40.19
N LEU F 327 -28.45 13.73 39.20
CA LEU F 327 -29.13 12.45 39.37
C LEU F 327 -28.70 11.33 38.44
N ILE F 328 -28.48 10.14 38.97
CA ILE F 328 -28.06 9.04 38.14
C ILE F 328 -28.97 7.83 38.29
N GLU F 329 -29.32 7.22 37.17
CA GLU F 329 -29.85 5.88 37.07
C GLU F 329 -28.86 4.98 36.38
N LEU F 330 -28.32 4.02 37.10
CA LEU F 330 -27.43 3.06 36.53
C LEU F 330 -27.98 1.70 36.84
N ASN F 331 -28.06 0.81 35.87
CA ASN F 331 -28.66 -0.47 36.12
C ASN F 331 -27.93 -1.33 37.14
N GLU F 332 -28.64 -1.86 38.12
CA GLU F 332 -28.07 -2.82 39.04
C GLU F 332 -28.27 -4.26 38.57
N ALA F 333 -27.57 -4.63 37.51
CA ALA F 333 -27.60 -5.99 37.04
C ALA F 333 -26.97 -7.01 37.98
N PHE F 334 -25.80 -6.71 38.50
CA PHE F 334 -25.24 -7.42 39.63
C PHE F 334 -24.60 -6.35 40.48
N ALA F 335 -24.60 -6.49 41.79
CA ALA F 335 -24.12 -5.43 42.65
C ALA F 335 -22.67 -5.14 42.36
N ALA F 336 -21.94 -6.19 42.07
CA ALA F 336 -20.53 -6.08 41.74
C ALA F 336 -20.28 -5.30 40.50
N GLN F 337 -21.09 -5.49 39.48
CA GLN F 337 -21.00 -4.74 38.25
C GLN F 337 -21.28 -3.27 38.46
N ALA F 338 -22.28 -2.96 39.26
CA ALA F 338 -22.61 -1.62 39.60
C ALA F 338 -21.57 -0.91 40.41
N LEU F 339 -21.04 -1.58 41.41
CA LEU F 339 -19.98 -1.06 42.25
C LEU F 339 -18.70 -0.82 41.49
N ALA F 340 -18.38 -1.70 40.56
CA ALA F 340 -17.21 -1.55 39.72
C ALA F 340 -17.28 -0.31 38.85
N VAL F 341 -18.45 0.04 38.37
CA VAL F 341 -18.64 1.28 37.65
C VAL F 341 -18.43 2.49 38.56
N MET F 342 -19.01 2.43 39.75
CA MET F 342 -18.87 3.44 40.77
C MET F 342 -17.44 3.63 41.27
N ARG F 343 -16.62 2.59 41.27
CA ARG F 343 -15.21 2.75 41.50
C ARG F 343 -14.53 3.57 40.44
N GLU F 344 -14.85 3.29 39.21
CA GLU F 344 -14.28 4.04 38.09
C GLU F 344 -14.66 5.50 38.15
N TRP F 345 -15.84 5.77 38.63
CA TRP F 345 -16.41 7.08 38.67
C TRP F 345 -15.97 7.80 39.94
N LYS F 346 -15.23 7.08 40.77
CA LYS F 346 -14.70 7.60 42.03
C LYS F 346 -15.75 8.07 43.02
N PHE F 347 -16.83 7.33 43.13
CA PHE F 347 -17.93 7.70 44.00
C PHE F 347 -17.60 7.80 45.50
N GLY F 348 -18.35 8.62 46.20
CA GLY F 348 -18.35 8.65 47.64
C GLY F 348 -19.78 8.76 48.10
N ALA F 350 -21.98 9.81 49.49
CA ALA F 350 -22.88 10.93 49.20
C ALA F 350 -23.30 10.96 47.75
N ASP F 351 -22.44 10.43 46.91
CA ASP F 351 -22.74 10.15 45.52
C ASP F 351 -23.86 9.11 45.49
N HIS F 352 -23.90 8.25 46.48
CA HIS F 352 -24.93 7.29 46.60
C HIS F 352 -26.34 7.79 46.97
N GLU F 353 -26.46 9.02 47.45
CA GLU F 353 -27.79 9.55 47.71
C GLU F 353 -28.31 10.28 46.50
N ARG F 354 -27.55 10.30 45.43
CA ARG F 354 -28.07 10.75 44.15
C ARG F 354 -28.21 9.68 43.07
N THR F 355 -27.94 8.45 43.41
CA THR F 355 -27.98 7.36 42.45
C THR F 355 -28.96 6.31 42.84
N ASN F 356 -29.81 5.90 41.92
CA ASN F 356 -30.76 4.81 42.07
C ASN F 356 -31.63 4.97 43.28
N VAL F 357 -32.12 6.17 43.43
CA VAL F 357 -32.78 6.61 44.62
C VAL F 357 -34.08 5.98 44.92
N ARG F 358 -34.77 5.51 43.90
CA ARG F 358 -36.03 4.83 44.07
C ARG F 358 -35.84 3.35 43.93
N GLY F 359 -34.59 2.91 43.95
CA GLY F 359 -34.24 1.53 43.74
C GLY F 359 -33.57 1.19 42.42
N SER F 360 -33.51 -0.08 42.12
CA SER F 360 -32.99 -0.50 40.84
C SER F 360 -33.30 -1.94 40.55
N GLY F 361 -32.49 -2.53 39.69
CA GLY F 361 -32.72 -3.87 39.24
C GLY F 361 -32.70 -4.96 40.26
N ILE F 362 -31.85 -4.85 41.26
CA ILE F 362 -31.73 -5.88 42.27
C ILE F 362 -33.04 -6.07 43.07
N SER F 363 -33.59 -5.00 43.59
CA SER F 363 -34.89 -5.03 44.18
C SER F 363 -36.07 -5.14 43.22
N LEU F 364 -36.08 -4.26 42.23
CA LEU F 364 -37.17 -4.14 41.29
C LEU F 364 -37.39 -5.29 40.33
N GLY F 365 -36.33 -5.89 39.84
CA GLY F 365 -36.42 -6.90 38.83
C GLY F 365 -35.88 -6.31 37.57
N HIS F 366 -35.45 -7.13 36.64
CA HIS F 366 -34.84 -6.62 35.42
C HIS F 366 -35.52 -7.19 34.20
N PRO F 367 -36.63 -6.60 33.79
CA PRO F 367 -37.30 -7.07 32.58
C PRO F 367 -36.69 -6.40 31.36
N VAL F 368 -35.86 -7.14 30.67
CA VAL F 368 -34.73 -6.63 29.96
C VAL F 368 -35.09 -5.53 28.95
N GLY F 369 -36.04 -5.76 28.10
CA GLY F 369 -36.54 -4.73 27.21
C GLY F 369 -37.23 -3.51 27.80
N ALA F 370 -37.85 -3.65 28.95
CA ALA F 370 -38.58 -2.58 29.59
C ALA F 370 -37.78 -1.79 30.61
N THR F 371 -36.57 -2.23 30.84
CA THR F 371 -35.68 -1.69 31.85
C THR F 371 -35.22 -0.27 31.60
N GLY F 372 -34.85 0.03 30.38
CA GLY F 372 -34.53 1.36 29.96
C GLY F 372 -35.68 2.34 30.10
N GLY F 373 -36.88 1.87 29.87
CA GLY F 373 -38.06 2.60 30.21
C GLY F 373 -38.38 2.85 31.65
N ARG F 374 -38.12 1.89 32.50
CA ARG F 374 -38.34 2.03 33.90
C ARG F 374 -37.40 3.04 34.47
N MET F 375 -36.18 2.96 34.00
CA MET F 375 -35.11 3.78 34.44
C MET F 375 -35.39 5.21 34.10
N LEU F 376 -35.92 5.43 32.93
CA LEU F 376 -36.34 6.73 32.51
C LEU F 376 -37.51 7.32 33.30
N ALA F 377 -38.44 6.50 33.75
CA ALA F 377 -39.58 6.95 34.51
C ALA F 377 -39.22 7.58 35.83
N THR F 378 -38.33 6.93 36.54
CA THR F 378 -37.80 7.44 37.76
C THR F 378 -36.99 8.69 37.60
N LEU F 379 -36.05 8.64 36.69
CA LEU F 379 -35.10 9.68 36.55
C LEU F 379 -35.84 10.94 36.22
N ALA F 380 -36.72 10.90 35.26
CA ALA F 380 -37.43 12.08 34.88
C ALA F 380 -38.36 12.61 35.93
N ARG F 381 -39.12 11.73 36.54
CA ARG F 381 -40.04 12.11 37.57
C ARG F 381 -39.34 12.60 38.81
N GLU F 382 -38.26 11.96 39.18
CA GLU F 382 -37.42 12.39 40.28
C GLU F 382 -36.70 13.73 40.01
N LEU F 383 -36.33 13.97 38.77
CA LEU F 383 -35.67 15.20 38.42
C LEU F 383 -36.59 16.36 38.65
N HIS F 384 -37.83 16.19 38.24
CA HIS F 384 -38.90 17.12 38.39
C HIS F 384 -39.27 17.37 39.84
N ARG F 385 -39.32 16.31 40.62
CA ARG F 385 -39.59 16.45 42.02
C ARG F 385 -38.49 17.19 42.78
N ARG F 386 -37.24 16.79 42.60
CA ARG F 386 -36.10 17.44 43.24
C ARG F 386 -35.80 18.78 42.60
N GLU F 387 -36.33 19.00 41.42
CA GLU F 387 -36.00 20.17 40.68
C GLU F 387 -34.52 20.24 40.41
N ALA F 388 -33.89 19.10 40.19
CA ALA F 388 -32.53 19.02 39.74
C ALA F 388 -32.47 19.18 38.24
N ARG F 389 -31.30 19.44 37.72
CA ARG F 389 -31.21 19.80 36.36
C ARG F 389 -30.91 18.71 35.39
N TYR F 390 -29.83 17.99 35.60
CA TYR F 390 -29.33 17.01 34.67
C TYR F 390 -29.48 15.61 35.22
N GLY F 391 -29.74 14.64 34.36
CA GLY F 391 -29.85 13.26 34.76
C GLY F 391 -29.10 12.37 33.82
N LEU F 392 -28.55 11.30 34.31
CA LEU F 392 -27.84 10.38 33.46
C LEU F 392 -28.56 9.06 33.49
N GLU F 393 -28.88 8.48 32.34
CA GLU F 393 -29.36 7.13 32.30
C GLU F 393 -28.31 6.32 31.62
N THR F 394 -27.82 5.28 32.27
CA THR F 394 -26.78 4.48 31.69
C THR F 394 -26.83 3.00 32.04
N MET F 395 -26.38 2.14 31.16
CA MET F 395 -26.34 0.72 31.46
C MET F 395 -25.25 -0.16 30.83
N CYS F 396 -24.96 -1.24 31.51
CA CYS F 396 -24.24 -2.32 30.93
C CYS F 396 -25.15 -3.15 30.01
N ILE F 397 -24.55 -3.80 29.05
CA ILE F 397 -25.24 -4.62 28.11
C ILE F 397 -24.48 -5.91 28.02
N GLY F 398 -25.16 -7.05 28.12
CA GLY F 398 -24.54 -8.29 27.87
C GLY F 398 -24.11 -8.38 26.44
N GLY F 399 -22.96 -8.99 26.22
CA GLY F 399 -22.20 -8.93 25.00
C GLY F 399 -21.07 -7.91 24.86
N GLY F 400 -20.87 -7.03 25.83
CA GLY F 400 -19.86 -6.00 25.73
C GLY F 400 -20.22 -4.63 25.25
N GLN F 401 -21.30 -4.09 25.76
CA GLN F 401 -21.79 -2.79 25.34
C GLN F 401 -22.18 -1.94 26.52
N GLY F 402 -22.13 -0.64 26.29
CA GLY F 402 -22.65 0.36 27.17
C GLY F 402 -23.46 1.38 26.41
N LEU F 403 -24.49 1.92 27.03
CA LEU F 403 -25.28 2.97 26.45
C LEU F 403 -25.58 3.98 27.52
N ALA F 404 -25.40 5.24 27.23
CA ALA F 404 -25.64 6.30 28.16
C ALA F 404 -26.43 7.43 27.53
N ALA F 405 -27.31 8.06 28.27
CA ALA F 405 -27.96 9.27 27.81
C ALA F 405 -28.01 10.31 28.90
N VAL F 406 -27.93 11.58 28.54
CA VAL F 406 -28.07 12.64 29.55
C VAL F 406 -29.34 13.40 29.33
N PHE F 407 -30.06 13.69 30.40
CA PHE F 407 -31.34 14.36 30.34
C PHE F 407 -31.38 15.68 31.11
N GLU F 408 -32.18 16.63 30.62
CA GLU F 408 -32.41 17.87 31.33
C GLU F 408 -33.88 18.09 31.69
N ARG F 409 -34.15 18.48 32.92
CA ARG F 409 -35.47 18.87 33.33
C ARG F 409 -35.95 20.04 32.51
N VAL F 410 -37.22 20.02 32.17
CA VAL F 410 -37.82 21.10 31.40
C VAL F 410 -38.44 22.17 32.29
#